data_7Z8A
# 
_entry.id   7Z8A 
# 
_audit_conform.dict_name       mmcif_pdbx.dic 
_audit_conform.dict_version    5.397 
_audit_conform.dict_location   http://mmcif.pdb.org/dictionaries/ascii/mmcif_pdbx.dic 
# 
loop_
_database_2.database_id 
_database_2.database_code 
_database_2.pdbx_database_accession 
_database_2.pdbx_DOI 
PDB   7Z8A         pdb_00007z8a 10.2210/pdb7z8a/pdb 
WWPDB D_1292121689 ?            ?                   
# 
loop_
_pdbx_audit_revision_history.ordinal 
_pdbx_audit_revision_history.data_content_type 
_pdbx_audit_revision_history.major_revision 
_pdbx_audit_revision_history.minor_revision 
_pdbx_audit_revision_history.revision_date 
1 'Structure model' 1 0 2023-02-01 
2 'Structure model' 1 1 2023-04-12 
3 'Structure model' 1 2 2024-02-07 
4 'Structure model' 1 3 2024-10-16 
# 
_pdbx_audit_revision_details.ordinal             1 
_pdbx_audit_revision_details.revision_ordinal    1 
_pdbx_audit_revision_details.data_content_type   'Structure model' 
_pdbx_audit_revision_details.provider            repository 
_pdbx_audit_revision_details.type                'Initial release' 
_pdbx_audit_revision_details.description         ? 
_pdbx_audit_revision_details.details             ? 
# 
loop_
_pdbx_audit_revision_group.ordinal 
_pdbx_audit_revision_group.revision_ordinal 
_pdbx_audit_revision_group.data_content_type 
_pdbx_audit_revision_group.group 
1 2 'Structure model' 'Database references'    
2 3 'Structure model' 'Data collection'        
3 3 'Structure model' 'Refinement description' 
4 4 'Structure model' 'Structure summary'      
# 
loop_
_pdbx_audit_revision_category.ordinal 
_pdbx_audit_revision_category.revision_ordinal 
_pdbx_audit_revision_category.data_content_type 
_pdbx_audit_revision_category.category 
1 2 'Structure model' citation                      
2 3 'Structure model' chem_comp_atom                
3 3 'Structure model' chem_comp_bond                
4 3 'Structure model' pdbx_initial_refinement_model 
5 4 'Structure model' pdbx_entry_details            
6 4 'Structure model' pdbx_modification_feature     
# 
loop_
_pdbx_audit_revision_item.ordinal 
_pdbx_audit_revision_item.revision_ordinal 
_pdbx_audit_revision_item.data_content_type 
_pdbx_audit_revision_item.item 
1 2 'Structure model' '_citation.journal_volume'                     
2 2 'Structure model' '_citation.year'                               
3 4 'Structure model' '_pdbx_entry_details.has_protein_modification' 
# 
_pdbx_database_status.status_code                     REL 
_pdbx_database_status.status_code_sf                  REL 
_pdbx_database_status.status_code_mr                  ? 
_pdbx_database_status.entry_id                        7Z8A 
_pdbx_database_status.recvd_initial_deposition_date   2022-03-16 
_pdbx_database_status.SG_entry                        N 
_pdbx_database_status.deposit_site                    PDBE 
_pdbx_database_status.process_site                    PDBE 
_pdbx_database_status.status_code_cs                  ? 
_pdbx_database_status.status_code_nmr_data            ? 
_pdbx_database_status.methods_development_category    ? 
_pdbx_database_status.pdb_format_compatible           N 
# 
_pdbx_contact_author.id                 2 
_pdbx_contact_author.email              Fuentespriorpablo@gmail.com 
_pdbx_contact_author.name_first         Pablo 
_pdbx_contact_author.name_last          Fuentes-Prior 
_pdbx_contact_author.name_mi            ? 
_pdbx_contact_author.role               'principal investigator/group leader' 
_pdbx_contact_author.identifier_ORCID   0000-0002-6618-3204 
# 
loop_
_audit_author.name 
_audit_author.pdbx_ordinal 
_audit_author.identifier_ORCID 
'Nadal, M.'         1 0000-0002-5033-9761 
'Fuentes-Prior, P.' 2 0000-0002-6618-3204 
# 
_citation.abstract                  ? 
_citation.abstract_id_CAS           ? 
_citation.book_id_ISBN              ? 
_citation.book_publisher            ? 
_citation.book_publisher_city       ? 
_citation.book_title                ? 
_citation.coordinate_linkage        ? 
_citation.country                   US 
_citation.database_id_Medline       ? 
_citation.details                   ? 
_citation.id                        primary 
_citation.journal_abbrev            'Protein Sci.' 
_citation.journal_id_ASTM           PRCIEI 
_citation.journal_id_CSD            0795 
_citation.journal_id_ISSN           1469-896X 
_citation.journal_full              ? 
_citation.journal_issue             ? 
_citation.journal_volume            32 
_citation.language                  ? 
_citation.page_first                e4553 
_citation.page_last                 e4553 
_citation.title                     
'Structure and function analysis of Sam68 and hnRNP A1 synergy in the exclusion of exon 7 from SMN2 transcripts.' 
_citation.year                      2023 
_citation.database_id_CSD           ? 
_citation.pdbx_database_id_DOI      10.1002/pro.4553 
_citation.pdbx_database_id_PubMed   36560896 
_citation.pdbx_database_id_patent   ? 
_citation.unpublished_flag          ? 
# 
loop_
_citation_author.citation_id 
_citation_author.name 
_citation_author.ordinal 
_citation_author.identifier_ORCID 
primary 'Nadal, M.'             1 ?                   
primary 'Anton, R.'             2 ?                   
primary 'Dorca-Arevalo, J.'     3 ?                   
primary 'Estebanez-Perpina, E.' 4 0000-0003-2687-5801 
primary 'Tizzano, E.F.'         5 ?                   
primary 'Fuentes-Prior, P.'     6 0000-0002-6618-3204 
# 
loop_
_entity.id 
_entity.type 
_entity.src_method 
_entity.pdbx_description 
_entity.formula_weight 
_entity.pdbx_number_of_molecules 
_entity.pdbx_ec 
_entity.pdbx_mutation 
_entity.pdbx_fragment 
_entity.details 
1 polymer     man 'KHDR1 protein'   13115.519 1  ? ? ? ? 
2 non-polymer syn 'NITRATE ION'     62.005    8  ? ? ? ? 
3 non-polymer syn 'LITHIUM ION'     6.941     1  ? ? ? ? 
4 non-polymer syn 1,2-ETHANEDIOL    62.068    5  ? ? ? ? 
5 non-polymer syn S-1,2-PROPANEDIOL 76.094    3  ? ? ? ? 
6 water       nat water             18.015    48 ? ? ? ? 
# 
_entity_poly.entity_id                      1 
_entity_poly.type                           'polypeptide(L)' 
_entity_poly.nstd_linkage                   no 
_entity_poly.nstd_monomer                   no 
_entity_poly.pdbx_seq_one_letter_code       
;YLDLFSHKNMKLKERVLIPVKQYPKFNFVGKILGPQGNTIKRLQEETGAKISVLGKGSMRDKAKEEELRKGGDPKYAHLN
MDLHVFIEVFGPPCEAYALMAHAMCEVKKFLVPDM
;
_entity_poly.pdbx_seq_one_letter_code_can   
;YLDLFSHKNMKLKERVLIPVKQYPKFNFVGKILGPQGNTIKRLQEETGAKISVLGKGSMRDKAKEEELRKGGDPKYAHLN
MDLHVFIEVFGPPCEAYALMAHAMCEVKKFLVPDM
;
_entity_poly.pdbx_strand_id                 AAA 
_entity_poly.pdbx_target_identifier         ? 
# 
loop_
_pdbx_entity_nonpoly.entity_id 
_pdbx_entity_nonpoly.name 
_pdbx_entity_nonpoly.comp_id 
2 'NITRATE ION'     NO3 
3 'LITHIUM ION'     LI  
4 1,2-ETHANEDIOL    EDO 
5 S-1,2-PROPANEDIOL PGO 
6 water             HOH 
# 
loop_
_entity_poly_seq.entity_id 
_entity_poly_seq.num 
_entity_poly_seq.mon_id 
_entity_poly_seq.hetero 
1 1   TYR n 
1 2   LEU n 
1 3   ASP n 
1 4   LEU n 
1 5   PHE n 
1 6   SER n 
1 7   HIS n 
1 8   LYS n 
1 9   ASN n 
1 10  MET n 
1 11  LYS n 
1 12  LEU n 
1 13  LYS n 
1 14  GLU n 
1 15  ARG n 
1 16  VAL n 
1 17  LEU n 
1 18  ILE n 
1 19  PRO n 
1 20  VAL n 
1 21  LYS n 
1 22  GLN n 
1 23  TYR n 
1 24  PRO n 
1 25  LYS n 
1 26  PHE n 
1 27  ASN n 
1 28  PHE n 
1 29  VAL n 
1 30  GLY n 
1 31  LYS n 
1 32  ILE n 
1 33  LEU n 
1 34  GLY n 
1 35  PRO n 
1 36  GLN n 
1 37  GLY n 
1 38  ASN n 
1 39  THR n 
1 40  ILE n 
1 41  LYS n 
1 42  ARG n 
1 43  LEU n 
1 44  GLN n 
1 45  GLU n 
1 46  GLU n 
1 47  THR n 
1 48  GLY n 
1 49  ALA n 
1 50  LYS n 
1 51  ILE n 
1 52  SER n 
1 53  VAL n 
1 54  LEU n 
1 55  GLY n 
1 56  LYS n 
1 57  GLY n 
1 58  SER n 
1 59  MET n 
1 60  ARG n 
1 61  ASP n 
1 62  LYS n 
1 63  ALA n 
1 64  LYS n 
1 65  GLU n 
1 66  GLU n 
1 67  GLU n 
1 68  LEU n 
1 69  ARG n 
1 70  LYS n 
1 71  GLY n 
1 72  GLY n 
1 73  ASP n 
1 74  PRO n 
1 75  LYS n 
1 76  TYR n 
1 77  ALA n 
1 78  HIS n 
1 79  LEU n 
1 80  ASN n 
1 81  MET n 
1 82  ASP n 
1 83  LEU n 
1 84  HIS n 
1 85  VAL n 
1 86  PHE n 
1 87  ILE n 
1 88  GLU n 
1 89  VAL n 
1 90  PHE n 
1 91  GLY n 
1 92  PRO n 
1 93  PRO n 
1 94  CYS n 
1 95  GLU n 
1 96  ALA n 
1 97  TYR n 
1 98  ALA n 
1 99  LEU n 
1 100 MET n 
1 101 ALA n 
1 102 HIS n 
1 103 ALA n 
1 104 MET n 
1 105 CYS n 
1 106 GLU n 
1 107 VAL n 
1 108 LYS n 
1 109 LYS n 
1 110 PHE n 
1 111 LEU n 
1 112 VAL n 
1 113 PRO n 
1 114 ASP n 
1 115 MET n 
# 
_entity_src_gen.entity_id                          1 
_entity_src_gen.pdbx_src_id                        1 
_entity_src_gen.pdbx_alt_source_flag               sample 
_entity_src_gen.pdbx_seq_type                      'Biological sequence' 
_entity_src_gen.pdbx_beg_seq_num                   1 
_entity_src_gen.pdbx_end_seq_num                   115 
_entity_src_gen.gene_src_common_name               human 
_entity_src_gen.gene_src_genus                     ? 
_entity_src_gen.pdbx_gene_src_gene                 'Khdrbs1, MELVER_R13249' 
_entity_src_gen.gene_src_species                   ? 
_entity_src_gen.gene_src_strain                    ? 
_entity_src_gen.gene_src_tissue                    ? 
_entity_src_gen.gene_src_tissue_fraction           ? 
_entity_src_gen.gene_src_details                   ? 
_entity_src_gen.pdbx_gene_src_fragment             ? 
_entity_src_gen.pdbx_gene_src_scientific_name      'Homo sapiens' 
_entity_src_gen.pdbx_gene_src_ncbi_taxonomy_id     9606 
_entity_src_gen.pdbx_gene_src_variant              ? 
_entity_src_gen.pdbx_gene_src_cell_line            ? 
_entity_src_gen.pdbx_gene_src_atcc                 ? 
_entity_src_gen.pdbx_gene_src_organ                ? 
_entity_src_gen.pdbx_gene_src_organelle            ? 
_entity_src_gen.pdbx_gene_src_cell                 ? 
_entity_src_gen.pdbx_gene_src_cellular_location    ? 
_entity_src_gen.host_org_common_name               ? 
_entity_src_gen.pdbx_host_org_scientific_name      'Escherichia coli' 
_entity_src_gen.pdbx_host_org_ncbi_taxonomy_id     562 
_entity_src_gen.host_org_genus                     ? 
_entity_src_gen.pdbx_host_org_gene                 ? 
_entity_src_gen.pdbx_host_org_organ                ? 
_entity_src_gen.host_org_species                   ? 
_entity_src_gen.pdbx_host_org_tissue               ? 
_entity_src_gen.pdbx_host_org_tissue_fraction      ? 
_entity_src_gen.pdbx_host_org_strain               ? 
_entity_src_gen.pdbx_host_org_variant              ? 
_entity_src_gen.pdbx_host_org_cell_line            ? 
_entity_src_gen.pdbx_host_org_atcc                 ? 
_entity_src_gen.pdbx_host_org_culture_collection   ? 
_entity_src_gen.pdbx_host_org_cell                 ? 
_entity_src_gen.pdbx_host_org_organelle            ? 
_entity_src_gen.pdbx_host_org_cellular_location    ? 
_entity_src_gen.pdbx_host_org_vector_type          ? 
_entity_src_gen.pdbx_host_org_vector               ? 
_entity_src_gen.host_org_details                   ? 
_entity_src_gen.expression_system_id               ? 
_entity_src_gen.plasmid_name                       ? 
_entity_src_gen.plasmid_details                    ? 
_entity_src_gen.pdbx_description                   ? 
# 
loop_
_chem_comp.id 
_chem_comp.type 
_chem_comp.mon_nstd_flag 
_chem_comp.name 
_chem_comp.pdbx_synonyms 
_chem_comp.formula 
_chem_comp.formula_weight 
ALA 'L-peptide linking' y ALANINE           ?                 'C3 H7 N O2'     89.093  
ARG 'L-peptide linking' y ARGININE          ?                 'C6 H15 N4 O2 1' 175.209 
ASN 'L-peptide linking' y ASPARAGINE        ?                 'C4 H8 N2 O3'    132.118 
ASP 'L-peptide linking' y 'ASPARTIC ACID'   ?                 'C4 H7 N O4'     133.103 
CYS 'L-peptide linking' y CYSTEINE          ?                 'C3 H7 N O2 S'   121.158 
EDO non-polymer         . 1,2-ETHANEDIOL    'ETHYLENE GLYCOL' 'C2 H6 O2'       62.068  
GLN 'L-peptide linking' y GLUTAMINE         ?                 'C5 H10 N2 O3'   146.144 
GLU 'L-peptide linking' y 'GLUTAMIC ACID'   ?                 'C5 H9 N O4'     147.129 
GLY 'peptide linking'   y GLYCINE           ?                 'C2 H5 N O2'     75.067  
HIS 'L-peptide linking' y HISTIDINE         ?                 'C6 H10 N3 O2 1' 156.162 
HOH non-polymer         . WATER             ?                 'H2 O'           18.015  
ILE 'L-peptide linking' y ISOLEUCINE        ?                 'C6 H13 N O2'    131.173 
LEU 'L-peptide linking' y LEUCINE           ?                 'C6 H13 N O2'    131.173 
LI  non-polymer         . 'LITHIUM ION'     ?                 'Li 1'           6.941   
LYS 'L-peptide linking' y LYSINE            ?                 'C6 H15 N2 O2 1' 147.195 
MET 'L-peptide linking' y METHIONINE        ?                 'C5 H11 N O2 S'  149.211 
NO3 non-polymer         . 'NITRATE ION'     ?                 'N O3 -1'        62.005  
PGO non-polymer         . S-1,2-PROPANEDIOL ?                 'C3 H8 O2'       76.094  
PHE 'L-peptide linking' y PHENYLALANINE     ?                 'C9 H11 N O2'    165.189 
PRO 'L-peptide linking' y PROLINE           ?                 'C5 H9 N O2'     115.130 
SER 'L-peptide linking' y SERINE            ?                 'C3 H7 N O3'     105.093 
THR 'L-peptide linking' y THREONINE         ?                 'C4 H9 N O3'     119.119 
TYR 'L-peptide linking' y TYROSINE          ?                 'C9 H11 N O3'    181.189 
VAL 'L-peptide linking' y VALINE            ?                 'C5 H11 N O2'    117.146 
# 
loop_
_pdbx_poly_seq_scheme.asym_id 
_pdbx_poly_seq_scheme.entity_id 
_pdbx_poly_seq_scheme.seq_id 
_pdbx_poly_seq_scheme.mon_id 
_pdbx_poly_seq_scheme.ndb_seq_num 
_pdbx_poly_seq_scheme.pdb_seq_num 
_pdbx_poly_seq_scheme.auth_seq_num 
_pdbx_poly_seq_scheme.pdb_mon_id 
_pdbx_poly_seq_scheme.auth_mon_id 
_pdbx_poly_seq_scheme.pdb_strand_id 
_pdbx_poly_seq_scheme.pdb_ins_code 
_pdbx_poly_seq_scheme.hetero 
A 1 1   TYR 1   145 145 TYR TYR AAA . n 
A 1 2   LEU 2   146 146 LEU LEU AAA . n 
A 1 3   ASP 3   147 147 ASP ASP AAA . n 
A 1 4   LEU 4   148 148 LEU LEU AAA . n 
A 1 5   PHE 5   149 149 PHE PHE AAA . n 
A 1 6   SER 6   150 150 SER SER AAA . n 
A 1 7   HIS 7   151 151 HIS HIS AAA . n 
A 1 8   LYS 8   152 152 LYS LYS AAA . n 
A 1 9   ASN 9   153 153 ASN ASN AAA . n 
A 1 10  MET 10  154 154 MET MET AAA . n 
A 1 11  LYS 11  155 155 LYS LYS AAA . n 
A 1 12  LEU 12  156 156 LEU LEU AAA . n 
A 1 13  LYS 13  157 157 LYS LYS AAA . n 
A 1 14  GLU 14  158 158 GLU GLU AAA . n 
A 1 15  ARG 15  159 159 ARG ARG AAA . n 
A 1 16  VAL 16  160 160 VAL VAL AAA . n 
A 1 17  LEU 17  161 161 LEU LEU AAA . n 
A 1 18  ILE 18  162 162 ILE ILE AAA . n 
A 1 19  PRO 19  163 163 PRO PRO AAA . n 
A 1 20  VAL 20  164 164 VAL VAL AAA . n 
A 1 21  LYS 21  165 165 LYS LYS AAA . n 
A 1 22  GLN 22  166 166 GLN GLN AAA . n 
A 1 23  TYR 23  167 167 TYR TYR AAA . n 
A 1 24  PRO 24  168 168 PRO PRO AAA . n 
A 1 25  LYS 25  169 169 LYS LYS AAA . n 
A 1 26  PHE 26  170 170 PHE PHE AAA . n 
A 1 27  ASN 27  171 171 ASN ASN AAA . n 
A 1 28  PHE 28  172 172 PHE PHE AAA . n 
A 1 29  VAL 29  173 173 VAL VAL AAA . n 
A 1 30  GLY 30  174 174 GLY GLY AAA . n 
A 1 31  LYS 31  175 175 LYS LYS AAA . n 
A 1 32  ILE 32  176 176 ILE ILE AAA . n 
A 1 33  LEU 33  177 177 LEU LEU AAA . n 
A 1 34  GLY 34  178 178 GLY GLY AAA . n 
A 1 35  PRO 35  179 179 PRO PRO AAA . n 
A 1 36  GLN 36  180 180 GLN GLN AAA . n 
A 1 37  GLY 37  181 181 GLY GLY AAA . n 
A 1 38  ASN 38  182 182 ASN ASN AAA . n 
A 1 39  THR 39  183 183 THR THR AAA . n 
A 1 40  ILE 40  184 184 ILE ILE AAA . n 
A 1 41  LYS 41  185 185 LYS LYS AAA . n 
A 1 42  ARG 42  186 186 ARG ARG AAA . n 
A 1 43  LEU 43  187 187 LEU LEU AAA . n 
A 1 44  GLN 44  188 188 GLN GLN AAA . n 
A 1 45  GLU 45  189 189 GLU GLU AAA . n 
A 1 46  GLU 46  190 190 GLU GLU AAA . n 
A 1 47  THR 47  191 191 THR THR AAA . n 
A 1 48  GLY 48  192 192 GLY GLY AAA . n 
A 1 49  ALA 49  193 193 ALA ALA AAA . n 
A 1 50  LYS 50  194 194 LYS LYS AAA . n 
A 1 51  ILE 51  195 195 ILE ILE AAA . n 
A 1 52  SER 52  196 196 SER SER AAA . n 
A 1 53  VAL 53  197 197 VAL VAL AAA . n 
A 1 54  LEU 54  198 198 LEU LEU AAA . n 
A 1 55  GLY 55  199 199 GLY GLY AAA . n 
A 1 56  LYS 56  200 200 LYS LYS AAA . n 
A 1 57  GLY 57  201 201 GLY GLY AAA . n 
A 1 58  SER 58  202 202 SER SER AAA . n 
A 1 59  MET 59  203 203 MET MET AAA . n 
A 1 60  ARG 60  204 204 ARG ARG AAA . n 
A 1 61  ASP 61  205 205 ASP ASP AAA . n 
A 1 62  LYS 62  206 206 LYS LYS AAA . n 
A 1 63  ALA 63  207 207 ALA ALA AAA . n 
A 1 64  LYS 64  208 208 LYS LYS AAA . n 
A 1 65  GLU 65  209 209 GLU GLU AAA . n 
A 1 66  GLU 66  210 210 GLU GLU AAA . n 
A 1 67  GLU 67  211 211 GLU GLU AAA . n 
A 1 68  LEU 68  212 212 LEU LEU AAA . n 
A 1 69  ARG 69  213 213 ARG ARG AAA . n 
A 1 70  LYS 70  214 214 LYS LYS AAA . n 
A 1 71  GLY 71  215 215 GLY GLY AAA . n 
A 1 72  GLY 72  216 216 GLY GLY AAA . n 
A 1 73  ASP 73  217 217 ASP ASP AAA . n 
A 1 74  PRO 74  218 218 PRO PRO AAA . n 
A 1 75  LYS 75  219 219 LYS LYS AAA . n 
A 1 76  TYR 76  220 220 TYR TYR AAA . n 
A 1 77  ALA 77  221 221 ALA ALA AAA . n 
A 1 78  HIS 78  222 222 HIS HIS AAA . n 
A 1 79  LEU 79  223 223 LEU LEU AAA . n 
A 1 80  ASN 80  224 224 ASN ASN AAA . n 
A 1 81  MET 81  225 225 MET MET AAA . n 
A 1 82  ASP 82  226 226 ASP ASP AAA . n 
A 1 83  LEU 83  227 227 LEU LEU AAA . n 
A 1 84  HIS 84  228 228 HIS HIS AAA . n 
A 1 85  VAL 85  229 229 VAL VAL AAA . n 
A 1 86  PHE 86  230 230 PHE PHE AAA . n 
A 1 87  ILE 87  231 231 ILE ILE AAA . n 
A 1 88  GLU 88  232 232 GLU GLU AAA . n 
A 1 89  VAL 89  233 233 VAL VAL AAA . n 
A 1 90  PHE 90  234 234 PHE PHE AAA . n 
A 1 91  GLY 91  235 235 GLY GLY AAA . n 
A 1 92  PRO 92  236 236 PRO PRO AAA . n 
A 1 93  PRO 93  237 237 PRO PRO AAA . n 
A 1 94  CYS 94  238 238 CYS CYS AAA . n 
A 1 95  GLU 95  239 239 GLU GLU AAA . n 
A 1 96  ALA 96  240 240 ALA ALA AAA . n 
A 1 97  TYR 97  241 241 TYR TYR AAA . n 
A 1 98  ALA 98  242 242 ALA ALA AAA . n 
A 1 99  LEU 99  243 243 LEU LEU AAA . n 
A 1 100 MET 100 244 244 MET MET AAA . n 
A 1 101 ALA 101 245 245 ALA ALA AAA . n 
A 1 102 HIS 102 246 246 HIS HIS AAA . n 
A 1 103 ALA 103 247 247 ALA ALA AAA . n 
A 1 104 MET 104 248 248 MET MET AAA . n 
A 1 105 CYS 105 249 249 CYS CYS AAA . n 
A 1 106 GLU 106 250 250 GLU GLU AAA . n 
A 1 107 VAL 107 251 251 VAL VAL AAA . n 
A 1 108 LYS 108 252 252 LYS LYS AAA . n 
A 1 109 LYS 109 253 253 LYS LYS AAA . n 
A 1 110 PHE 110 254 254 PHE PHE AAA . n 
A 1 111 LEU 111 255 255 LEU LEU AAA . n 
A 1 112 VAL 112 256 256 VAL VAL AAA . n 
A 1 113 PRO 113 257 257 PRO PRO AAA . n 
A 1 114 ASP 114 258 258 ASP ASP AAA . n 
A 1 115 MET 115 259 259 MET MET AAA . n 
# 
loop_
_pdbx_nonpoly_scheme.asym_id 
_pdbx_nonpoly_scheme.entity_id 
_pdbx_nonpoly_scheme.mon_id 
_pdbx_nonpoly_scheme.ndb_seq_num 
_pdbx_nonpoly_scheme.pdb_seq_num 
_pdbx_nonpoly_scheme.auth_seq_num 
_pdbx_nonpoly_scheme.pdb_mon_id 
_pdbx_nonpoly_scheme.auth_mon_id 
_pdbx_nonpoly_scheme.pdb_strand_id 
_pdbx_nonpoly_scheme.pdb_ins_code 
B 2 NO3 1  1001 1001 NO3 NO3 AAA . 
C 2 NO3 1  1002 1002 NO3 NO3 AAA . 
D 2 NO3 1  1003 1003 NO3 NO3 AAA . 
E 2 NO3 1  1004 1004 NO3 NO3 AAA . 
F 2 NO3 1  1005 1005 NO3 NO3 AAA . 
G 2 NO3 1  1006 1006 NO3 NO3 AAA . 
H 2 NO3 1  1007 1007 NO3 NO3 AAA . 
I 2 NO3 1  1008 1008 NO3 NO3 AAA . 
J 3 LI  1  1009 1101 LI  LI  AAA . 
K 4 EDO 1  1010 1201 EDO EDO AAA . 
L 4 EDO 1  1011 1202 EDO EDO AAA . 
M 4 EDO 1  1012 1203 EDO EDO AAA . 
N 4 EDO 1  1013 1204 EDO EDO AAA . 
O 4 EDO 1  1014 1205 EDO EDO AAA . 
P 5 PGO 1  1015 1301 PGO PGO AAA . 
Q 5 PGO 1  1016 1302 PGO PGO AAA . 
R 5 PGO 1  1017 1303 PGO PGO AAA . 
S 6 HOH 1  1101 2019 HOH HOH AAA . 
S 6 HOH 2  1102 2038 HOH HOH AAA . 
S 6 HOH 3  1103 2011 HOH HOH AAA . 
S 6 HOH 4  1104 2023 HOH HOH AAA . 
S 6 HOH 5  1105 2039 HOH HOH AAA . 
S 6 HOH 6  1106 2015 HOH HOH AAA . 
S 6 HOH 7  1107 2007 HOH HOH AAA . 
S 6 HOH 8  1108 2024 HOH HOH AAA . 
S 6 HOH 9  1109 2026 HOH HOH AAA . 
S 6 HOH 10 1110 2001 HOH HOH AAA . 
S 6 HOH 11 1111 2004 HOH HOH AAA . 
S 6 HOH 12 1112 2012 HOH HOH AAA . 
S 6 HOH 13 1113 2013 HOH HOH AAA . 
S 6 HOH 14 1114 2028 HOH HOH AAA . 
S 6 HOH 15 1115 2006 HOH HOH AAA . 
S 6 HOH 16 1116 2021 HOH HOH AAA . 
S 6 HOH 17 1117 2010 HOH HOH AAA . 
S 6 HOH 18 1118 2014 HOH HOH AAA . 
S 6 HOH 19 1119 2008 HOH HOH AAA . 
S 6 HOH 20 1120 2036 HOH HOH AAA . 
S 6 HOH 21 1121 2020 HOH HOH AAA . 
S 6 HOH 22 1122 2045 HOH HOH AAA . 
S 6 HOH 23 1123 2018 HOH HOH AAA . 
S 6 HOH 24 1124 2022 HOH HOH AAA . 
S 6 HOH 25 1125 2005 HOH HOH AAA . 
S 6 HOH 26 1126 2003 HOH HOH AAA . 
S 6 HOH 27 1127 2046 HOH HOH AAA . 
S 6 HOH 28 1128 2016 HOH HOH AAA . 
S 6 HOH 29 1129 2043 HOH HOH AAA . 
S 6 HOH 30 1130 2032 HOH HOH AAA . 
S 6 HOH 31 1131 2034 HOH HOH AAA . 
S 6 HOH 32 1132 2002 HOH HOH AAA . 
S 6 HOH 33 1133 2017 HOH HOH AAA . 
S 6 HOH 34 1134 2044 HOH HOH AAA . 
S 6 HOH 35 1135 2037 HOH HOH AAA . 
S 6 HOH 36 1136 2025 HOH HOH AAA . 
S 6 HOH 37 1137 2040 HOH HOH AAA . 
S 6 HOH 38 1138 2009 HOH HOH AAA . 
S 6 HOH 39 1139 2042 HOH HOH AAA . 
S 6 HOH 40 1140 2048 HOH HOH AAA . 
S 6 HOH 41 1141 2031 HOH HOH AAA . 
S 6 HOH 42 1142 2029 HOH HOH AAA . 
S 6 HOH 43 1143 2047 HOH HOH AAA . 
S 6 HOH 44 1144 2030 HOH HOH AAA . 
S 6 HOH 45 1145 2035 HOH HOH AAA . 
S 6 HOH 46 1146 2027 HOH HOH AAA . 
S 6 HOH 47 1147 2033 HOH HOH AAA . 
S 6 HOH 48 1148 2041 HOH HOH AAA . 
# 
loop_
_software.citation_id 
_software.classification 
_software.compiler_name 
_software.compiler_version 
_software.contact_author 
_software.contact_author_email 
_software.date 
_software.description 
_software.dependencies 
_software.hardware 
_software.language 
_software.location 
_software.mods 
_software.name 
_software.os 
_software.os_version 
_software.type 
_software.version 
_software.pdbx_ordinal 
? refinement       ? ? ? ? ? ? ? ? ? ? ? REFMAC  ? ? ? 5.8.0267 1 
? 'data reduction' ? ? ? ? ? ? ? ? ? ? ? XDS     ? ? ? .        2 
? 'data scaling'   ? ? ? ? ? ? ? ? ? ? ? Aimless ? ? ? .        3 
? phasing          ? ? ? ? ? ? ? ? ? ? ? MOLREP  ? ? ? .        4 
# 
_cell.angle_alpha                  90.000 
_cell.angle_alpha_esd              ? 
_cell.angle_beta                   90.000 
_cell.angle_beta_esd               ? 
_cell.angle_gamma                  90.000 
_cell.angle_gamma_esd              ? 
_cell.entry_id                     7Z8A 
_cell.details                      ? 
_cell.formula_units_Z              ? 
_cell.length_a                     68.565 
_cell.length_a_esd                 ? 
_cell.length_b                     68.565 
_cell.length_b_esd                 ? 
_cell.length_c                     83.195 
_cell.length_c_esd                 ? 
_cell.volume                       ? 
_cell.volume_esd                   ? 
_cell.Z_PDB                        8 
_cell.reciprocal_angle_alpha       ? 
_cell.reciprocal_angle_beta        ? 
_cell.reciprocal_angle_gamma       ? 
_cell.reciprocal_angle_alpha_esd   ? 
_cell.reciprocal_angle_beta_esd    ? 
_cell.reciprocal_angle_gamma_esd   ? 
_cell.reciprocal_length_a          ? 
_cell.reciprocal_length_b          ? 
_cell.reciprocal_length_c          ? 
_cell.reciprocal_length_a_esd      ? 
_cell.reciprocal_length_b_esd      ? 
_cell.reciprocal_length_c_esd      ? 
_cell.pdbx_unique_axis             ? 
# 
_symmetry.entry_id                         7Z8A 
_symmetry.cell_setting                     ? 
_symmetry.Int_Tables_number                91 
_symmetry.space_group_name_Hall            ? 
_symmetry.space_group_name_H-M             'P 41 2 2' 
_symmetry.pdbx_full_space_group_name_H-M   ? 
# 
_exptl.absorpt_coefficient_mu     ? 
_exptl.absorpt_correction_T_max   ? 
_exptl.absorpt_correction_T_min   ? 
_exptl.absorpt_correction_type    ? 
_exptl.absorpt_process_details    ? 
_exptl.entry_id                   7Z8A 
_exptl.crystals_number            1 
_exptl.details                    ? 
_exptl.method                     'X-RAY DIFFRACTION' 
_exptl.method_details             ? 
# 
_exptl_crystal.colour                      ? 
_exptl_crystal.density_diffrn              ? 
_exptl_crystal.density_Matthews            3.73 
_exptl_crystal.density_method              ? 
_exptl_crystal.density_percent_sol         67.00 
_exptl_crystal.description                 ? 
_exptl_crystal.F_000                       ? 
_exptl_crystal.id                          1 
_exptl_crystal.preparation                 ? 
_exptl_crystal.size_max                    ? 
_exptl_crystal.size_mid                    ? 
_exptl_crystal.size_min                    ? 
_exptl_crystal.size_rad                    ? 
_exptl_crystal.colour_lustre               ? 
_exptl_crystal.colour_modifier             ? 
_exptl_crystal.colour_primary              ? 
_exptl_crystal.density_meas                ? 
_exptl_crystal.density_meas_esd            ? 
_exptl_crystal.density_meas_gt             ? 
_exptl_crystal.density_meas_lt             ? 
_exptl_crystal.density_meas_temp           ? 
_exptl_crystal.density_meas_temp_esd       ? 
_exptl_crystal.density_meas_temp_gt        ? 
_exptl_crystal.density_meas_temp_lt        ? 
_exptl_crystal.pdbx_crystal_image_url      ? 
_exptl_crystal.pdbx_crystal_image_format   ? 
_exptl_crystal.pdbx_mosaicity              ? 
_exptl_crystal.pdbx_mosaicity_esd          ? 
# 
_exptl_crystal_grow.apparatus       ? 
_exptl_crystal_grow.atmosphere      ? 
_exptl_crystal_grow.crystal_id      1 
_exptl_crystal_grow.details         ? 
_exptl_crystal_grow.method          'VAPOR DIFFUSION, SITTING DROP' 
_exptl_crystal_grow.method_ref      ? 
_exptl_crystal_grow.pH              ? 
_exptl_crystal_grow.pressure        ? 
_exptl_crystal_grow.pressure_esd    ? 
_exptl_crystal_grow.seeding         ? 
_exptl_crystal_grow.seeding_ref     ? 
_exptl_crystal_grow.temp            293 
_exptl_crystal_grow.temp_details    ? 
_exptl_crystal_grow.temp_esd        ? 
_exptl_crystal_grow.time            ? 
_exptl_crystal_grow.pdbx_details    'Ammonium sulfate 2 M' 
_exptl_crystal_grow.pdbx_pH_range   ? 
# 
_diffrn.ambient_environment              ? 
_diffrn.ambient_temp                     100 
_diffrn.ambient_temp_details             ? 
_diffrn.ambient_temp_esd                 ? 
_diffrn.crystal_id                       1 
_diffrn.crystal_support                  ? 
_diffrn.crystal_treatment                ? 
_diffrn.details                          ? 
_diffrn.id                               1 
_diffrn.ambient_pressure                 ? 
_diffrn.ambient_pressure_esd             ? 
_diffrn.ambient_pressure_gt              ? 
_diffrn.ambient_pressure_lt              ? 
_diffrn.ambient_temp_gt                  ? 
_diffrn.ambient_temp_lt                  ? 
_diffrn.pdbx_serial_crystal_experiment   N 
# 
_diffrn_detector.details                      ? 
_diffrn_detector.detector                     PIXEL 
_diffrn_detector.diffrn_id                    1 
_diffrn_detector.type                         'DECTRIS PILATUS 6M' 
_diffrn_detector.area_resol_mean              ? 
_diffrn_detector.dtime                        ? 
_diffrn_detector.pdbx_frames_total            ? 
_diffrn_detector.pdbx_collection_time_total   ? 
_diffrn_detector.pdbx_collection_date         2019-11-29 
_diffrn_detector.pdbx_frequency               ? 
# 
_diffrn_radiation.collimation                      ? 
_diffrn_radiation.diffrn_id                        1 
_diffrn_radiation.filter_edge                      ? 
_diffrn_radiation.inhomogeneity                    ? 
_diffrn_radiation.monochromator                    ? 
_diffrn_radiation.polarisn_norm                    ? 
_diffrn_radiation.polarisn_ratio                   ? 
_diffrn_radiation.probe                            ? 
_diffrn_radiation.type                             ? 
_diffrn_radiation.xray_symbol                      ? 
_diffrn_radiation.wavelength_id                    1 
_diffrn_radiation.pdbx_monochromatic_or_laue_m_l   M 
_diffrn_radiation.pdbx_wavelength_list             ? 
_diffrn_radiation.pdbx_wavelength                  ? 
_diffrn_radiation.pdbx_diffrn_protocol             'SINGLE WAVELENGTH' 
_diffrn_radiation.pdbx_analyzer                    ? 
_diffrn_radiation.pdbx_scattering_type             x-ray 
# 
_diffrn_radiation_wavelength.id           1 
_diffrn_radiation_wavelength.wavelength   0.9792 
_diffrn_radiation_wavelength.wt           1.0 
# 
_diffrn_source.current                     ? 
_diffrn_source.details                     ? 
_diffrn_source.diffrn_id                   1 
_diffrn_source.power                       ? 
_diffrn_source.size                        ? 
_diffrn_source.source                      SYNCHROTRON 
_diffrn_source.target                      ? 
_diffrn_source.type                        'ALBA BEAMLINE XALOC' 
_diffrn_source.voltage                     ? 
_diffrn_source.take-off_angle              ? 
_diffrn_source.pdbx_wavelength_list        0.9792 
_diffrn_source.pdbx_wavelength             ? 
_diffrn_source.pdbx_synchrotron_beamline   XALOC 
_diffrn_source.pdbx_synchrotron_site       ALBA 
# 
_reflns.B_iso_Wilson_estimate                          ? 
_reflns.entry_id                                       7Z8A 
_reflns.data_reduction_details                         ? 
_reflns.data_reduction_method                          ? 
_reflns.d_resolution_high                              1.95 
_reflns.d_resolution_low                               48.53 
_reflns.details                                        ? 
_reflns.limit_h_max                                    ? 
_reflns.limit_h_min                                    ? 
_reflns.limit_k_max                                    ? 
_reflns.limit_k_min                                    ? 
_reflns.limit_l_max                                    ? 
_reflns.limit_l_min                                    ? 
_reflns.number_all                                     ? 
_reflns.number_obs                                     12775 
_reflns.observed_criterion                             ? 
_reflns.observed_criterion_F_max                       ? 
_reflns.observed_criterion_F_min                       ? 
_reflns.observed_criterion_I_max                       ? 
_reflns.observed_criterion_I_min                       ? 
_reflns.observed_criterion_sigma_F                     ? 
_reflns.observed_criterion_sigma_I                     ? 
_reflns.percent_possible_obs                           99.4 
_reflns.R_free_details                                 ? 
_reflns.Rmerge_F_all                                   ? 
_reflns.Rmerge_F_obs                                   ? 
_reflns.Friedel_coverage                               ? 
_reflns.number_gt                                      ? 
_reflns.threshold_expression                           ? 
_reflns.pdbx_redundancy                                9.1 
_reflns.pdbx_Rmerge_I_obs                              ? 
_reflns.pdbx_Rmerge_I_all                              ? 
_reflns.pdbx_Rsym_value                                ? 
_reflns.pdbx_netI_over_av_sigmaI                       ? 
_reflns.pdbx_netI_over_sigmaI                          10.9 
_reflns.pdbx_res_netI_over_av_sigmaI_2                 ? 
_reflns.pdbx_res_netI_over_sigmaI_2                    ? 
_reflns.pdbx_chi_squared                               ? 
_reflns.pdbx_scaling_rejects                           ? 
_reflns.pdbx_d_res_high_opt                            ? 
_reflns.pdbx_d_res_low_opt                             ? 
_reflns.pdbx_d_res_opt_method                          ? 
_reflns.phase_calculation_details                      ? 
_reflns.pdbx_Rrim_I_all                                ? 
_reflns.pdbx_Rpim_I_all                                ? 
_reflns.pdbx_d_opt                                     ? 
_reflns.pdbx_number_measured_all                       ? 
_reflns.pdbx_diffrn_id                                 1 
_reflns.pdbx_ordinal                                   1 
_reflns.pdbx_CC_half                                   0.3 
_reflns.pdbx_CC_star                                   ? 
_reflns.pdbx_R_split                                   ? 
_reflns.pdbx_aniso_diffraction_limit_axis_1_ortho[1]   ? 
_reflns.pdbx_aniso_diffraction_limit_axis_1_ortho[2]   ? 
_reflns.pdbx_aniso_diffraction_limit_axis_1_ortho[3]   ? 
_reflns.pdbx_aniso_diffraction_limit_axis_2_ortho[1]   ? 
_reflns.pdbx_aniso_diffraction_limit_axis_2_ortho[2]   ? 
_reflns.pdbx_aniso_diffraction_limit_axis_2_ortho[3]   ? 
_reflns.pdbx_aniso_diffraction_limit_axis_3_ortho[1]   ? 
_reflns.pdbx_aniso_diffraction_limit_axis_3_ortho[2]   ? 
_reflns.pdbx_aniso_diffraction_limit_axis_3_ortho[3]   ? 
_reflns.pdbx_aniso_diffraction_limit_1                 ? 
_reflns.pdbx_aniso_diffraction_limit_2                 ? 
_reflns.pdbx_aniso_diffraction_limit_3                 ? 
_reflns.pdbx_aniso_B_tensor_eigenvector_1_ortho[1]     ? 
_reflns.pdbx_aniso_B_tensor_eigenvector_1_ortho[2]     ? 
_reflns.pdbx_aniso_B_tensor_eigenvector_1_ortho[3]     ? 
_reflns.pdbx_aniso_B_tensor_eigenvector_2_ortho[1]     ? 
_reflns.pdbx_aniso_B_tensor_eigenvector_2_ortho[2]     ? 
_reflns.pdbx_aniso_B_tensor_eigenvector_2_ortho[3]     ? 
_reflns.pdbx_aniso_B_tensor_eigenvector_3_ortho[1]     ? 
_reflns.pdbx_aniso_B_tensor_eigenvector_3_ortho[2]     ? 
_reflns.pdbx_aniso_B_tensor_eigenvector_3_ortho[3]     ? 
_reflns.pdbx_aniso_B_tensor_eigenvalue_1               ? 
_reflns.pdbx_aniso_B_tensor_eigenvalue_2               ? 
_reflns.pdbx_aniso_B_tensor_eigenvalue_3               ? 
_reflns.pdbx_orthogonalization_convention              ? 
_reflns.pdbx_percent_possible_ellipsoidal              ? 
_reflns.pdbx_percent_possible_spherical                ? 
_reflns.pdbx_percent_possible_ellipsoidal_anomalous    ? 
_reflns.pdbx_percent_possible_spherical_anomalous      ? 
_reflns.pdbx_redundancy_anomalous                      ? 
_reflns.pdbx_CC_half_anomalous                         ? 
_reflns.pdbx_absDiff_over_sigma_anomalous              ? 
_reflns.pdbx_percent_possible_anomalous                ? 
_reflns.pdbx_observed_signal_threshold                 ? 
_reflns.pdbx_signal_type                               ? 
_reflns.pdbx_signal_details                            ? 
_reflns.pdbx_signal_software_id                        ? 
# 
_reflns_shell.d_res_high                                    1.95 
_reflns_shell.d_res_low                                     2.02 
_reflns_shell.meanI_over_sigI_all                           ? 
_reflns_shell.meanI_over_sigI_obs                           ? 
_reflns_shell.number_measured_all                           ? 
_reflns_shell.number_measured_obs                           ? 
_reflns_shell.number_possible                               ? 
_reflns_shell.number_unique_all                             ? 
_reflns_shell.number_unique_obs                             1402 
_reflns_shell.percent_possible_all                          ? 
_reflns_shell.percent_possible_obs                          ? 
_reflns_shell.Rmerge_F_all                                  ? 
_reflns_shell.Rmerge_F_obs                                  ? 
_reflns_shell.Rmerge_I_all                                  ? 
_reflns_shell.Rmerge_I_obs                                  ? 
_reflns_shell.meanI_over_sigI_gt                            ? 
_reflns_shell.meanI_over_uI_all                             ? 
_reflns_shell.meanI_over_uI_gt                              ? 
_reflns_shell.number_measured_gt                            ? 
_reflns_shell.number_unique_gt                              ? 
_reflns_shell.percent_possible_gt                           ? 
_reflns_shell.Rmerge_F_gt                                   ? 
_reflns_shell.Rmerge_I_gt                                   ? 
_reflns_shell.pdbx_redundancy                               ? 
_reflns_shell.pdbx_Rsym_value                               ? 
_reflns_shell.pdbx_chi_squared                              ? 
_reflns_shell.pdbx_netI_over_sigmaI_all                     ? 
_reflns_shell.pdbx_netI_over_sigmaI_obs                     ? 
_reflns_shell.pdbx_Rrim_I_all                               ? 
_reflns_shell.pdbx_Rpim_I_all                               ? 
_reflns_shell.pdbx_rejects                                  ? 
_reflns_shell.pdbx_ordinal                                  1 
_reflns_shell.pdbx_diffrn_id                                1 
_reflns_shell.pdbx_CC_half                                  0.406 
_reflns_shell.pdbx_CC_star                                  ? 
_reflns_shell.pdbx_R_split                                  ? 
_reflns_shell.pdbx_percent_possible_ellipsoidal             ? 
_reflns_shell.pdbx_percent_possible_spherical               ? 
_reflns_shell.pdbx_percent_possible_ellipsoidal_anomalous   ? 
_reflns_shell.pdbx_percent_possible_spherical_anomalous     ? 
_reflns_shell.pdbx_redundancy_anomalous                     ? 
_reflns_shell.pdbx_CC_half_anomalous                        ? 
_reflns_shell.pdbx_absDiff_over_sigma_anomalous             ? 
_reflns_shell.pdbx_percent_possible_anomalous               ? 
# 
_refine.aniso_B[1][1]                            -1.562 
_refine.aniso_B[1][2]                            0.000 
_refine.aniso_B[1][3]                            0.000 
_refine.aniso_B[2][2]                            -1.562 
_refine.aniso_B[2][3]                            0.000 
_refine.aniso_B[3][3]                            3.124 
_refine.B_iso_max                                ? 
_refine.B_iso_mean                               45.544 
_refine.B_iso_min                                ? 
_refine.correlation_coeff_Fo_to_Fc               0.958 
_refine.correlation_coeff_Fo_to_Fc_free          0.943 
_refine.details                                  'Hydrogens have not been used' 
_refine.diff_density_max                         ? 
_refine.diff_density_max_esd                     ? 
_refine.diff_density_min                         ? 
_refine.diff_density_min_esd                     ? 
_refine.diff_density_rms                         ? 
_refine.diff_density_rms_esd                     ? 
_refine.entry_id                                 7Z8A 
_refine.pdbx_refine_id                           'X-RAY DIFFRACTION' 
_refine.ls_abs_structure_details                 ? 
_refine.ls_abs_structure_Flack                   ? 
_refine.ls_abs_structure_Flack_esd               ? 
_refine.ls_abs_structure_Rogers                  ? 
_refine.ls_abs_structure_Rogers_esd              ? 
_refine.ls_d_res_high                            2.060 
_refine.ls_d_res_low                             48.530 
_refine.ls_extinction_coef                       ? 
_refine.ls_extinction_coef_esd                   ? 
_refine.ls_extinction_expression                 ? 
_refine.ls_extinction_method                     ? 
_refine.ls_goodness_of_fit_all                   ? 
_refine.ls_goodness_of_fit_all_esd               ? 
_refine.ls_goodness_of_fit_obs                   ? 
_refine.ls_goodness_of_fit_obs_esd               ? 
_refine.ls_hydrogen_treatment                    ? 
_refine.ls_matrix_type                           ? 
_refine.ls_number_constraints                    ? 
_refine.ls_number_parameters                     ? 
_refine.ls_number_reflns_all                     ? 
_refine.ls_number_reflns_obs                     12775 
_refine.ls_number_reflns_R_free                  625 
_refine.ls_number_reflns_R_work                  12150 
_refine.ls_number_restraints                     ? 
_refine.ls_percent_reflns_obs                    99.533 
_refine.ls_percent_reflns_R_free                 4.892 
_refine.ls_R_factor_all                          0.206 
_refine.ls_R_factor_obs                          ? 
_refine.ls_R_factor_R_free                       0.2464 
_refine.ls_R_factor_R_free_error                 ? 
_refine.ls_R_factor_R_free_error_details         ? 
_refine.ls_R_factor_R_work                       0.2037 
_refine.ls_R_Fsqd_factor_obs                     ? 
_refine.ls_R_I_factor_obs                        ? 
_refine.ls_redundancy_reflns_all                 ? 
_refine.ls_redundancy_reflns_obs                 ? 
_refine.ls_restrained_S_all                      ? 
_refine.ls_restrained_S_obs                      ? 
_refine.ls_shift_over_esd_max                    ? 
_refine.ls_shift_over_esd_mean                   ? 
_refine.ls_structure_factor_coef                 ? 
_refine.ls_weighting_details                     ? 
_refine.ls_weighting_scheme                      ? 
_refine.ls_wR_factor_all                         ? 
_refine.ls_wR_factor_obs                         ? 
_refine.ls_wR_factor_R_free                      ? 
_refine.ls_wR_factor_R_work                      ? 
_refine.occupancy_max                            ? 
_refine.occupancy_min                            ? 
_refine.solvent_model_details                    'MASK BULK SOLVENT' 
_refine.solvent_model_param_bsol                 ? 
_refine.solvent_model_param_ksol                 ? 
_refine.pdbx_R_complete                          ? 
_refine.ls_R_factor_gt                           ? 
_refine.ls_goodness_of_fit_gt                    ? 
_refine.ls_goodness_of_fit_ref                   ? 
_refine.ls_shift_over_su_max                     ? 
_refine.ls_shift_over_su_max_lt                  ? 
_refine.ls_shift_over_su_mean                    ? 
_refine.ls_shift_over_su_mean_lt                 ? 
_refine.pdbx_ls_sigma_I                          ? 
_refine.pdbx_ls_sigma_F                          ? 
_refine.pdbx_ls_sigma_Fsqd                       ? 
_refine.pdbx_data_cutoff_high_absF               ? 
_refine.pdbx_data_cutoff_high_rms_absF           ? 
_refine.pdbx_data_cutoff_low_absF                ? 
_refine.pdbx_isotropic_thermal_model             ? 
_refine.pdbx_ls_cross_valid_method               'FREE R-VALUE' 
_refine.pdbx_method_to_determine_struct          'MOLECULAR REPLACEMENT' 
_refine.pdbx_starting_model                      5EMO 
_refine.pdbx_stereochemistry_target_values       ? 
_refine.pdbx_R_Free_selection_details            ? 
_refine.pdbx_stereochem_target_val_spec_case     ? 
_refine.pdbx_overall_ESU_R                       0.153 
_refine.pdbx_overall_ESU_R_Free                  0.151 
_refine.pdbx_solvent_vdw_probe_radii             1.200 
_refine.pdbx_solvent_ion_probe_radii             0.800 
_refine.pdbx_solvent_shrinkage_radii             0.800 
_refine.pdbx_real_space_R                        ? 
_refine.pdbx_density_correlation                 ? 
_refine.pdbx_pd_number_of_powder_patterns        ? 
_refine.pdbx_pd_number_of_points                 ? 
_refine.pdbx_pd_meas_number_of_points            ? 
_refine.pdbx_pd_proc_ls_prof_R_factor            ? 
_refine.pdbx_pd_proc_ls_prof_wR_factor           ? 
_refine.pdbx_pd_Marquardt_correlation_coeff      ? 
_refine.pdbx_pd_Fsqrd_R_factor                   ? 
_refine.pdbx_pd_ls_matrix_band_width             ? 
_refine.pdbx_overall_phase_error                 ? 
_refine.pdbx_overall_SU_R_free_Cruickshank_DPI   ? 
_refine.pdbx_overall_SU_R_free_Blow_DPI          ? 
_refine.pdbx_overall_SU_R_Blow_DPI               ? 
_refine.pdbx_TLS_residual_ADP_flag               ? 
_refine.pdbx_diffrn_id                           1 
_refine.overall_SU_B                             5.346 
_refine.overall_SU_ML                            0.129 
_refine.overall_SU_R_Cruickshank_DPI             ? 
_refine.overall_SU_R_free                        ? 
_refine.overall_FOM_free_R_set                   ? 
_refine.overall_FOM_work_R_set                   ? 
_refine.pdbx_average_fsc_overall                 ? 
_refine.pdbx_average_fsc_work                    ? 
_refine.pdbx_average_fsc_free                    ? 
# 
_refine_hist.pdbx_refine_id                   'X-RAY DIFFRACTION' 
_refine_hist.cycle_id                         LAST 
_refine_hist.pdbx_number_atoms_protein        918 
_refine_hist.pdbx_number_atoms_nucleic_acid   0 
_refine_hist.pdbx_number_atoms_ligand         68 
_refine_hist.number_atoms_solvent             48 
_refine_hist.number_atoms_total               1034 
_refine_hist.d_res_high                       2.060 
_refine_hist.d_res_low                        48.530 
# 
loop_
_refine_ls_restr.pdbx_refine_id 
_refine_ls_restr.criterion 
_refine_ls_restr.dev_ideal 
_refine_ls_restr.dev_ideal_target 
_refine_ls_restr.number 
_refine_ls_restr.rejects 
_refine_ls_restr.type 
_refine_ls_restr.weight 
_refine_ls_restr.pdbx_restraint_function 
'X-RAY DIFFRACTION' ? 0.009  0.012  989  ? r_bond_refined_d               ? ? 
'X-RAY DIFFRACTION' ? 1.856  1.655  1302 ? r_angle_refined_deg            ? ? 
'X-RAY DIFFRACTION' ? 6.555  5.000  114  ? r_dihedral_angle_1_deg         ? ? 
'X-RAY DIFFRACTION' ? 36.588 23.023 43   ? r_dihedral_angle_2_deg         ? ? 
'X-RAY DIFFRACTION' ? 17.778 15.000 186  ? r_dihedral_angle_3_deg         ? ? 
'X-RAY DIFFRACTION' ? 6.292  15.000 4    ? r_dihedral_angle_4_deg         ? ? 
'X-RAY DIFFRACTION' ? 0.126  0.200  116  ? r_chiral_restr                 ? ? 
'X-RAY DIFFRACTION' ? 0.010  0.020  726  ? r_gen_planes_refined           ? ? 
'X-RAY DIFFRACTION' ? 0.234  0.200  467  ? r_nbd_refined                  ? ? 
'X-RAY DIFFRACTION' ? 0.322  0.200  647  ? r_nbtor_refined                ? ? 
'X-RAY DIFFRACTION' ? 0.142  0.200  55   ? r_xyhbond_nbd_refined          ? ? 
'X-RAY DIFFRACTION' ? 0.225  0.200  54   ? r_symmetry_nbd_refined         ? ? 
'X-RAY DIFFRACTION' ? 0.604  0.200  8    ? r_symmetry_xyhbond_nbd_refined ? ? 
'X-RAY DIFFRACTION' ? 3.594  3.742  459  ? r_mcbond_it                    ? ? 
'X-RAY DIFFRACTION' ? 4.888  5.599  572  ? r_mcangle_it                   ? ? 
'X-RAY DIFFRACTION' ? 7.740  4.921  530  ? r_scbond_it                    ? ? 
'X-RAY DIFFRACTION' ? 10.988 6.830  730  ? r_scangle_it                   ? ? 
'X-RAY DIFFRACTION' ? 12.923 74.583 3845 ? r_lrange_it                    ? ? 
# 
loop_
_refine_ls_shell.pdbx_refine_id 
_refine_ls_shell.d_res_high 
_refine_ls_shell.d_res_low 
_refine_ls_shell.number_reflns_all 
_refine_ls_shell.number_reflns_obs 
_refine_ls_shell.number_reflns_R_free 
_refine_ls_shell.number_reflns_R_work 
_refine_ls_shell.percent_reflns_obs 
_refine_ls_shell.percent_reflns_R_free 
_refine_ls_shell.R_factor_all 
_refine_ls_shell.R_factor_obs 
_refine_ls_shell.R_factor_R_free 
_refine_ls_shell.R_factor_R_free_error 
_refine_ls_shell.R_factor_R_work 
_refine_ls_shell.redundancy_reflns_all 
_refine_ls_shell.redundancy_reflns_obs 
_refine_ls_shell.wR_factor_all 
_refine_ls_shell.wR_factor_obs 
_refine_ls_shell.wR_factor_R_free 
_refine_ls_shell.wR_factor_R_work 
_refine_ls_shell.pdbx_R_complete 
_refine_ls_shell.pdbx_total_number_of_bins_used 
_refine_ls_shell.pdbx_phase_error 
_refine_ls_shell.pdbx_fsc_work 
_refine_ls_shell.pdbx_fsc_free 
'X-RAY DIFFRACTION' 2.060 2.113  . . 50 883 99.7861  . . . 0.382 . 0.373 . . . . . . . . . . . 
'X-RAY DIFFRACTION' 2.113 2.171  . . 36 844 99.0991  . . . 0.326 . 0.326 . . . . . . . . . . . 
'X-RAY DIFFRACTION' 2.171 2.234  . . 44 830 99.5444  . . . 0.334 . 0.334 . . . . . . . . . . . 
'X-RAY DIFFRACTION' 2.234 2.303  . . 40 805 99.5289  . . . 0.473 . 0.344 . . . . . . . . . . . 
'X-RAY DIFFRACTION' 2.303 2.378  . . 37 799 99.8805  . . . 0.401 . 0.272 . . . . . . . . . . . 
'X-RAY DIFFRACTION' 2.378 2.462  . . 45 766 100.0000 . . . 0.250 . 0.242 . . . . . . . . . . . 
'X-RAY DIFFRACTION' 2.462 2.555  . . 34 737 99.7413  . . . 0.247 . 0.245 . . . . . . . . . . . 
'X-RAY DIFFRACTION' 2.555 2.659  . . 35 700 99.4587  . . . 0.258 . 0.221 . . . . . . . . . . . 
'X-RAY DIFFRACTION' 2.659 2.777  . . 38 696 100.0000 . . . 0.275 . 0.212 . . . . . . . . . . . 
'X-RAY DIFFRACTION' 2.777 2.912  . . 34 656 100.0000 . . . 0.240 . 0.203 . . . . . . . . . . . 
'X-RAY DIFFRACTION' 2.912 3.069  . . 32 623 100.0000 . . . 0.220 . 0.200 . . . . . . . . . . . 
'X-RAY DIFFRACTION' 3.069 3.255  . . 28 601 99.6830  . . . 0.306 . 0.187 . . . . . . . . . . . 
'X-RAY DIFFRACTION' 3.255 3.479  . . 39 556 99.1667  . . . 0.203 . 0.186 . . . . . . . . . . . 
'X-RAY DIFFRACTION' 3.479 3.757  . . 34 514 99.8178  . . . 0.233 . 0.147 . . . . . . . . . . . 
'X-RAY DIFFRACTION' 3.757 4.114  . . 16 496 99.2248  . . . 0.169 . 0.135 . . . . . . . . . . . 
'X-RAY DIFFRACTION' 4.114 4.598  . . 19 454 99.3697  . . . 0.133 . 0.133 . . . . . . . . . . . 
'X-RAY DIFFRACTION' 4.598 5.305  . . 15 406 99.0588  . . . 0.196 . 0.167 . . . . . . . . . . . 
'X-RAY DIFFRACTION' 5.305 6.488  . . 21 334 98.0663  . . . 0.269 . 0.221 . . . . . . . . . . . 
'X-RAY DIFFRACTION' 6.488 9.135  . . 16 275 98.3108  . . . 0.219 . 0.204 . . . . . . . . . . . 
'X-RAY DIFFRACTION' 9.135 48.530 . . 12 175 98.4211  . . . 0.274 . 0.236 . . . . . . . . . . . 
# 
_struct.entry_id                     7Z8A 
_struct.title                        Sam68 
_struct.pdbx_model_details           ? 
_struct.pdbx_formula_weight          ? 
_struct.pdbx_formula_weight_method   ? 
_struct.pdbx_model_type_details      ? 
_struct.pdbx_CASP_flag               N 
# 
_struct_keywords.entry_id        7Z8A 
_struct_keywords.text            'STAR, RNA BINDING PROTEIN' 
_struct_keywords.pdbx_keywords   'RNA BINDING PROTEIN' 
# 
loop_
_struct_asym.id 
_struct_asym.pdbx_blank_PDB_chainid_flag 
_struct_asym.pdbx_modified 
_struct_asym.entity_id 
_struct_asym.details 
A N N 1 ? 
B N N 2 ? 
C N N 2 ? 
D N N 2 ? 
E N N 2 ? 
F N N 2 ? 
G N N 2 ? 
H N N 2 ? 
I N N 2 ? 
J N N 3 ? 
K N N 4 ? 
L N N 4 ? 
M N N 4 ? 
N N N 4 ? 
O N N 4 ? 
P N N 5 ? 
Q N N 5 ? 
R N N 5 ? 
S N N 6 ? 
# 
_struct_ref.id                         1 
_struct_ref.db_name                    UNP 
_struct_ref.db_code                    A0A7K8A7M1_9PASE 
_struct_ref.pdbx_db_accession          A0A7K8A7M1 
_struct_ref.pdbx_db_isoform            ? 
_struct_ref.entity_id                  1 
_struct_ref.pdbx_seq_one_letter_code   
;YLDLFSHKNMKLKERVLIPVKQYPKFNFVGKILGPQGNTIKRLQEETGAKISVLGKGSMRDKAKEEELRKGGDPKYAHLN
MDLHVFIEVFGPPCEAYALMAHAMEEVKKFLVPDM
;
_struct_ref.pdbx_align_begin           72 
# 
_struct_ref_seq.align_id                      1 
_struct_ref_seq.ref_id                        1 
_struct_ref_seq.pdbx_PDB_id_code              7Z8A 
_struct_ref_seq.pdbx_strand_id                AAA 
_struct_ref_seq.seq_align_beg                 1 
_struct_ref_seq.pdbx_seq_align_beg_ins_code   ? 
_struct_ref_seq.seq_align_end                 115 
_struct_ref_seq.pdbx_seq_align_end_ins_code   ? 
_struct_ref_seq.pdbx_db_accession             A0A7K8A7M1 
_struct_ref_seq.db_align_beg                  72 
_struct_ref_seq.pdbx_db_align_beg_ins_code    ? 
_struct_ref_seq.db_align_end                  186 
_struct_ref_seq.pdbx_db_align_end_ins_code    ? 
_struct_ref_seq.pdbx_auth_seq_align_beg       145 
_struct_ref_seq.pdbx_auth_seq_align_end       259 
# 
_struct_ref_seq_dif.align_id                     1 
_struct_ref_seq_dif.pdbx_pdb_id_code             7Z8A 
_struct_ref_seq_dif.mon_id                       CYS 
_struct_ref_seq_dif.pdbx_pdb_strand_id           AAA 
_struct_ref_seq_dif.seq_num                      105 
_struct_ref_seq_dif.pdbx_pdb_ins_code            ? 
_struct_ref_seq_dif.pdbx_seq_db_name             UNP 
_struct_ref_seq_dif.pdbx_seq_db_accession_code   A0A7K8A7M1 
_struct_ref_seq_dif.db_mon_id                    GLU 
_struct_ref_seq_dif.pdbx_seq_db_seq_num          176 
_struct_ref_seq_dif.details                      conflict 
_struct_ref_seq_dif.pdbx_auth_seq_num            249 
_struct_ref_seq_dif.pdbx_ordinal                 1 
# 
_pdbx_struct_assembly.id                   1 
_pdbx_struct_assembly.details              author_defined_assembly 
_pdbx_struct_assembly.method_details       ? 
_pdbx_struct_assembly.oligomeric_details   dimeric 
_pdbx_struct_assembly.oligomeric_count     2 
# 
loop_
_pdbx_struct_assembly_prop.biol_id 
_pdbx_struct_assembly_prop.type 
_pdbx_struct_assembly_prop.value 
_pdbx_struct_assembly_prop.details 
1 'ABSA (A^2)' 7520  ? 
1 MORE         1     ? 
1 'SSA (A^2)'  14180 ? 
# 
_pdbx_struct_assembly_gen.assembly_id       1 
_pdbx_struct_assembly_gen.oper_expression   1,2 
_pdbx_struct_assembly_gen.asym_id_list      A,B,C,D,E,F,G,H,I,J,K,L,M,N,O,P,Q,R,S 
# 
_pdbx_struct_assembly_auth_evidence.id                     1 
_pdbx_struct_assembly_auth_evidence.assembly_id            1 
_pdbx_struct_assembly_auth_evidence.experimental_support   'native gel electrophoresis' 
_pdbx_struct_assembly_auth_evidence.details                ? 
# 
loop_
_pdbx_struct_oper_list.id 
_pdbx_struct_oper_list.type 
_pdbx_struct_oper_list.name 
_pdbx_struct_oper_list.symmetry_operation 
_pdbx_struct_oper_list.matrix[1][1] 
_pdbx_struct_oper_list.matrix[1][2] 
_pdbx_struct_oper_list.matrix[1][3] 
_pdbx_struct_oper_list.vector[1] 
_pdbx_struct_oper_list.matrix[2][1] 
_pdbx_struct_oper_list.matrix[2][2] 
_pdbx_struct_oper_list.matrix[2][3] 
_pdbx_struct_oper_list.vector[2] 
_pdbx_struct_oper_list.matrix[3][1] 
_pdbx_struct_oper_list.matrix[3][2] 
_pdbx_struct_oper_list.matrix[3][3] 
_pdbx_struct_oper_list.vector[3] 
1 'identity operation'         1_555 x,y,z        1.0000000000 0.0000000000 0.0000000000  0.0000000000   0.0000000000 1.0000000000  0.0000000000  0.0000000000  0.0000000000  0.0000000000  1.0000000000  0.0000000000 
2 'crystal symmetry operation' 8_555 -y,-x,-z+1/4 0.2993785016 0.5827074886 -0.7555292817 -10.4658553240 0.5827074886 -0.7386842888 -0.3388178039 28.6653977746 -0.7555292817 -0.3388178039 -0.5606942128 4.1089533051 
# 
loop_
_struct_conf.conf_type_id 
_struct_conf.id 
_struct_conf.pdbx_PDB_helix_id 
_struct_conf.beg_label_comp_id 
_struct_conf.beg_label_asym_id 
_struct_conf.beg_label_seq_id 
_struct_conf.pdbx_beg_PDB_ins_code 
_struct_conf.end_label_comp_id 
_struct_conf.end_label_asym_id 
_struct_conf.end_label_seq_id 
_struct_conf.pdbx_end_PDB_ins_code 
_struct_conf.beg_auth_comp_id 
_struct_conf.beg_auth_asym_id 
_struct_conf.beg_auth_seq_id 
_struct_conf.end_auth_comp_id 
_struct_conf.end_auth_asym_id 
_struct_conf.end_auth_seq_id 
_struct_conf.pdbx_PDB_helix_class 
_struct_conf.details 
_struct_conf.pdbx_PDB_helix_length 
HELX_P HELX_P1 AA1 ASN A 27 ? GLY A 34  ? ASN AAA 171 GLY AAA 178 1 ? 8  
HELX_P HELX_P2 AA2 GLY A 37 ? GLY A 48  ? GLY AAA 181 GLY AAA 192 1 ? 12 
HELX_P HELX_P3 AA3 ASP A 61 ? GLY A 72  ? ASP AAA 205 GLY AAA 216 1 ? 12 
HELX_P HELX_P4 AA4 ASP A 73 ? MET A 81  ? ASP AAA 217 MET AAA 225 5 ? 9  
HELX_P HELX_P5 AA5 PRO A 92 ? VAL A 112 ? PRO AAA 236 VAL AAA 256 1 ? 21 
# 
_struct_conf_type.id          HELX_P 
_struct_conf_type.criteria    ? 
_struct_conf_type.reference   ? 
# 
loop_
_struct_conn.id 
_struct_conn.conn_type_id 
_struct_conn.pdbx_leaving_atom_flag 
_struct_conn.pdbx_PDB_id 
_struct_conn.ptnr1_label_asym_id 
_struct_conn.ptnr1_label_comp_id 
_struct_conn.ptnr1_label_seq_id 
_struct_conn.ptnr1_label_atom_id 
_struct_conn.pdbx_ptnr1_label_alt_id 
_struct_conn.pdbx_ptnr1_PDB_ins_code 
_struct_conn.pdbx_ptnr1_standard_comp_id 
_struct_conn.ptnr1_symmetry 
_struct_conn.ptnr2_label_asym_id 
_struct_conn.ptnr2_label_comp_id 
_struct_conn.ptnr2_label_seq_id 
_struct_conn.ptnr2_label_atom_id 
_struct_conn.pdbx_ptnr2_label_alt_id 
_struct_conn.pdbx_ptnr2_PDB_ins_code 
_struct_conn.ptnr1_auth_asym_id 
_struct_conn.ptnr1_auth_comp_id 
_struct_conn.ptnr1_auth_seq_id 
_struct_conn.ptnr2_auth_asym_id 
_struct_conn.ptnr2_auth_comp_id 
_struct_conn.ptnr2_auth_seq_id 
_struct_conn.ptnr2_symmetry 
_struct_conn.pdbx_ptnr3_label_atom_id 
_struct_conn.pdbx_ptnr3_label_seq_id 
_struct_conn.pdbx_ptnr3_label_comp_id 
_struct_conn.pdbx_ptnr3_label_asym_id 
_struct_conn.pdbx_ptnr3_label_alt_id 
_struct_conn.pdbx_ptnr3_PDB_ins_code 
_struct_conn.details 
_struct_conn.pdbx_dist_value 
_struct_conn.pdbx_value_order 
_struct_conn.pdbx_role 
disulf1 disulf ? ? A CYS 94  SG  ? ? ? 1_555 A CYS 105 SG ? ? AAA CYS 238  AAA CYS 249  8_555 ? ? ? ? ? ? ? 2.196 ? ? 
metalc1 metalc ? ? A ASP 114 OD2 ? ? ? 1_555 J LI  .   LI ? ? AAA ASP 258  AAA LI  1009 1_555 ? ? ? ? ? ? ? 2.253 ? ? 
metalc2 metalc ? ? J LI  .   LI  ? ? ? 1_555 S HOH .   O  ? ? AAA LI  1009 AAA HOH 1135 1_555 ? ? ? ? ? ? ? 2.311 ? ? 
# 
loop_
_struct_conn_type.id 
_struct_conn_type.criteria 
_struct_conn_type.reference 
disulf ? ? 
metalc ? ? 
# 
_pdbx_struct_conn_angle.id                    1 
_pdbx_struct_conn_angle.ptnr1_label_atom_id   OD2 
_pdbx_struct_conn_angle.ptnr1_label_alt_id    ? 
_pdbx_struct_conn_angle.ptnr1_label_asym_id   A 
_pdbx_struct_conn_angle.ptnr1_label_comp_id   ASP 
_pdbx_struct_conn_angle.ptnr1_label_seq_id    114 
_pdbx_struct_conn_angle.ptnr1_auth_atom_id    ? 
_pdbx_struct_conn_angle.ptnr1_auth_asym_id    AAA 
_pdbx_struct_conn_angle.ptnr1_auth_comp_id    ASP 
_pdbx_struct_conn_angle.ptnr1_auth_seq_id     258 
_pdbx_struct_conn_angle.ptnr1_PDB_ins_code    ? 
_pdbx_struct_conn_angle.ptnr1_symmetry        1_555 
_pdbx_struct_conn_angle.ptnr2_label_atom_id   LI 
_pdbx_struct_conn_angle.ptnr2_label_alt_id    ? 
_pdbx_struct_conn_angle.ptnr2_label_asym_id   J 
_pdbx_struct_conn_angle.ptnr2_label_comp_id   LI 
_pdbx_struct_conn_angle.ptnr2_label_seq_id    . 
_pdbx_struct_conn_angle.ptnr2_auth_atom_id    ? 
_pdbx_struct_conn_angle.ptnr2_auth_asym_id    AAA 
_pdbx_struct_conn_angle.ptnr2_auth_comp_id    LI 
_pdbx_struct_conn_angle.ptnr2_auth_seq_id     1009 
_pdbx_struct_conn_angle.ptnr2_PDB_ins_code    ? 
_pdbx_struct_conn_angle.ptnr2_symmetry        1_555 
_pdbx_struct_conn_angle.ptnr3_label_atom_id   O 
_pdbx_struct_conn_angle.ptnr3_label_alt_id    ? 
_pdbx_struct_conn_angle.ptnr3_label_asym_id   S 
_pdbx_struct_conn_angle.ptnr3_label_comp_id   HOH 
_pdbx_struct_conn_angle.ptnr3_label_seq_id    . 
_pdbx_struct_conn_angle.ptnr3_auth_atom_id    ? 
_pdbx_struct_conn_angle.ptnr3_auth_asym_id    AAA 
_pdbx_struct_conn_angle.ptnr3_auth_comp_id    HOH 
_pdbx_struct_conn_angle.ptnr3_auth_seq_id     1135 
_pdbx_struct_conn_angle.ptnr3_PDB_ins_code    ? 
_pdbx_struct_conn_angle.ptnr3_symmetry        1_555 
_pdbx_struct_conn_angle.value                 118.1 
_pdbx_struct_conn_angle.value_esd             ? 
# 
_pdbx_modification_feature.ordinal                            1 
_pdbx_modification_feature.label_comp_id                      CYS 
_pdbx_modification_feature.label_asym_id                      A 
_pdbx_modification_feature.label_seq_id                       94 
_pdbx_modification_feature.label_alt_id                       ? 
_pdbx_modification_feature.modified_residue_label_comp_id     CYS 
_pdbx_modification_feature.modified_residue_label_asym_id     A 
_pdbx_modification_feature.modified_residue_label_seq_id      105 
_pdbx_modification_feature.modified_residue_label_alt_id      ? 
_pdbx_modification_feature.auth_comp_id                       CYS 
_pdbx_modification_feature.auth_asym_id                       AAA 
_pdbx_modification_feature.auth_seq_id                        238 
_pdbx_modification_feature.PDB_ins_code                       ? 
_pdbx_modification_feature.symmetry                           1_555 
_pdbx_modification_feature.modified_residue_auth_comp_id      CYS 
_pdbx_modification_feature.modified_residue_auth_asym_id      AAA 
_pdbx_modification_feature.modified_residue_auth_seq_id       249 
_pdbx_modification_feature.modified_residue_PDB_ins_code      ? 
_pdbx_modification_feature.modified_residue_symmetry          8_555 
_pdbx_modification_feature.comp_id_linking_atom               SG 
_pdbx_modification_feature.modified_residue_id_linking_atom   SG 
_pdbx_modification_feature.modified_residue_id                . 
_pdbx_modification_feature.ref_pcm_id                         . 
_pdbx_modification_feature.ref_comp_id                        . 
_pdbx_modification_feature.type                               None 
_pdbx_modification_feature.category                           'Disulfide bridge' 
# 
_struct_sheet.id               AA1 
_struct_sheet.type             ? 
_struct_sheet.number_strands   3 
_struct_sheet.details          ? 
# 
loop_
_struct_sheet_order.sheet_id 
_struct_sheet_order.range_id_1 
_struct_sheet_order.range_id_2 
_struct_sheet_order.offset 
_struct_sheet_order.sense 
AA1 1 2 ? anti-parallel 
AA1 2 3 ? anti-parallel 
# 
loop_
_struct_sheet_range.sheet_id 
_struct_sheet_range.id 
_struct_sheet_range.beg_label_comp_id 
_struct_sheet_range.beg_label_asym_id 
_struct_sheet_range.beg_label_seq_id 
_struct_sheet_range.pdbx_beg_PDB_ins_code 
_struct_sheet_range.end_label_comp_id 
_struct_sheet_range.end_label_asym_id 
_struct_sheet_range.end_label_seq_id 
_struct_sheet_range.pdbx_end_PDB_ins_code 
_struct_sheet_range.beg_auth_comp_id 
_struct_sheet_range.beg_auth_asym_id 
_struct_sheet_range.beg_auth_seq_id 
_struct_sheet_range.end_auth_comp_id 
_struct_sheet_range.end_auth_asym_id 
_struct_sheet_range.end_auth_seq_id 
AA1 1 MET A 10 ? LEU A 17 ? MET AAA 154 LEU AAA 161 
AA1 2 HIS A 84 ? GLY A 91 ? HIS AAA 228 GLY AAA 235 
AA1 3 LYS A 50 ? LEU A 54 ? LYS AAA 194 LEU AAA 198 
# 
loop_
_pdbx_struct_sheet_hbond.sheet_id 
_pdbx_struct_sheet_hbond.range_id_1 
_pdbx_struct_sheet_hbond.range_id_2 
_pdbx_struct_sheet_hbond.range_1_label_atom_id 
_pdbx_struct_sheet_hbond.range_1_label_comp_id 
_pdbx_struct_sheet_hbond.range_1_label_asym_id 
_pdbx_struct_sheet_hbond.range_1_label_seq_id 
_pdbx_struct_sheet_hbond.range_1_PDB_ins_code 
_pdbx_struct_sheet_hbond.range_1_auth_atom_id 
_pdbx_struct_sheet_hbond.range_1_auth_comp_id 
_pdbx_struct_sheet_hbond.range_1_auth_asym_id 
_pdbx_struct_sheet_hbond.range_1_auth_seq_id 
_pdbx_struct_sheet_hbond.range_2_label_atom_id 
_pdbx_struct_sheet_hbond.range_2_label_comp_id 
_pdbx_struct_sheet_hbond.range_2_label_asym_id 
_pdbx_struct_sheet_hbond.range_2_label_seq_id 
_pdbx_struct_sheet_hbond.range_2_PDB_ins_code 
_pdbx_struct_sheet_hbond.range_2_auth_atom_id 
_pdbx_struct_sheet_hbond.range_2_auth_comp_id 
_pdbx_struct_sheet_hbond.range_2_auth_asym_id 
_pdbx_struct_sheet_hbond.range_2_auth_seq_id 
AA1 1 2 N MET A 10 ? N MET AAA 154 O GLY A 91 ? O GLY AAA 235 
AA1 2 3 O PHE A 86 ? O PHE AAA 230 N SER A 52 ? N SER AAA 196 
# 
_pdbx_entry_details.entry_id                   7Z8A 
_pdbx_entry_details.has_ligand_of_interest     N 
_pdbx_entry_details.compound_details           ? 
_pdbx_entry_details.source_details             ? 
_pdbx_entry_details.nonpolymer_details         ? 
_pdbx_entry_details.sequence_details           ? 
_pdbx_entry_details.has_protein_modification   Y 
# 
_pdbx_validate_symm_contact.id                1 
_pdbx_validate_symm_contact.PDB_model_num     1 
_pdbx_validate_symm_contact.auth_atom_id_1    ND2 
_pdbx_validate_symm_contact.auth_asym_id_1    AAA 
_pdbx_validate_symm_contact.auth_comp_id_1    ASN 
_pdbx_validate_symm_contact.auth_seq_id_1     224 
_pdbx_validate_symm_contact.PDB_ins_code_1    ? 
_pdbx_validate_symm_contact.label_alt_id_1    ? 
_pdbx_validate_symm_contact.site_symmetry_1   1_555 
_pdbx_validate_symm_contact.auth_atom_id_2    O1 
_pdbx_validate_symm_contact.auth_asym_id_2    AAA 
_pdbx_validate_symm_contact.auth_comp_id_2    EDO 
_pdbx_validate_symm_contact.auth_seq_id_2     1013 
_pdbx_validate_symm_contact.PDB_ins_code_2    ? 
_pdbx_validate_symm_contact.label_alt_id_2    ? 
_pdbx_validate_symm_contact.site_symmetry_2   7_554 
_pdbx_validate_symm_contact.dist              1.89 
# 
loop_
_pdbx_validate_rmsd_angle.id 
_pdbx_validate_rmsd_angle.PDB_model_num 
_pdbx_validate_rmsd_angle.auth_atom_id_1 
_pdbx_validate_rmsd_angle.auth_asym_id_1 
_pdbx_validate_rmsd_angle.auth_comp_id_1 
_pdbx_validate_rmsd_angle.auth_seq_id_1 
_pdbx_validate_rmsd_angle.PDB_ins_code_1 
_pdbx_validate_rmsd_angle.label_alt_id_1 
_pdbx_validate_rmsd_angle.auth_atom_id_2 
_pdbx_validate_rmsd_angle.auth_asym_id_2 
_pdbx_validate_rmsd_angle.auth_comp_id_2 
_pdbx_validate_rmsd_angle.auth_seq_id_2 
_pdbx_validate_rmsd_angle.PDB_ins_code_2 
_pdbx_validate_rmsd_angle.label_alt_id_2 
_pdbx_validate_rmsd_angle.auth_atom_id_3 
_pdbx_validate_rmsd_angle.auth_asym_id_3 
_pdbx_validate_rmsd_angle.auth_comp_id_3 
_pdbx_validate_rmsd_angle.auth_seq_id_3 
_pdbx_validate_rmsd_angle.PDB_ins_code_3 
_pdbx_validate_rmsd_angle.label_alt_id_3 
_pdbx_validate_rmsd_angle.angle_value 
_pdbx_validate_rmsd_angle.angle_target_value 
_pdbx_validate_rmsd_angle.angle_deviation 
_pdbx_validate_rmsd_angle.angle_standard_deviation 
_pdbx_validate_rmsd_angle.linker_flag 
1 1 NE AAA ARG 213 ? ? CZ AAA ARG 213 ? ? NH1 AAA ARG 213 ? ? 116.64 120.30 -3.66 0.50 N 
2 1 NE AAA ARG 213 ? ? CZ AAA ARG 213 ? ? NH2 AAA ARG 213 ? ? 123.70 120.30 3.40  0.50 N 
# 
loop_
_pdbx_validate_torsion.id 
_pdbx_validate_torsion.PDB_model_num 
_pdbx_validate_torsion.auth_comp_id 
_pdbx_validate_torsion.auth_asym_id 
_pdbx_validate_torsion.auth_seq_id 
_pdbx_validate_torsion.PDB_ins_code 
_pdbx_validate_torsion.label_alt_id 
_pdbx_validate_torsion.phi 
_pdbx_validate_torsion.psi 
1 1 ARG AAA 204 ? ? 46.88  73.85 
2 1 ASP AAA 205 ? ? 165.48 72.09 
# 
loop_
_chem_comp_atom.comp_id 
_chem_comp_atom.atom_id 
_chem_comp_atom.type_symbol 
_chem_comp_atom.pdbx_aromatic_flag 
_chem_comp_atom.pdbx_stereo_config 
_chem_comp_atom.pdbx_ordinal 
ALA N    N  N N 1   
ALA CA   C  N S 2   
ALA C    C  N N 3   
ALA O    O  N N 4   
ALA CB   C  N N 5   
ALA OXT  O  N N 6   
ALA H    H  N N 7   
ALA H2   H  N N 8   
ALA HA   H  N N 9   
ALA HB1  H  N N 10  
ALA HB2  H  N N 11  
ALA HB3  H  N N 12  
ALA HXT  H  N N 13  
ARG N    N  N N 14  
ARG CA   C  N S 15  
ARG C    C  N N 16  
ARG O    O  N N 17  
ARG CB   C  N N 18  
ARG CG   C  N N 19  
ARG CD   C  N N 20  
ARG NE   N  N N 21  
ARG CZ   C  N N 22  
ARG NH1  N  N N 23  
ARG NH2  N  N N 24  
ARG OXT  O  N N 25  
ARG H    H  N N 26  
ARG H2   H  N N 27  
ARG HA   H  N N 28  
ARG HB2  H  N N 29  
ARG HB3  H  N N 30  
ARG HG2  H  N N 31  
ARG HG3  H  N N 32  
ARG HD2  H  N N 33  
ARG HD3  H  N N 34  
ARG HE   H  N N 35  
ARG HH11 H  N N 36  
ARG HH12 H  N N 37  
ARG HH21 H  N N 38  
ARG HH22 H  N N 39  
ARG HXT  H  N N 40  
ASN N    N  N N 41  
ASN CA   C  N S 42  
ASN C    C  N N 43  
ASN O    O  N N 44  
ASN CB   C  N N 45  
ASN CG   C  N N 46  
ASN OD1  O  N N 47  
ASN ND2  N  N N 48  
ASN OXT  O  N N 49  
ASN H    H  N N 50  
ASN H2   H  N N 51  
ASN HA   H  N N 52  
ASN HB2  H  N N 53  
ASN HB3  H  N N 54  
ASN HD21 H  N N 55  
ASN HD22 H  N N 56  
ASN HXT  H  N N 57  
ASP N    N  N N 58  
ASP CA   C  N S 59  
ASP C    C  N N 60  
ASP O    O  N N 61  
ASP CB   C  N N 62  
ASP CG   C  N N 63  
ASP OD1  O  N N 64  
ASP OD2  O  N N 65  
ASP OXT  O  N N 66  
ASP H    H  N N 67  
ASP H2   H  N N 68  
ASP HA   H  N N 69  
ASP HB2  H  N N 70  
ASP HB3  H  N N 71  
ASP HD2  H  N N 72  
ASP HXT  H  N N 73  
CYS N    N  N N 74  
CYS CA   C  N R 75  
CYS C    C  N N 76  
CYS O    O  N N 77  
CYS CB   C  N N 78  
CYS SG   S  N N 79  
CYS OXT  O  N N 80  
CYS H    H  N N 81  
CYS H2   H  N N 82  
CYS HA   H  N N 83  
CYS HB2  H  N N 84  
CYS HB3  H  N N 85  
CYS HG   H  N N 86  
CYS HXT  H  N N 87  
EDO C1   C  N N 88  
EDO O1   O  N N 89  
EDO C2   C  N N 90  
EDO O2   O  N N 91  
EDO H11  H  N N 92  
EDO H12  H  N N 93  
EDO HO1  H  N N 94  
EDO H21  H  N N 95  
EDO H22  H  N N 96  
EDO HO2  H  N N 97  
GLN N    N  N N 98  
GLN CA   C  N S 99  
GLN C    C  N N 100 
GLN O    O  N N 101 
GLN CB   C  N N 102 
GLN CG   C  N N 103 
GLN CD   C  N N 104 
GLN OE1  O  N N 105 
GLN NE2  N  N N 106 
GLN OXT  O  N N 107 
GLN H    H  N N 108 
GLN H2   H  N N 109 
GLN HA   H  N N 110 
GLN HB2  H  N N 111 
GLN HB3  H  N N 112 
GLN HG2  H  N N 113 
GLN HG3  H  N N 114 
GLN HE21 H  N N 115 
GLN HE22 H  N N 116 
GLN HXT  H  N N 117 
GLU N    N  N N 118 
GLU CA   C  N S 119 
GLU C    C  N N 120 
GLU O    O  N N 121 
GLU CB   C  N N 122 
GLU CG   C  N N 123 
GLU CD   C  N N 124 
GLU OE1  O  N N 125 
GLU OE2  O  N N 126 
GLU OXT  O  N N 127 
GLU H    H  N N 128 
GLU H2   H  N N 129 
GLU HA   H  N N 130 
GLU HB2  H  N N 131 
GLU HB3  H  N N 132 
GLU HG2  H  N N 133 
GLU HG3  H  N N 134 
GLU HE2  H  N N 135 
GLU HXT  H  N N 136 
GLY N    N  N N 137 
GLY CA   C  N N 138 
GLY C    C  N N 139 
GLY O    O  N N 140 
GLY OXT  O  N N 141 
GLY H    H  N N 142 
GLY H2   H  N N 143 
GLY HA2  H  N N 144 
GLY HA3  H  N N 145 
GLY HXT  H  N N 146 
HIS N    N  N N 147 
HIS CA   C  N S 148 
HIS C    C  N N 149 
HIS O    O  N N 150 
HIS CB   C  N N 151 
HIS CG   C  Y N 152 
HIS ND1  N  Y N 153 
HIS CD2  C  Y N 154 
HIS CE1  C  Y N 155 
HIS NE2  N  Y N 156 
HIS OXT  O  N N 157 
HIS H    H  N N 158 
HIS H2   H  N N 159 
HIS HA   H  N N 160 
HIS HB2  H  N N 161 
HIS HB3  H  N N 162 
HIS HD1  H  N N 163 
HIS HD2  H  N N 164 
HIS HE1  H  N N 165 
HIS HE2  H  N N 166 
HIS HXT  H  N N 167 
HOH O    O  N N 168 
HOH H1   H  N N 169 
HOH H2   H  N N 170 
ILE N    N  N N 171 
ILE CA   C  N S 172 
ILE C    C  N N 173 
ILE O    O  N N 174 
ILE CB   C  N S 175 
ILE CG1  C  N N 176 
ILE CG2  C  N N 177 
ILE CD1  C  N N 178 
ILE OXT  O  N N 179 
ILE H    H  N N 180 
ILE H2   H  N N 181 
ILE HA   H  N N 182 
ILE HB   H  N N 183 
ILE HG12 H  N N 184 
ILE HG13 H  N N 185 
ILE HG21 H  N N 186 
ILE HG22 H  N N 187 
ILE HG23 H  N N 188 
ILE HD11 H  N N 189 
ILE HD12 H  N N 190 
ILE HD13 H  N N 191 
ILE HXT  H  N N 192 
LEU N    N  N N 193 
LEU CA   C  N S 194 
LEU C    C  N N 195 
LEU O    O  N N 196 
LEU CB   C  N N 197 
LEU CG   C  N N 198 
LEU CD1  C  N N 199 
LEU CD2  C  N N 200 
LEU OXT  O  N N 201 
LEU H    H  N N 202 
LEU H2   H  N N 203 
LEU HA   H  N N 204 
LEU HB2  H  N N 205 
LEU HB3  H  N N 206 
LEU HG   H  N N 207 
LEU HD11 H  N N 208 
LEU HD12 H  N N 209 
LEU HD13 H  N N 210 
LEU HD21 H  N N 211 
LEU HD22 H  N N 212 
LEU HD23 H  N N 213 
LEU HXT  H  N N 214 
LI  LI   LI N N 215 
LYS N    N  N N 216 
LYS CA   C  N S 217 
LYS C    C  N N 218 
LYS O    O  N N 219 
LYS CB   C  N N 220 
LYS CG   C  N N 221 
LYS CD   C  N N 222 
LYS CE   C  N N 223 
LYS NZ   N  N N 224 
LYS OXT  O  N N 225 
LYS H    H  N N 226 
LYS H2   H  N N 227 
LYS HA   H  N N 228 
LYS HB2  H  N N 229 
LYS HB3  H  N N 230 
LYS HG2  H  N N 231 
LYS HG3  H  N N 232 
LYS HD2  H  N N 233 
LYS HD3  H  N N 234 
LYS HE2  H  N N 235 
LYS HE3  H  N N 236 
LYS HZ1  H  N N 237 
LYS HZ2  H  N N 238 
LYS HZ3  H  N N 239 
LYS HXT  H  N N 240 
MET N    N  N N 241 
MET CA   C  N S 242 
MET C    C  N N 243 
MET O    O  N N 244 
MET CB   C  N N 245 
MET CG   C  N N 246 
MET SD   S  N N 247 
MET CE   C  N N 248 
MET OXT  O  N N 249 
MET H    H  N N 250 
MET H2   H  N N 251 
MET HA   H  N N 252 
MET HB2  H  N N 253 
MET HB3  H  N N 254 
MET HG2  H  N N 255 
MET HG3  H  N N 256 
MET HE1  H  N N 257 
MET HE2  H  N N 258 
MET HE3  H  N N 259 
MET HXT  H  N N 260 
NO3 N    N  N N 261 
NO3 O1   O  N N 262 
NO3 O2   O  N N 263 
NO3 O3   O  N N 264 
PGO C1   C  N N 265 
PGO C2   C  N S 266 
PGO C3   C  N N 267 
PGO O1   O  N N 268 
PGO O2   O  N N 269 
PGO H11  H  N N 270 
PGO H12  H  N N 271 
PGO H2   H  N N 272 
PGO H31  H  N N 273 
PGO H32  H  N N 274 
PGO H33  H  N N 275 
PGO HO1  H  N N 276 
PGO HO2  H  N N 277 
PHE N    N  N N 278 
PHE CA   C  N S 279 
PHE C    C  N N 280 
PHE O    O  N N 281 
PHE CB   C  N N 282 
PHE CG   C  Y N 283 
PHE CD1  C  Y N 284 
PHE CD2  C  Y N 285 
PHE CE1  C  Y N 286 
PHE CE2  C  Y N 287 
PHE CZ   C  Y N 288 
PHE OXT  O  N N 289 
PHE H    H  N N 290 
PHE H2   H  N N 291 
PHE HA   H  N N 292 
PHE HB2  H  N N 293 
PHE HB3  H  N N 294 
PHE HD1  H  N N 295 
PHE HD2  H  N N 296 
PHE HE1  H  N N 297 
PHE HE2  H  N N 298 
PHE HZ   H  N N 299 
PHE HXT  H  N N 300 
PRO N    N  N N 301 
PRO CA   C  N S 302 
PRO C    C  N N 303 
PRO O    O  N N 304 
PRO CB   C  N N 305 
PRO CG   C  N N 306 
PRO CD   C  N N 307 
PRO OXT  O  N N 308 
PRO H    H  N N 309 
PRO HA   H  N N 310 
PRO HB2  H  N N 311 
PRO HB3  H  N N 312 
PRO HG2  H  N N 313 
PRO HG3  H  N N 314 
PRO HD2  H  N N 315 
PRO HD3  H  N N 316 
PRO HXT  H  N N 317 
SER N    N  N N 318 
SER CA   C  N S 319 
SER C    C  N N 320 
SER O    O  N N 321 
SER CB   C  N N 322 
SER OG   O  N N 323 
SER OXT  O  N N 324 
SER H    H  N N 325 
SER H2   H  N N 326 
SER HA   H  N N 327 
SER HB2  H  N N 328 
SER HB3  H  N N 329 
SER HG   H  N N 330 
SER HXT  H  N N 331 
THR N    N  N N 332 
THR CA   C  N S 333 
THR C    C  N N 334 
THR O    O  N N 335 
THR CB   C  N R 336 
THR OG1  O  N N 337 
THR CG2  C  N N 338 
THR OXT  O  N N 339 
THR H    H  N N 340 
THR H2   H  N N 341 
THR HA   H  N N 342 
THR HB   H  N N 343 
THR HG1  H  N N 344 
THR HG21 H  N N 345 
THR HG22 H  N N 346 
THR HG23 H  N N 347 
THR HXT  H  N N 348 
TYR N    N  N N 349 
TYR CA   C  N S 350 
TYR C    C  N N 351 
TYR O    O  N N 352 
TYR CB   C  N N 353 
TYR CG   C  Y N 354 
TYR CD1  C  Y N 355 
TYR CD2  C  Y N 356 
TYR CE1  C  Y N 357 
TYR CE2  C  Y N 358 
TYR CZ   C  Y N 359 
TYR OH   O  N N 360 
TYR OXT  O  N N 361 
TYR H    H  N N 362 
TYR H2   H  N N 363 
TYR HA   H  N N 364 
TYR HB2  H  N N 365 
TYR HB3  H  N N 366 
TYR HD1  H  N N 367 
TYR HD2  H  N N 368 
TYR HE1  H  N N 369 
TYR HE2  H  N N 370 
TYR HH   H  N N 371 
TYR HXT  H  N N 372 
VAL N    N  N N 373 
VAL CA   C  N S 374 
VAL C    C  N N 375 
VAL O    O  N N 376 
VAL CB   C  N N 377 
VAL CG1  C  N N 378 
VAL CG2  C  N N 379 
VAL OXT  O  N N 380 
VAL H    H  N N 381 
VAL H2   H  N N 382 
VAL HA   H  N N 383 
VAL HB   H  N N 384 
VAL HG11 H  N N 385 
VAL HG12 H  N N 386 
VAL HG13 H  N N 387 
VAL HG21 H  N N 388 
VAL HG22 H  N N 389 
VAL HG23 H  N N 390 
VAL HXT  H  N N 391 
# 
loop_
_chem_comp_bond.comp_id 
_chem_comp_bond.atom_id_1 
_chem_comp_bond.atom_id_2 
_chem_comp_bond.value_order 
_chem_comp_bond.pdbx_aromatic_flag 
_chem_comp_bond.pdbx_stereo_config 
_chem_comp_bond.pdbx_ordinal 
ALA N   CA   sing N N 1   
ALA N   H    sing N N 2   
ALA N   H2   sing N N 3   
ALA CA  C    sing N N 4   
ALA CA  CB   sing N N 5   
ALA CA  HA   sing N N 6   
ALA C   O    doub N N 7   
ALA C   OXT  sing N N 8   
ALA CB  HB1  sing N N 9   
ALA CB  HB2  sing N N 10  
ALA CB  HB3  sing N N 11  
ALA OXT HXT  sing N N 12  
ARG N   CA   sing N N 13  
ARG N   H    sing N N 14  
ARG N   H2   sing N N 15  
ARG CA  C    sing N N 16  
ARG CA  CB   sing N N 17  
ARG CA  HA   sing N N 18  
ARG C   O    doub N N 19  
ARG C   OXT  sing N N 20  
ARG CB  CG   sing N N 21  
ARG CB  HB2  sing N N 22  
ARG CB  HB3  sing N N 23  
ARG CG  CD   sing N N 24  
ARG CG  HG2  sing N N 25  
ARG CG  HG3  sing N N 26  
ARG CD  NE   sing N N 27  
ARG CD  HD2  sing N N 28  
ARG CD  HD3  sing N N 29  
ARG NE  CZ   sing N N 30  
ARG NE  HE   sing N N 31  
ARG CZ  NH1  sing N N 32  
ARG CZ  NH2  doub N N 33  
ARG NH1 HH11 sing N N 34  
ARG NH1 HH12 sing N N 35  
ARG NH2 HH21 sing N N 36  
ARG NH2 HH22 sing N N 37  
ARG OXT HXT  sing N N 38  
ASN N   CA   sing N N 39  
ASN N   H    sing N N 40  
ASN N   H2   sing N N 41  
ASN CA  C    sing N N 42  
ASN CA  CB   sing N N 43  
ASN CA  HA   sing N N 44  
ASN C   O    doub N N 45  
ASN C   OXT  sing N N 46  
ASN CB  CG   sing N N 47  
ASN CB  HB2  sing N N 48  
ASN CB  HB3  sing N N 49  
ASN CG  OD1  doub N N 50  
ASN CG  ND2  sing N N 51  
ASN ND2 HD21 sing N N 52  
ASN ND2 HD22 sing N N 53  
ASN OXT HXT  sing N N 54  
ASP N   CA   sing N N 55  
ASP N   H    sing N N 56  
ASP N   H2   sing N N 57  
ASP CA  C    sing N N 58  
ASP CA  CB   sing N N 59  
ASP CA  HA   sing N N 60  
ASP C   O    doub N N 61  
ASP C   OXT  sing N N 62  
ASP CB  CG   sing N N 63  
ASP CB  HB2  sing N N 64  
ASP CB  HB3  sing N N 65  
ASP CG  OD1  doub N N 66  
ASP CG  OD2  sing N N 67  
ASP OD2 HD2  sing N N 68  
ASP OXT HXT  sing N N 69  
CYS N   CA   sing N N 70  
CYS N   H    sing N N 71  
CYS N   H2   sing N N 72  
CYS CA  C    sing N N 73  
CYS CA  CB   sing N N 74  
CYS CA  HA   sing N N 75  
CYS C   O    doub N N 76  
CYS C   OXT  sing N N 77  
CYS CB  SG   sing N N 78  
CYS CB  HB2  sing N N 79  
CYS CB  HB3  sing N N 80  
CYS SG  HG   sing N N 81  
CYS OXT HXT  sing N N 82  
EDO C1  O1   sing N N 83  
EDO C1  C2   sing N N 84  
EDO C1  H11  sing N N 85  
EDO C1  H12  sing N N 86  
EDO O1  HO1  sing N N 87  
EDO C2  O2   sing N N 88  
EDO C2  H21  sing N N 89  
EDO C2  H22  sing N N 90  
EDO O2  HO2  sing N N 91  
GLN N   CA   sing N N 92  
GLN N   H    sing N N 93  
GLN N   H2   sing N N 94  
GLN CA  C    sing N N 95  
GLN CA  CB   sing N N 96  
GLN CA  HA   sing N N 97  
GLN C   O    doub N N 98  
GLN C   OXT  sing N N 99  
GLN CB  CG   sing N N 100 
GLN CB  HB2  sing N N 101 
GLN CB  HB3  sing N N 102 
GLN CG  CD   sing N N 103 
GLN CG  HG2  sing N N 104 
GLN CG  HG3  sing N N 105 
GLN CD  OE1  doub N N 106 
GLN CD  NE2  sing N N 107 
GLN NE2 HE21 sing N N 108 
GLN NE2 HE22 sing N N 109 
GLN OXT HXT  sing N N 110 
GLU N   CA   sing N N 111 
GLU N   H    sing N N 112 
GLU N   H2   sing N N 113 
GLU CA  C    sing N N 114 
GLU CA  CB   sing N N 115 
GLU CA  HA   sing N N 116 
GLU C   O    doub N N 117 
GLU C   OXT  sing N N 118 
GLU CB  CG   sing N N 119 
GLU CB  HB2  sing N N 120 
GLU CB  HB3  sing N N 121 
GLU CG  CD   sing N N 122 
GLU CG  HG2  sing N N 123 
GLU CG  HG3  sing N N 124 
GLU CD  OE1  doub N N 125 
GLU CD  OE2  sing N N 126 
GLU OE2 HE2  sing N N 127 
GLU OXT HXT  sing N N 128 
GLY N   CA   sing N N 129 
GLY N   H    sing N N 130 
GLY N   H2   sing N N 131 
GLY CA  C    sing N N 132 
GLY CA  HA2  sing N N 133 
GLY CA  HA3  sing N N 134 
GLY C   O    doub N N 135 
GLY C   OXT  sing N N 136 
GLY OXT HXT  sing N N 137 
HIS N   CA   sing N N 138 
HIS N   H    sing N N 139 
HIS N   H2   sing N N 140 
HIS CA  C    sing N N 141 
HIS CA  CB   sing N N 142 
HIS CA  HA   sing N N 143 
HIS C   O    doub N N 144 
HIS C   OXT  sing N N 145 
HIS CB  CG   sing N N 146 
HIS CB  HB2  sing N N 147 
HIS CB  HB3  sing N N 148 
HIS CG  ND1  sing Y N 149 
HIS CG  CD2  doub Y N 150 
HIS ND1 CE1  doub Y N 151 
HIS ND1 HD1  sing N N 152 
HIS CD2 NE2  sing Y N 153 
HIS CD2 HD2  sing N N 154 
HIS CE1 NE2  sing Y N 155 
HIS CE1 HE1  sing N N 156 
HIS NE2 HE2  sing N N 157 
HIS OXT HXT  sing N N 158 
HOH O   H1   sing N N 159 
HOH O   H2   sing N N 160 
ILE N   CA   sing N N 161 
ILE N   H    sing N N 162 
ILE N   H2   sing N N 163 
ILE CA  C    sing N N 164 
ILE CA  CB   sing N N 165 
ILE CA  HA   sing N N 166 
ILE C   O    doub N N 167 
ILE C   OXT  sing N N 168 
ILE CB  CG1  sing N N 169 
ILE CB  CG2  sing N N 170 
ILE CB  HB   sing N N 171 
ILE CG1 CD1  sing N N 172 
ILE CG1 HG12 sing N N 173 
ILE CG1 HG13 sing N N 174 
ILE CG2 HG21 sing N N 175 
ILE CG2 HG22 sing N N 176 
ILE CG2 HG23 sing N N 177 
ILE CD1 HD11 sing N N 178 
ILE CD1 HD12 sing N N 179 
ILE CD1 HD13 sing N N 180 
ILE OXT HXT  sing N N 181 
LEU N   CA   sing N N 182 
LEU N   H    sing N N 183 
LEU N   H2   sing N N 184 
LEU CA  C    sing N N 185 
LEU CA  CB   sing N N 186 
LEU CA  HA   sing N N 187 
LEU C   O    doub N N 188 
LEU C   OXT  sing N N 189 
LEU CB  CG   sing N N 190 
LEU CB  HB2  sing N N 191 
LEU CB  HB3  sing N N 192 
LEU CG  CD1  sing N N 193 
LEU CG  CD2  sing N N 194 
LEU CG  HG   sing N N 195 
LEU CD1 HD11 sing N N 196 
LEU CD1 HD12 sing N N 197 
LEU CD1 HD13 sing N N 198 
LEU CD2 HD21 sing N N 199 
LEU CD2 HD22 sing N N 200 
LEU CD2 HD23 sing N N 201 
LEU OXT HXT  sing N N 202 
LYS N   CA   sing N N 203 
LYS N   H    sing N N 204 
LYS N   H2   sing N N 205 
LYS CA  C    sing N N 206 
LYS CA  CB   sing N N 207 
LYS CA  HA   sing N N 208 
LYS C   O    doub N N 209 
LYS C   OXT  sing N N 210 
LYS CB  CG   sing N N 211 
LYS CB  HB2  sing N N 212 
LYS CB  HB3  sing N N 213 
LYS CG  CD   sing N N 214 
LYS CG  HG2  sing N N 215 
LYS CG  HG3  sing N N 216 
LYS CD  CE   sing N N 217 
LYS CD  HD2  sing N N 218 
LYS CD  HD3  sing N N 219 
LYS CE  NZ   sing N N 220 
LYS CE  HE2  sing N N 221 
LYS CE  HE3  sing N N 222 
LYS NZ  HZ1  sing N N 223 
LYS NZ  HZ2  sing N N 224 
LYS NZ  HZ3  sing N N 225 
LYS OXT HXT  sing N N 226 
MET N   CA   sing N N 227 
MET N   H    sing N N 228 
MET N   H2   sing N N 229 
MET CA  C    sing N N 230 
MET CA  CB   sing N N 231 
MET CA  HA   sing N N 232 
MET C   O    doub N N 233 
MET C   OXT  sing N N 234 
MET CB  CG   sing N N 235 
MET CB  HB2  sing N N 236 
MET CB  HB3  sing N N 237 
MET CG  SD   sing N N 238 
MET CG  HG2  sing N N 239 
MET CG  HG3  sing N N 240 
MET SD  CE   sing N N 241 
MET CE  HE1  sing N N 242 
MET CE  HE2  sing N N 243 
MET CE  HE3  sing N N 244 
MET OXT HXT  sing N N 245 
NO3 N   O1   doub N N 246 
NO3 N   O2   sing N N 247 
NO3 N   O3   sing N N 248 
PGO C1  C2   sing N N 249 
PGO C1  O1   sing N N 250 
PGO C1  H11  sing N N 251 
PGO C1  H12  sing N N 252 
PGO C2  C3   sing N N 253 
PGO C2  O2   sing N N 254 
PGO C2  H2   sing N N 255 
PGO C3  H31  sing N N 256 
PGO C3  H32  sing N N 257 
PGO C3  H33  sing N N 258 
PGO O1  HO1  sing N N 259 
PGO O2  HO2  sing N N 260 
PHE N   CA   sing N N 261 
PHE N   H    sing N N 262 
PHE N   H2   sing N N 263 
PHE CA  C    sing N N 264 
PHE CA  CB   sing N N 265 
PHE CA  HA   sing N N 266 
PHE C   O    doub N N 267 
PHE C   OXT  sing N N 268 
PHE CB  CG   sing N N 269 
PHE CB  HB2  sing N N 270 
PHE CB  HB3  sing N N 271 
PHE CG  CD1  doub Y N 272 
PHE CG  CD2  sing Y N 273 
PHE CD1 CE1  sing Y N 274 
PHE CD1 HD1  sing N N 275 
PHE CD2 CE2  doub Y N 276 
PHE CD2 HD2  sing N N 277 
PHE CE1 CZ   doub Y N 278 
PHE CE1 HE1  sing N N 279 
PHE CE2 CZ   sing Y N 280 
PHE CE2 HE2  sing N N 281 
PHE CZ  HZ   sing N N 282 
PHE OXT HXT  sing N N 283 
PRO N   CA   sing N N 284 
PRO N   CD   sing N N 285 
PRO N   H    sing N N 286 
PRO CA  C    sing N N 287 
PRO CA  CB   sing N N 288 
PRO CA  HA   sing N N 289 
PRO C   O    doub N N 290 
PRO C   OXT  sing N N 291 
PRO CB  CG   sing N N 292 
PRO CB  HB2  sing N N 293 
PRO CB  HB3  sing N N 294 
PRO CG  CD   sing N N 295 
PRO CG  HG2  sing N N 296 
PRO CG  HG3  sing N N 297 
PRO CD  HD2  sing N N 298 
PRO CD  HD3  sing N N 299 
PRO OXT HXT  sing N N 300 
SER N   CA   sing N N 301 
SER N   H    sing N N 302 
SER N   H2   sing N N 303 
SER CA  C    sing N N 304 
SER CA  CB   sing N N 305 
SER CA  HA   sing N N 306 
SER C   O    doub N N 307 
SER C   OXT  sing N N 308 
SER CB  OG   sing N N 309 
SER CB  HB2  sing N N 310 
SER CB  HB3  sing N N 311 
SER OG  HG   sing N N 312 
SER OXT HXT  sing N N 313 
THR N   CA   sing N N 314 
THR N   H    sing N N 315 
THR N   H2   sing N N 316 
THR CA  C    sing N N 317 
THR CA  CB   sing N N 318 
THR CA  HA   sing N N 319 
THR C   O    doub N N 320 
THR C   OXT  sing N N 321 
THR CB  OG1  sing N N 322 
THR CB  CG2  sing N N 323 
THR CB  HB   sing N N 324 
THR OG1 HG1  sing N N 325 
THR CG2 HG21 sing N N 326 
THR CG2 HG22 sing N N 327 
THR CG2 HG23 sing N N 328 
THR OXT HXT  sing N N 329 
TYR N   CA   sing N N 330 
TYR N   H    sing N N 331 
TYR N   H2   sing N N 332 
TYR CA  C    sing N N 333 
TYR CA  CB   sing N N 334 
TYR CA  HA   sing N N 335 
TYR C   O    doub N N 336 
TYR C   OXT  sing N N 337 
TYR CB  CG   sing N N 338 
TYR CB  HB2  sing N N 339 
TYR CB  HB3  sing N N 340 
TYR CG  CD1  doub Y N 341 
TYR CG  CD2  sing Y N 342 
TYR CD1 CE1  sing Y N 343 
TYR CD1 HD1  sing N N 344 
TYR CD2 CE2  doub Y N 345 
TYR CD2 HD2  sing N N 346 
TYR CE1 CZ   doub Y N 347 
TYR CE1 HE1  sing N N 348 
TYR CE2 CZ   sing Y N 349 
TYR CE2 HE2  sing N N 350 
TYR CZ  OH   sing N N 351 
TYR OH  HH   sing N N 352 
TYR OXT HXT  sing N N 353 
VAL N   CA   sing N N 354 
VAL N   H    sing N N 355 
VAL N   H2   sing N N 356 
VAL CA  C    sing N N 357 
VAL CA  CB   sing N N 358 
VAL CA  HA   sing N N 359 
VAL C   O    doub N N 360 
VAL C   OXT  sing N N 361 
VAL CB  CG1  sing N N 362 
VAL CB  CG2  sing N N 363 
VAL CB  HB   sing N N 364 
VAL CG1 HG11 sing N N 365 
VAL CG1 HG12 sing N N 366 
VAL CG1 HG13 sing N N 367 
VAL CG2 HG21 sing N N 368 
VAL CG2 HG22 sing N N 369 
VAL CG2 HG23 sing N N 370 
VAL OXT HXT  sing N N 371 
# 
_pdbx_audit_support.funding_organization   'Other private' 
_pdbx_audit_support.country                Spain 
_pdbx_audit_support.grant_number           ? 
_pdbx_audit_support.ordinal                1 
# 
_pdbx_initial_refinement_model.id               1 
_pdbx_initial_refinement_model.entity_id_list   ? 
_pdbx_initial_refinement_model.type             'experimental model' 
_pdbx_initial_refinement_model.source_name      PDB 
_pdbx_initial_refinement_model.accession_code   5EMO 
_pdbx_initial_refinement_model.details          ? 
# 
_atom_sites.entry_id                    7Z8A 
_atom_sites.Cartn_transf_matrix[1][1]   ? 
_atom_sites.Cartn_transf_matrix[1][2]   ? 
_atom_sites.Cartn_transf_matrix[1][3]   ? 
_atom_sites.Cartn_transf_matrix[2][1]   ? 
_atom_sites.Cartn_transf_matrix[2][2]   ? 
_atom_sites.Cartn_transf_matrix[2][3]   ? 
_atom_sites.Cartn_transf_matrix[3][1]   ? 
_atom_sites.Cartn_transf_matrix[3][2]   ? 
_atom_sites.Cartn_transf_matrix[3][3]   ? 
_atom_sites.Cartn_transf_vector[1]      ? 
_atom_sites.Cartn_transf_vector[2]      ? 
_atom_sites.Cartn_transf_vector[3]      ? 
_atom_sites.fract_transf_matrix[1][1]   0.00222213 
_atom_sites.fract_transf_matrix[1][2]   0.00825187 
_atom_sites.fract_transf_matrix[1][3]   -0.01181910 
_atom_sites.fract_transf_matrix[2][1]   -0.01440336 
_atom_sites.fract_transf_matrix[2][2]   0.00079615 
_atom_sites.fract_transf_matrix[2][3]   -0.00215214 
_atom_sites.fract_transf_matrix[3][1]   -0.00047178 
_atom_sites.fract_transf_matrix[3][2]   0.00988944 
_atom_sites.fract_transf_matrix[3][3]   0.00681592 
_atom_sites.fract_transf_vector[1]      -0.248531 
_atom_sites.fract_transf_vector[2]      0.083809 
_atom_sites.fract_transf_vector[3]      -0.033214 
_atom_sites.solution_primary            ? 
_atom_sites.solution_secondary          ? 
_atom_sites.solution_hydrogens          ? 
_atom_sites.special_details             ? 
# 
loop_
_atom_type.symbol 
_atom_type.pdbx_scat_Z 
_atom_type.pdbx_N_electrons 
_atom_type.scat_Cromer_Mann_a1 
_atom_type.scat_Cromer_Mann_b1 
_atom_type.scat_Cromer_Mann_a2 
_atom_type.scat_Cromer_Mann_b2 
_atom_type.scat_Cromer_Mann_a3 
_atom_type.scat_Cromer_Mann_b3 
_atom_type.scat_Cromer_Mann_a4 
_atom_type.scat_Cromer_Mann_b4 
_atom_type.scat_Cromer_Mann_c 
C  6  6  2.310  20.844 1.020 10.208 1.589 0.569  0.865 51.651  0.216   
LI 3  3  1.128  3.955  0.751 1.052  0.618 85.391 0.465 168.261 0.038   
N  7  7  12.222 0.006  3.135 9.893  2.014 28.997 1.167 0.583   -11.538 
O  8  8  3.049  13.277 2.287 5.701  1.546 0.324  0.867 32.909  0.251   
S  16 16 6.905  1.468  5.203 22.215 1.438 0.254  1.586 56.172  1.050   
# 
loop_
_atom_site.group_PDB 
_atom_site.id 
_atom_site.type_symbol 
_atom_site.label_atom_id 
_atom_site.label_alt_id 
_atom_site.label_comp_id 
_atom_site.label_asym_id 
_atom_site.label_entity_id 
_atom_site.label_seq_id 
_atom_site.pdbx_PDB_ins_code 
_atom_site.Cartn_x 
_atom_site.Cartn_y 
_atom_site.Cartn_z 
_atom_site.occupancy 
_atom_site.B_iso_or_equiv 
_atom_site.pdbx_formal_charge 
_atom_site.auth_seq_id 
_atom_site.auth_comp_id 
_atom_site.auth_asym_id 
_atom_site.auth_atom_id 
_atom_site.pdbx_PDB_model_num 
_atom_site.calc_flag 
ATOM   1    N  N   . TYR A 1 1   ? -4.368  26.148  -6.394  1.000 32.436  0 145  TYR AAA N   1 ? 
ATOM   2    C  CA  . TYR A 1 1   ? -5.782  26.166  -5.927  1.000 32.323  0 145  TYR AAA CA  1 ? 
ATOM   3    C  C   . TYR A 1 1   ? -6.518  24.906  -6.357  1.000 37.052  0 145  TYR AAA C   1 ? 
ATOM   4    O  O   . TYR A 1 1   ? -6.316  24.458  -7.474  1.000 33.242  0 145  TYR AAA O   1 ? 
ATOM   5    C  CB  . TYR A 1 1   ? -6.567  27.250  -6.657  1.000 30.408  0 145  TYR AAA CB  1 ? 
ATOM   6    C  CG  . TYR A 1 1   ? -6.226  28.659  -6.268  1.000 31.517  0 145  TYR AAA CG  1 ? 
ATOM   7    C  CD1 . TYR A 1 1   ? -6.421  29.107  -4.959  1.000 29.244  0 145  TYR AAA CD1 1 ? 
ATOM   8    C  CD2 . TYR A 1 1   ? -5.670  29.528  -7.204  1.000 28.454  0 145  TYR AAA CD2 1 ? 
ATOM   9    C  CE1 . TYR A 1 1   ? -6.113  30.421  -4.602  1.000 32.769  0 145  TYR AAA CE1 1 ? 
ATOM   10   C  CE2 . TYR A 1 1   ? -5.336  30.830  -6.860  1.000 32.764  0 145  TYR AAA CE2 1 ? 
ATOM   11   C  CZ  . TYR A 1 1   ? -5.579  31.278  -5.567  1.000 37.223  0 145  TYR AAA CZ  1 ? 
ATOM   12   O  OH  . TYR A 1 1   ? -5.283  32.564  -5.234  1.000 40.437  0 145  TYR AAA OH  1 ? 
ATOM   13   N  N   . LEU A 1 2   ? -7.469  24.431  -5.535  1.000 33.095  0 146  LEU AAA N   1 ? 
ATOM   14   C  CA  . LEU A 1 2   ? -8.431  23.454  -6.021  1.000 33.912  0 146  LEU AAA CA  1 ? 
ATOM   15   C  C   . LEU A 1 2   ? -9.627  24.212  -6.564  1.000 35.575  0 146  LEU AAA C   1 ? 
ATOM   16   O  O   . LEU A 1 2   ? -10.176 25.124  -5.908  1.000 33.745  0 146  LEU AAA O   1 ? 
ATOM   17   C  CB  . LEU A 1 2   ? -8.933  22.554  -4.889  1.000 35.061  0 146  LEU AAA CB  1 ? 
ATOM   18   C  CG  . LEU A 1 2   ? -7.854  21.792  -4.121  1.000 42.876  0 146  LEU AAA CG  1 ? 
ATOM   19   C  CD1 . LEU A 1 2   ? -8.517  20.846  -3.115  1.000 41.415  0 146  LEU AAA CD1 1 ? 
ATOM   20   C  CD2 . LEU A 1 2   ? -6.982  20.988  -5.096  1.000 43.940  0 146  LEU AAA CD2 1 ? 
ATOM   21   N  N   . ASP A 1 3   ? -10.057 23.738  -7.730  1.000 34.316  0 147  ASP AAA N   1 ? 
ATOM   22   C  CA  . ASP A 1 3   ? -11.255 24.219  -8.389  1.000 33.550  0 147  ASP AAA CA  1 ? 
ATOM   23   C  C   . ASP A 1 3   ? -12.287 23.093  -8.382  1.000 36.106  0 147  ASP AAA C   1 ? 
ATOM   24   O  O   . ASP A 1 3   ? -12.128 22.085  -9.074  1.000 41.809  0 147  ASP AAA O   1 ? 
ATOM   25   C  CB  . ASP A 1 3   ? -10.936 24.618  -9.827  1.000 34.824  0 147  ASP AAA CB  1 ? 
ATOM   26   C  CG  . ASP A 1 3   ? -12.136 25.223  -10.534 1.000 47.547  0 147  ASP AAA CG  1 ? 
ATOM   27   O  OD1 . ASP A 1 3   ? -13.288 25.122  -10.002 1.000 48.549  0 147  ASP AAA OD1 1 ? 
ATOM   28   O  OD2 . ASP A 1 3   ? -11.929 25.761  -11.626 1.000 60.256  0 147  ASP AAA OD2 1 ? 
ATOM   29   N  N   . LEU A 1 4   ? -13.371 23.300  -7.622  1.000 35.694  0 148  LEU AAA N   1 ? 
ATOM   30   C  CA  . LEU A 1 4   ? -14.410 22.304  -7.415  1.000 34.869  0 148  LEU AAA CA  1 ? 
ATOM   31   C  C   . LEU A 1 4   ? -15.200 22.061  -8.691  1.000 33.813  0 148  LEU AAA C   1 ? 
ATOM   32   O  O   . LEU A 1 4   ? -15.923 21.089  -8.770  1.000 38.261  0 148  LEU AAA O   1 ? 
ATOM   33   C  CB  . LEU A 1 4   ? -15.365 22.826  -6.347  1.000 37.196  0 148  LEU AAA CB  1 ? 
ATOM   34   C  CG  . LEU A 1 4   ? -14.773 22.782  -4.951  1.000 39.574  0 148  LEU AAA CG  1 ? 
ATOM   35   C  CD1 . LEU A 1 4   ? -15.757 23.299  -3.912  1.000 42.716  0 148  LEU AAA CD1 1 ? 
ATOM   36   C  CD2 . LEU A 1 4   ? -14.250 21.396  -4.622  1.000 34.279  0 148  LEU AAA CD2 1 ? 
ATOM   37   N  N   . PHE A 1 5   ? -15.103 22.953  -9.668  1.000 31.708  0 149  PHE AAA N   1 ? 
ATOM   38   C  CA  . PHE A 1 5   ? -15.802 22.762  -10.926 1.000 38.876  0 149  PHE AAA CA  1 ? 
ATOM   39   C  C   . PHE A 1 5   ? -14.867 22.289  -12.037 1.000 44.623  0 149  PHE AAA C   1 ? 
ATOM   40   O  O   . PHE A 1 5   ? -15.275 22.272  -13.181 1.000 45.288  0 149  PHE AAA O   1 ? 
ATOM   41   C  CB  . PHE A 1 5   ? -16.484 24.068  -11.337 1.000 34.336  0 149  PHE AAA CB  1 ? 
ATOM   42   C  CG  . PHE A 1 5   ? -17.723 24.299  -10.518 1.000 41.170  0 149  PHE AAA CG  1 ? 
ATOM   43   C  CD1 . PHE A 1 5   ? -17.643 24.912  -9.263  1.000 40.317  0 149  PHE AAA CD1 1 ? 
ATOM   44   C  CD2 . PHE A 1 5   ? -18.952 23.821  -10.954 1.000 38.480  0 149  PHE AAA CD2 1 ? 
ATOM   45   C  CE1 . PHE A 1 5   ? -18.774 25.085  -8.473  1.000 44.446  0 149  PHE AAA CE1 1 ? 
ATOM   46   C  CE2 . PHE A 1 5   ? -20.082 24.007  -10.162 1.000 46.090  0 149  PHE AAA CE2 1 ? 
ATOM   47   C  CZ  . PHE A 1 5   ? -20.001 24.665  -8.948  1.000 38.478  0 149  PHE AAA CZ  1 ? 
ATOM   48   N  N   . SER A 1 6   ? -13.615 21.951  -11.726 1.000 39.028  0 150  SER AAA N   1 ? 
ATOM   49   C  CA  . SER A 1 6   ? -12.742 21.472  -12.782 1.000 40.969  0 150  SER AAA CA  1 ? 
ATOM   50   C  C   . SER A 1 6   ? -13.161 20.057  -13.220 1.000 41.718  0 150  SER AAA C   1 ? 
ATOM   51   O  O   . SER A 1 6   ? -13.762 19.300  -12.459 1.000 41.380  0 150  SER AAA O   1 ? 
ATOM   52   C  CB  . SER A 1 6   ? -11.339 21.512  -12.270 1.000 40.729  0 150  SER AAA CB  1 ? 
ATOM   53   O  OG  . SER A 1 6   ? -10.606 20.422  -12.749 1.000 43.854  0 150  SER AAA OG  1 ? 
ATOM   54   N  N   . HIS A 1 7   ? -12.789 19.656  -14.439 1.000 39.405  0 151  HIS AAA N   1 ? 
ATOM   55   C  CA  . HIS A 1 7   ? -13.027 18.287  -14.883 1.000 41.082  0 151  HIS AAA CA  1 ? 
ATOM   56   C  C   . HIS A 1 7   ? -11.859 17.370  -14.556 1.000 42.448  0 151  HIS AAA C   1 ? 
ATOM   57   O  O   . HIS A 1 7   ? -11.881 16.216  -14.938 1.000 41.015  0 151  HIS AAA O   1 ? 
ATOM   58   C  CB  . HIS A 1 7   ? -13.357 18.257  -16.384 1.000 53.871  0 151  HIS AAA CB  1 ? 
ATOM   59   C  CG  . HIS A 1 7   ? -14.677 18.910  -16.629 1.000 67.646  0 151  HIS AAA CG  1 ? 
ATOM   60   N  ND1 . HIS A 1 7   ? -14.789 20.243  -17.015 1.000 72.831  0 151  HIS AAA ND1 1 ? 
ATOM   61   C  CD2 . HIS A 1 7   ? -15.934 18.455  -16.438 1.000 69.329  0 151  HIS AAA CD2 1 ? 
ATOM   62   C  CE1 . HIS A 1 7   ? -16.059 20.570  -17.089 1.000 78.591  0 151  HIS AAA CE1 1 ? 
ATOM   63   N  NE2 . HIS A 1 7   ? -16.781 19.486  -16.736 1.000 82.045  0 151  HIS AAA NE2 1 ? 
ATOM   64   N  N   . LYS A 1 8   ? -10.816 17.870  -13.898 1.000 34.299  0 152  LYS AAA N   1 ? 
ATOM   65   C  CA  . LYS A 1 8   ? -9.776  16.929  -13.527 1.000 42.686  0 152  LYS AAA CA  1 ? 
ATOM   66   C  C   . LYS A 1 8   ? -10.129 16.311  -12.180 1.000 42.101  0 152  LYS AAA C   1 ? 
ATOM   67   O  O   . LYS A 1 8   ? -10.737 16.959  -11.345 1.000 46.817  0 152  LYS AAA O   1 ? 
ATOM   68   C  CB  . LYS A 1 8   ? -8.438  17.634  -13.358 1.000 39.131  0 152  LYS AAA CB  1 ? 
ATOM   69   C  CG  . LYS A 1 8   ? -7.855  18.249  -14.613 1.000 51.150  0 152  LYS AAA CG  1 ? 
ATOM   70   C  CD  . LYS A 1 8   ? -6.460  18.805  -14.337 1.000 63.286  0 152  LYS AAA CD  1 ? 
ATOM   71   C  CE  . LYS A 1 8   ? -5.894  19.637  -15.466 1.000 77.145  0 152  LYS AAA CE  1 ? 
ATOM   72   N  NZ  . LYS A 1 8   ? -5.401  20.956  -14.996 1.000 87.040  0 152  LYS AAA NZ  1 ? 
ATOM   73   N  N   . ASN A 1 9   ? -9.715  15.065  -11.972 1.000 41.561  0 153  ASN AAA N   1 ? 
ATOM   74   C  CA  . ASN A 1 9   ? -9.782  14.461  -10.658 1.000 38.678  0 153  ASN AAA CA  1 ? 
ATOM   75   C  C   . ASN A 1 9   ? -8.598  14.940  -9.838  1.000 38.268  0 153  ASN AAA C   1 ? 
ATOM   76   O  O   . ASN A 1 9   ? -7.572  15.327  -10.372 1.000 36.043  0 153  ASN AAA O   1 ? 
ATOM   77   C  CB  . ASN A 1 9   ? -9.668  12.951  -10.759 1.000 37.435  0 153  ASN AAA CB  1 ? 
ATOM   78   C  CG  . ASN A 1 9   ? -10.950 12.323  -11.244 1.000 43.874  0 153  ASN AAA CG  1 ? 
ATOM   79   O  OD1 . ASN A 1 9   ? -12.033 12.698  -10.782 1.000 38.355  0 153  ASN AAA OD1 1 ? 
ATOM   80   N  ND2 . ASN A 1 9   ? -10.817 11.357  -12.149 1.000 43.385  0 153  ASN AAA ND2 1 ? 
ATOM   81   N  N   . MET A 1 10  ? -8.720  14.873  -8.523  1.000 38.806  0 154  MET AAA N   1 ? 
ATOM   82   C  CA  . MET A 1 10  ? -7.533  14.913  -7.686  1.000 42.970  0 154  MET AAA CA  1 ? 
ATOM   83   C  C   . MET A 1 10  ? -6.972  13.492  -7.569  1.000 39.586  0 154  MET AAA C   1 ? 
ATOM   84   O  O   . MET A 1 10  ? -7.733  12.535  -7.473  1.000 38.158  0 154  MET AAA O   1 ? 
ATOM   85   C  CB  . MET A 1 10  ? -7.979  15.314  -6.278  1.000 49.699  0 154  MET AAA CB  1 ? 
ATOM   86   C  CG  . MET A 1 10  ? -7.623  16.710  -5.921  1.000 59.159  0 154  MET AAA CG  1 ? 
ATOM   87   S  SD  . MET A 1 10  ? -7.801  16.917  -4.137  1.000 53.625  0 154  MET AAA SD  1 ? 
ATOM   88   C  CE  . MET A 1 10  ? -6.193  16.361  -3.582  1.000 59.027  0 154  MET AAA CE  1 ? 
ATOM   89   N  N   . LYS A 1 11  ? -5.651  13.370  -7.457  1.000 37.150  0 155  LYS AAA N   1 ? 
ATOM   90   C  CA  . LYS A 1 11  ? -5.005  12.131  -7.066  1.000 41.978  0 155  LYS AAA CA  1 ? 
ATOM   91   C  C   . LYS A 1 11  ? -4.376  12.329  -5.687  1.000 39.659  0 155  LYS AAA C   1 ? 
ATOM   92   O  O   . LYS A 1 11  ? -3.872  13.397  -5.419  1.000 40.449  0 155  LYS AAA O   1 ? 
ATOM   93   C  CB  . LYS A 1 11  ? -3.939  11.773  -8.102  1.000 43.918  0 155  LYS AAA CB  1 ? 
ATOM   94   C  CG  . LYS A 1 11  ? -4.475  11.241  -9.423  1.000 51.507  0 155  LYS AAA CG  1 ? 
ATOM   95   C  CD  . LYS A 1 11  ? -3.336  10.823  -10.366 1.000 66.140  0 155  LYS AAA CD  1 ? 
ATOM   96   C  CE  . LYS A 1 11  ? -3.639  9.645   -11.279 1.000 75.826  0 155  LYS AAA CE  1 ? 
ATOM   97   N  NZ  . LYS A 1 11  ? -2.461  8.762   -11.511 1.000 79.168  0 155  LYS AAA NZ  1 ? 
ATOM   98   N  N   . LEU A 1 12  ? -4.495  11.362  -4.770  1.000 33.063  0 156  LEU AAA N   1 ? 
ATOM   99   C  CA  . LEU A 1 12  ? -3.676  11.410  -3.576  1.000 30.377  0 156  LEU AAA CA  1 ? 
ATOM   100  C  C   . LEU A 1 12  ? -2.926  10.092  -3.493  1.000 33.789  0 156  LEU AAA C   1 ? 
ATOM   101  O  O   . LEU A 1 12  ? -3.508  9.039   -3.747  1.000 33.648  0 156  LEU AAA O   1 ? 
ATOM   102  C  CB  . LEU A 1 12  ? -4.564  11.601  -2.343  1.000 30.786  0 156  LEU AAA CB  1 ? 
ATOM   103  C  CG  . LEU A 1 12  ? -5.378  12.894  -2.308  1.000 35.887  0 156  LEU AAA CG  1 ? 
ATOM   104  C  CD1 . LEU A 1 12  ? -6.409  12.824  -1.200  1.000 31.898  0 156  LEU AAA CD1 1 ? 
ATOM   105  C  CD2 . LEU A 1 12  ? -4.460  14.110  -2.130  1.000 31.758  0 156  LEU AAA CD2 1 ? 
ATOM   106  N  N   . LYS A 1 13  ? -1.638  10.158  -3.133  1.000 29.734  0 157  LYS AAA N   1 ? 
ATOM   107  C  CA  . LYS A 1 13  ? -0.843  8.950   -3.024  1.000 32.726  0 157  LYS AAA CA  1 ? 
ATOM   108  C  C   . LYS A 1 13  ? -0.014  9.045   -1.755  1.000 32.873  0 157  LYS AAA C   1 ? 
ATOM   109  O  O   . LYS A 1 13  ? 0.413   10.131  -1.406  1.000 33.205  0 157  LYS AAA O   1 ? 
ATOM   110  C  CB  . LYS A 1 13  ? 0.106   8.774   -4.204  1.000 32.645  0 157  LYS AAA CB  1 ? 
ATOM   111  C  CG  . LYS A 1 13  ? -0.564  8.803   -5.554  1.000 33.434  0 157  LYS AAA CG  1 ? 
ATOM   112  C  CD  . LYS A 1 13  ? 0.437   8.457   -6.642  1.000 41.737  0 157  LYS AAA CD  1 ? 
ATOM   113  C  CE  . LYS A 1 13  ? -0.107  8.642   -8.052  1.000 44.579  0 157  LYS AAA CE  1 ? 
ATOM   114  N  NZ  . LYS A 1 13  ? -1.344  7.844   -8.239  1.000 48.522  0 157  LYS AAA NZ  1 ? 
ATOM   115  N  N   . GLU A 1 14  ? 0.090   7.928   -1.023  1.000 29.857  0 158  GLU AAA N   1 ? 
ATOM   116  C  CA  . GLU A 1 14  ? 0.960   7.896   0.125   1.000 30.982  0 158  GLU AAA CA  1 ? 
ATOM   117  C  C   . GLU A 1 14  ? 1.656   6.549   0.127   1.000 29.597  0 158  GLU AAA C   1 ? 
ATOM   118  O  O   . GLU A 1 14  ? 1.079   5.532   -0.253  1.000 34.245  0 158  GLU AAA O   1 ? 
ATOM   119  C  CB  . GLU A 1 14  ? 0.170   8.113   1.425   1.000 39.366  0 158  GLU AAA CB  1 ? 
ATOM   120  C  CG  . GLU A 1 14  ? -0.272  9.553   1.697   1.000 44.238  0 158  GLU AAA CG  1 ? 
ATOM   121  C  CD  . GLU A 1 14  ? 0.782   10.648  1.922   1.000 52.126  0 158  GLU AAA CD  1 ? 
ATOM   122  O  OE1 . GLU A 1 14  ? 1.992   10.341  1.974   1.000 60.560  0 158  GLU AAA OE1 1 ? 
ATOM   123  O  OE2 . GLU A 1 14  ? 0.396   11.826  2.045   1.000 54.244  0 158  GLU AAA OE2 1 ? 
ATOM   124  N  N   . ARG A 1 15  ? 2.908   6.592   0.560   1.000 27.648  0 159  ARG AAA N   1 ? 
ATOM   125  C  CA  . ARG A 1 15  ? 3.739   5.439   0.801   1.000 29.767  0 159  ARG AAA CA  1 ? 
ATOM   126  C  C   . ARG A 1 15  ? 4.009   5.433   2.303   1.000 30.371  0 159  ARG AAA C   1 ? 
ATOM   127  O  O   . ARG A 1 15  ? 4.660   6.335   2.811   1.000 33.290  0 159  ARG AAA O   1 ? 
ATOM   128  C  CB  . ARG A 1 15  ? 5.068   5.591   0.045   1.000 29.349  0 159  ARG AAA CB  1 ? 
ATOM   129  C  CG  . ARG A 1 15  ? 4.914   5.524   -1.463  1.000 30.792  0 159  ARG AAA CG  1 ? 
ATOM   130  C  CD  . ARG A 1 15  ? 6.294   5.531   -2.087  1.000 35.187  0 159  ARG AAA CD  1 ? 
ATOM   131  N  NE  . ARG A 1 15  ? 6.089   5.723   -3.517  1.000 40.369  0 159  ARG AAA NE  1 ? 
ATOM   132  C  CZ  . ARG A 1 15  ? 5.970   4.777   -4.445  1.000 39.177  0 159  ARG AAA CZ  1 ? 
ATOM   133  N  NH1 . ARG A 1 15  ? 6.067   3.487   -4.145  1.000 35.932  0 159  ARG AAA NH1 1 ? 
ATOM   134  N  NH2 . ARG A 1 15  ? 5.814   5.148   -5.702  1.000 36.630  0 159  ARG AAA NH2 1 ? 
ATOM   135  N  N   . VAL A 1 16  ? 3.388   4.478   2.994   1.000 28.479  0 160  VAL AAA N   1 ? 
ATOM   136  C  CA  . VAL A 1 16  ? 3.472   4.351   4.432   1.000 26.780  0 160  VAL AAA CA  1 ? 
ATOM   137  C  C   . VAL A 1 16  ? 4.448   3.201   4.735   1.000 24.723  0 160  VAL AAA C   1 ? 
ATOM   138  O  O   . VAL A 1 16  ? 4.181   2.052   4.389   1.000 27.025  0 160  VAL AAA O   1 ? 
ATOM   139  C  CB  . VAL A 1 16  ? 2.080   4.012   5.002   1.000 30.935  0 160  VAL AAA CB  1 ? 
ATOM   140  C  CG1 . VAL A 1 16  ? 2.097   4.045   6.536   1.000 24.601  0 160  VAL AAA CG1 1 ? 
ATOM   141  C  CG2 . VAL A 1 16  ? 0.952   4.901   4.414   1.000 27.091  0 160  VAL AAA CG2 1 ? 
ATOM   142  N  N   . LEU A 1 17  ? 5.538   3.504   5.431   1.000 23.442  0 161  LEU AAA N   1 ? 
ATOM   143  C  CA  . LEU A 1 17  ? 6.510   2.488   5.817   1.000 28.851  0 161  LEU AAA CA  1 ? 
ATOM   144  C  C   . LEU A 1 17  ? 5.848   1.450   6.695   1.000 31.455  0 161  LEU AAA C   1 ? 
ATOM   145  O  O   . LEU A 1 17  ? 5.156   1.790   7.664   1.000 24.224  0 161  LEU AAA O   1 ? 
ATOM   146  C  CB  . LEU A 1 17  ? 7.642   3.112   6.623   1.000 29.126  0 161  LEU AAA CB  1 ? 
ATOM   147  C  CG  . LEU A 1 17  ? 8.595   3.907   5.735   1.000 39.900  0 161  LEU AAA CG  1 ? 
ATOM   148  C  CD1 . LEU A 1 17  ? 9.448   4.877   6.573   1.000 36.219  0 161  LEU AAA CD1 1 ? 
ATOM   149  C  CD2 . LEU A 1 17  ? 9.490   2.938   4.965   1.000 34.872  0 161  LEU AAA CD2 1 ? 
ATOM   150  N  N   . ILE A 1 18  ? 6.146   0.198   6.363   1.000 30.232  0 162  ILE AAA N   1 ? 
ATOM   151  C  CA  . ILE A 1 18  ? 5.816   -0.860  7.283   1.000 30.723  0 162  ILE AAA CA  1 ? 
ATOM   152  C  C   . ILE A 1 18  ? 6.875   -0.846  8.375   1.000 33.764  0 162  ILE AAA C   1 ? 
ATOM   153  O  O   . ILE A 1 18  ? 8.050   -0.972  8.056   1.000 35.600  0 162  ILE AAA O   1 ? 
ATOM   154  C  CB  . ILE A 1 18  ? 5.728   -2.206  6.555   1.000 27.027  0 162  ILE AAA CB  1 ? 
ATOM   155  C  CG1 . ILE A 1 18  ? 4.513   -2.192  5.631   1.000 25.349  0 162  ILE AAA CG1 1 ? 
ATOM   156  C  CG2 . ILE A 1 18  ? 5.681   -3.324  7.600   1.000 25.837  0 162  ILE AAA CG2 1 ? 
ATOM   157  C  CD1 . ILE A 1 18  ? 4.315   -3.410  4.715   1.000 31.162  0 162  ILE AAA CD1 1 ? 
ATOM   158  N  N   . PRO A 1 19  ? 6.489   -0.732  9.671   1.000 31.646  0 163  PRO AAA N   1 ? 
ATOM   159  C  CA  . PRO A 1 19  ? 7.458   -0.530  10.755  1.000 30.424  0 163  PRO AAA CA  1 ? 
ATOM   160  C  C   . PRO A 1 19  ? 8.178   -1.788  11.239  1.000 32.300  0 163  PRO AAA C   1 ? 
ATOM   161  O  O   . PRO A 1 19  ? 7.959   -2.259  12.354  1.000 35.858  0 163  PRO AAA O   1 ? 
ATOM   162  C  CB  . PRO A 1 19  ? 6.596   0.099   11.854  1.000 28.239  0 163  PRO AAA CB  1 ? 
ATOM   163  C  CG  . PRO A 1 19  ? 5.272   -0.618  11.665  1.000 32.956  0 163  PRO AAA CG  1 ? 
ATOM   164  C  CD  . PRO A 1 19  ? 5.092   -0.711  10.153  1.000 28.387  0 163  PRO AAA CD  1 ? 
ATOM   165  N  N   . VAL A 1 20  ? 9.050   -2.313  10.378  1.000 31.770  0 164  VAL AAA N   1 ? 
ATOM   166  C  CA  . VAL A 1 20  ? 9.775   -3.551  10.593  1.000 36.282  0 164  VAL AAA CA  1 ? 
ATOM   167  C  C   . VAL A 1 20  ? 10.720  -3.377  11.784  1.000 38.338  0 164  VAL AAA C   1 ? 
ATOM   168  O  O   . VAL A 1 20  ? 10.933  -4.321  12.550  1.000 44.598  0 164  VAL AAA O   1 ? 
ATOM   169  C  CB  . VAL A 1 20  ? 10.486  -4.064  9.312   1.000 34.460  0 164  VAL AAA CB  1 ? 
ATOM   170  C  CG1 . VAL A 1 20  ? 9.470   -4.500  8.282   1.000 31.049  0 164  VAL AAA CG1 1 ? 
ATOM   171  C  CG2 . VAL A 1 20  ? 11.403  -3.003  8.688   1.000 33.075  0 164  VAL AAA CG2 1 ? 
ATOM   172  N  N   . LYS A 1 21  ? 11.205  -2.151  11.996  1.000 42.234  0 165  LYS AAA N   1 ? 
ATOM   173  C  CA  . LYS A 1 21  ? 12.103  -1.885  13.114  1.000 46.107  0 165  LYS AAA CA  1 ? 
ATOM   174  C  C   . LYS A 1 21  ? 11.361  -1.919  14.445  1.000 41.967  0 165  LYS AAA C   1 ? 
ATOM   175  O  O   . LYS A 1 21  ? 11.893  -2.430  15.414  1.000 45.122  0 165  LYS AAA O   1 ? 
ATOM   176  C  CB  . LYS A 1 21  ? 13.016  -0.677  12.878  1.000 50.274  0 165  LYS AAA CB  1 ? 
ATOM   177  C  CG  . LYS A 1 21  ? 14.115  -1.032  11.877  1.000 65.649  0 165  LYS AAA CG  1 ? 
ATOM   178  C  CD  . LYS A 1 21  ? 15.145  0.017   11.528  1.000 78.168  0 165  LYS AAA CD  1 ? 
ATOM   179  C  CE  . LYS A 1 21  ? 16.229  -0.603  10.666  1.000 82.369  0 165  LYS AAA CE  1 ? 
ATOM   180  N  NZ  . LYS A 1 21  ? 17.376  0.314   10.490  1.000 103.452 0 165  LYS AAA NZ  1 ? 
ATOM   181  N  N   . GLN A 1 22  ? 10.127  -1.420  14.479  1.000 36.593  0 166  GLN AAA N   1 ? 
ATOM   182  C  CA  . GLN A 1 22  ? 9.361   -1.388  15.710  1.000 39.406  0 166  GLN AAA CA  1 ? 
ATOM   183  C  C   . GLN A 1 22  ? 8.831   -2.782  16.024  1.000 37.264  0 166  GLN AAA C   1 ? 
ATOM   184  O  O   . GLN A 1 22  ? 8.538   -3.066  17.174  1.000 42.634  0 166  GLN AAA O   1 ? 
ATOM   185  C  CB  . GLN A 1 22  ? 8.218   -0.381  15.631  1.000 41.219  0 166  GLN AAA CB  1 ? 
ATOM   186  C  CG  . GLN A 1 22  ? 8.650   1.051   15.914  1.000 48.520  0 166  GLN AAA CG  1 ? 
ATOM   187  C  CD  . GLN A 1 22  ? 9.257   1.666   14.677  1.000 58.566  0 166  GLN AAA CD  1 ? 
ATOM   188  O  OE1 . GLN A 1 22  ? 8.956   1.267   13.546  1.000 60.268  0 166  GLN AAA OE1 1 ? 
ATOM   189  N  NE2 . GLN A 1 22  ? 10.128  2.645   14.873  1.000 54.511  0 166  GLN AAA NE2 1 ? 
ATOM   190  N  N   . TYR A 1 23  ? 8.631   -3.605  14.991  1.000 36.024  0 167  TYR AAA N   1 ? 
ATOM   191  C  CA  . TYR A 1 23  ? 8.093   -4.944  15.166  1.000 34.260  0 167  TYR AAA CA  1 ? 
ATOM   192  C  C   . TYR A 1 23  ? 8.875   -5.907  14.287  1.000 32.673  0 167  TYR AAA C   1 ? 
ATOM   193  O  O   . TYR A 1 23  ? 8.398   -6.361  13.248  1.000 36.133  0 167  TYR AAA O   1 ? 
ATOM   194  C  CB  . TYR A 1 23  ? 6.615   -5.051  14.799  1.000 32.082  0 167  TYR AAA CB  1 ? 
ATOM   195  C  CG  . TYR A 1 23  ? 5.737   -4.069  15.499  1.000 36.378  0 167  TYR AAA CG  1 ? 
ATOM   196  C  CD1 . TYR A 1 23  ? 5.443   -2.863  14.895  1.000 30.684  0 167  TYR AAA CD1 1 ? 
ATOM   197  C  CD2 . TYR A 1 23  ? 5.179   -4.353  16.744  1.000 35.016  0 167  TYR AAA CD2 1 ? 
ATOM   198  C  CE1 . TYR A 1 23  ? 4.596   -1.949  15.497  1.000 36.767  0 167  TYR AAA CE1 1 ? 
ATOM   199  C  CE2 . TYR A 1 23  ? 4.331   -3.439  17.363  1.000 37.152  0 167  TYR AAA CE2 1 ? 
ATOM   200  C  CZ  . TYR A 1 23  ? 4.058   -2.224  16.744  1.000 39.830  0 167  TYR AAA CZ  1 ? 
ATOM   201  O  OH  . TYR A 1 23  ? 3.283   -1.271  17.350  1.000 42.619  0 167  TYR AAA OH  1 ? 
ATOM   202  N  N   . PRO A 1 24  ? 10.099  -6.264  14.711  1.000 35.879  0 168  PRO AAA N   1 ? 
ATOM   203  C  CA  . PRO A 1 24  ? 11.031  -6.960  13.833  1.000 36.030  0 168  PRO AAA CA  1 ? 
ATOM   204  C  C   . PRO A 1 24  ? 10.600  -8.354  13.409  1.000 36.335  0 168  PRO AAA C   1 ? 
ATOM   205  O  O   . PRO A 1 24  ? 11.140  -8.849  12.440  1.000 40.195  0 168  PRO AAA O   1 ? 
ATOM   206  C  CB  . PRO A 1 24  ? 12.385  -6.929  14.552  1.000 37.327  0 168  PRO AAA CB  1 ? 
ATOM   207  C  CG  . PRO A 1 24  ? 12.073  -6.474  15.984  1.000 39.949  0 168  PRO AAA CG  1 ? 
ATOM   208  C  CD  . PRO A 1 24  ? 10.680  -5.889  16.005  1.000 38.212  0 168  PRO AAA CD  1 ? 
ATOM   209  N  N   . LYS A 1 25  ? 9.619   -8.981  14.089  1.000 35.827  0 169  LYS AAA N   1 ? 
ATOM   210  C  CA  . LYS A 1 25  ? 9.306   -10.364 13.746  1.000 39.236  0 169  LYS AAA CA  1 ? 
ATOM   211  C  C   . LYS A 1 25  ? 7.855   -10.528 13.278  1.000 38.452  0 169  LYS AAA C   1 ? 
ATOM   212  O  O   . LYS A 1 25  ? 7.429   -11.621 12.936  1.000 38.191  0 169  LYS AAA O   1 ? 
ATOM   213  C  CB  . LYS A 1 25  ? 9.640   -11.297 14.912  1.000 45.818  0 169  LYS AAA CB  1 ? 
ATOM   214  C  CG  . LYS A 1 25  ? 11.109  -11.353 15.293  1.000 50.341  0 169  LYS AAA CG  1 ? 
ATOM   215  C  CD  . LYS A 1 25  ? 11.381  -12.548 16.162  1.000 58.294  0 169  LYS AAA CD  1 ? 
ATOM   216  C  CE  . LYS A 1 25  ? 12.860  -12.800 16.332  1.000 74.655  0 169  LYS AAA CE  1 ? 
ATOM   217  N  NZ  . LYS A 1 25  ? 13.090  -14.226 16.649  1.000 91.592  0 169  LYS AAA NZ  1 ? 
ATOM   218  N  N   . PHE A 1 26  ? 7.108   -9.437  13.222  1.000 33.079  0 170  PHE AAA N   1 ? 
ATOM   219  C  CA  . PHE A 1 26  ? 5.718   -9.493  12.819  1.000 35.652  0 170  PHE AAA CA  1 ? 
ATOM   220  C  C   . PHE A 1 26  ? 5.622   -9.636  11.293  1.000 39.288  0 170  PHE AAA C   1 ? 
ATOM   221  O  O   . PHE A 1 26  ? 6.259   -8.907  10.524  1.000 32.241  0 170  PHE AAA O   1 ? 
ATOM   222  C  CB  . PHE A 1 26  ? 5.041   -8.245  13.370  1.000 32.305  0 170  PHE AAA CB  1 ? 
ATOM   223  C  CG  . PHE A 1 26  ? 3.546   -8.216  13.254  1.000 36.601  0 170  PHE AAA CG  1 ? 
ATOM   224  C  CD1 . PHE A 1 26  ? 2.938   -7.838  12.063  1.000 33.177  0 170  PHE AAA CD1 1 ? 
ATOM   225  C  CD2 . PHE A 1 26  ? 2.749   -8.518  14.353  1.000 29.663  0 170  PHE AAA CD2 1 ? 
ATOM   226  C  CE1 . PHE A 1 26  ? 1.548   -7.801  11.952  1.000 32.259  0 170  PHE AAA CE1 1 ? 
ATOM   227  C  CE2 . PHE A 1 26  ? 1.367   -8.461  14.249  1.000 29.241  0 170  PHE AAA CE2 1 ? 
ATOM   228  C  CZ  . PHE A 1 26  ? 0.763   -8.123  13.042  1.000 32.986  0 170  PHE AAA CZ  1 ? 
ATOM   229  N  N   . ASN A 1 27  ? 4.820   -10.610 10.854  1.000 36.864  0 171  ASN AAA N   1 ? 
ATOM   230  C  CA  . ASN A 1 27  ? 4.676   -10.870 9.438   1.000 36.677  0 171  ASN AAA CA  1 ? 
ATOM   231  C  C   . ASN A 1 27  ? 3.614   -9.944  8.841   1.000 33.558  0 171  ASN AAA C   1 ? 
ATOM   232  O  O   . ASN A 1 27  ? 2.455   -10.320 8.666   1.000 35.034  0 171  ASN AAA O   1 ? 
ATOM   233  C  CB  . ASN A 1 27  ? 4.336   -12.339 9.190   1.000 35.390  0 171  ASN AAA CB  1 ? 
ATOM   234  C  CG  . ASN A 1 27  ? 4.254   -12.621 7.708   1.000 40.321  0 171  ASN AAA CG  1 ? 
ATOM   235  O  OD1 . ASN A 1 27  ? 4.653   -11.796 6.887   1.000 36.652  0 171  ASN AAA OD1 1 ? 
ATOM   236  N  ND2 . ASN A 1 27  ? 3.691   -13.758 7.359   1.000 43.213  0 171  ASN AAA ND2 1 ? 
ATOM   237  N  N   . PHE A 1 28  ? 4.012   -8.709  8.529   1.000 33.811  0 172  PHE AAA N   1 ? 
ATOM   238  C  CA  . PHE A 1 28  ? 3.033   -7.741  8.074   1.000 30.723  0 172  PHE AAA CA  1 ? 
ATOM   239  C  C   . PHE A 1 28  ? 2.556   -8.106  6.682   1.000 31.857  0 172  PHE AAA C   1 ? 
ATOM   240  O  O   . PHE A 1 28  ? 1.379   -7.919  6.343   1.000 31.302  0 172  PHE AAA O   1 ? 
ATOM   241  C  CB  . PHE A 1 28  ? 3.654   -6.359  8.017   1.000 30.599  0 172  PHE AAA CB  1 ? 
ATOM   242  C  CG  . PHE A 1 28  ? 3.886   -5.707  9.352   1.000 28.540  0 172  PHE AAA CG  1 ? 
ATOM   243  C  CD1 . PHE A 1 28  ? 2.864   -5.014  9.993   1.000 28.247  0 172  PHE AAA CD1 1 ? 
ATOM   244  C  CD2 . PHE A 1 28  ? 5.150   -5.734  9.915   1.000 27.569  0 172  PHE AAA CD2 1 ? 
ATOM   245  C  CE1 . PHE A 1 28  ? 3.102   -4.377  11.205  1.000 27.513  0 172  PHE AAA CE1 1 ? 
ATOM   246  C  CE2 . PHE A 1 28  ? 5.394   -5.067  11.094  1.000 26.756  0 172  PHE AAA CE2 1 ? 
ATOM   247  C  CZ  . PHE A 1 28  ? 4.358   -4.432  11.748  1.000 27.444  0 172  PHE AAA CZ  1 ? 
ATOM   248  N  N   . VAL A 1 29  ? 3.489   -8.572  5.853   1.000 32.061  0 173  VAL AAA N   1 ? 
ATOM   249  C  CA  . VAL A 1 29  ? 3.110   -8.932  4.498   1.000 38.389  0 173  VAL AAA CA  1 ? 
ATOM   250  C  C   . VAL A 1 29  ? 2.019   -10.012 4.521   1.000 37.620  0 173  VAL AAA C   1 ? 
ATOM   251  O  O   . VAL A 1 29  ? 0.995   -9.858  3.861   1.000 38.054  0 173  VAL AAA O   1 ? 
ATOM   252  C  CB  . VAL A 1 29  ? 4.320   -9.333  3.631   1.000 40.671  0 173  VAL AAA CB  1 ? 
ATOM   253  C  CG1 . VAL A 1 29  ? 3.848   -9.761  2.247   1.000 37.944  0 173  VAL AAA CG1 1 ? 
ATOM   254  C  CG2 . VAL A 1 29  ? 5.306   -8.179  3.509   1.000 35.649  0 173  VAL AAA CG2 1 ? 
ATOM   255  N  N   . GLY A 1 30  ? 2.237   -11.115 5.260   1.000 37.179  0 174  GLY AAA N   1 ? 
ATOM   256  C  CA  . GLY A 1 30  ? 1.213   -12.150 5.384   1.000 34.004  0 174  GLY AAA CA  1 ? 
ATOM   257  C  C   . GLY A 1 30  ? -0.116  -11.609 5.937   1.000 33.816  0 174  GLY AAA C   1 ? 
ATOM   258  O  O   . GLY A 1 30  ? -1.219  -11.890 5.443   1.000 35.717  0 174  GLY AAA O   1 ? 
ATOM   259  N  N   . LYS A 1 31  ? -0.020  -10.790 6.971   1.000 31.960  0 175  LYS AAA N   1 ? 
ATOM   260  C  CA  . LYS A 1 31  ? -1.224  -10.261 7.607   1.000 31.204  0 175  LYS AAA CA  1 ? 
ATOM   261  C  C   . LYS A 1 31  ? -1.983  -9.325  6.657   1.000 33.436  0 175  LYS AAA C   1 ? 
ATOM   262  O  O   . LYS A 1 31  ? -3.222  -9.329  6.601   1.000 34.623  0 175  LYS AAA O   1 ? 
ATOM   263  C  CB  . LYS A 1 31  ? -0.798  -9.650  8.958   1.000 33.142  0 175  LYS AAA CB  1 ? 
ATOM   264  C  CG  . LYS A 1 31  ? -1.870  -8.900  9.737   1.000 35.496  0 175  LYS AAA CG  1 ? 
ATOM   265  C  CD  . LYS A 1 31  ? -3.031  -9.801  10.136  1.000 40.951  0 175  LYS AAA CD  1 ? 
ATOM   266  C  CE  . LYS A 1 31  ? -3.913  -9.134  11.178  1.000 48.612  0 175  LYS AAA CE  1 ? 
ATOM   267  N  NZ  . LYS A 1 31  ? -4.872  -10.086 11.785  1.000 56.982  0 175  LYS AAA NZ  1 ? 
ATOM   268  N  N   . ILE A 1 32  ? -1.265  -8.492  5.899   1.000 31.722  0 176  ILE AAA N   1 ? 
ATOM   269  C  CA  . ILE A 1 32  ? -1.943  -7.547  5.026   1.000 32.054  0 176  ILE AAA CA  1 ? 
ATOM   270  C  C   . ILE A 1 32  ? -2.514  -8.249  3.797   1.000 33.187  0 176  ILE AAA C   1 ? 
ATOM   271  O  O   . ILE A 1 32  ? -3.615  -7.890  3.366   1.000 34.860  0 176  ILE AAA O   1 ? 
ATOM   272  C  CB  . ILE A 1 32  ? -1.023  -6.379  4.596   1.000 32.607  0 176  ILE AAA CB  1 ? 
ATOM   273  C  CG1 . ILE A 1 32  ? -0.644  -5.534  5.806   1.000 37.713  0 176  ILE AAA CG1 1 ? 
ATOM   274  C  CG2 . ILE A 1 32  ? -1.742  -5.487  3.588   1.000 34.766  0 176  ILE AAA CG2 1 ? 
ATOM   275  C  CD1 . ILE A 1 32  ? 0.652   -4.726  5.628   1.000 42.865  0 176  ILE AAA CD1 1 ? 
ATOM   276  N  N   . LEU A 1 33  ? -1.749  -9.160  3.170   1.000 33.464  0 177  LEU AAA N   1 ? 
ATOM   277  C  CA  . LEU A 1 33  ? -2.265  -9.790  1.949   1.000 35.276  0 177  LEU AAA CA  1 ? 
ATOM   278  C  C   . LEU A 1 33  ? -3.409  -10.728 2.327   1.000 35.100  0 177  LEU AAA C   1 ? 
ATOM   279  O  O   . LEU A 1 33  ? -4.524  -10.652 1.786   1.000 35.114  0 177  LEU AAA O   1 ? 
ATOM   280  C  CB  . LEU A 1 33  ? -1.134  -10.484 1.178   1.000 33.799  0 177  LEU AAA CB  1 ? 
ATOM   281  C  CG  . LEU A 1 33  ? 0.009   -9.554  0.709   1.000 37.570  0 177  LEU AAA CG  1 ? 
ATOM   282  C  CD1 . LEU A 1 33  ? 1.116   -10.294 -0.018  1.000 38.078  0 177  LEU AAA CD1 1 ? 
ATOM   283  C  CD2 . LEU A 1 33  ? -0.476  -8.403  -0.146  1.000 32.038  0 177  LEU AAA CD2 1 ? 
ATOM   284  N  N   . GLY A 1 34  ? -3.164  -11.506 3.390   1.000 38.974  0 178  GLY AAA N   1 ? 
ATOM   285  C  CA  . GLY A 1 34  ? -4.103  -12.529 3.797   1.000 41.237  0 178  GLY AAA CA  1 ? 
ATOM   286  C  C   . GLY A 1 34  ? -4.019  -13.752 2.891   1.000 41.271  0 178  GLY AAA C   1 ? 
ATOM   287  O  O   . GLY A 1 34  ? -3.294  -13.774 1.898   1.000 39.997  0 178  GLY AAA O   1 ? 
ATOM   288  N  N   . PRO A 1 35  ? -4.742  -14.840 3.227   1.000 54.473  0 179  PRO AAA N   1 ? 
ATOM   289  C  CA  . PRO A 1 35  ? -4.670  -16.052 2.405   1.000 53.426  0 179  PRO AAA CA  1 ? 
ATOM   290  C  C   . PRO A 1 35  ? -5.171  -15.694 1.002   1.000 45.471  0 179  PRO AAA C   1 ? 
ATOM   291  O  O   . PRO A 1 35  ? -6.222  -15.078 0.866   1.000 41.362  0 179  PRO AAA O   1 ? 
ATOM   292  C  CB  . PRO A 1 35  ? -5.585  -17.023 3.172   1.000 50.486  0 179  PRO AAA CB  1 ? 
ATOM   293  C  CG  . PRO A 1 35  ? -6.539  -16.110 3.945   1.000 56.187  0 179  PRO AAA CG  1 ? 
ATOM   294  C  CD  . PRO A 1 35  ? -5.682  -14.935 4.366   1.000 48.828  0 179  PRO AAA CD  1 ? 
ATOM   295  N  N   . GLN A 1 36  ? -4.363  -16.027 -0.013  1.000 52.868  0 180  GLN AAA N   1 ? 
ATOM   296  C  CA  . GLN A 1 36  ? -4.601  -15.738 -1.422  1.000 53.795  0 180  GLN AAA CA  1 ? 
ATOM   297  C  C   . GLN A 1 36  ? -4.864  -14.258 -1.659  1.000 60.275  0 180  GLN AAA C   1 ? 
ATOM   298  O  O   . GLN A 1 36  ? -5.547  -13.931 -2.622  1.000 66.175  0 180  GLN AAA O   1 ? 
ATOM   299  C  CB  . GLN A 1 36  ? -5.805  -16.496 -1.983  1.000 57.523  0 180  GLN AAA CB  1 ? 
ATOM   300  C  CG  . GLN A 1 36  ? -5.518  -17.952 -2.330  1.000 74.007  0 180  GLN AAA CG  1 ? 
ATOM   301  C  CD  . GLN A 1 36  ? -5.797  -18.767 -1.095  1.000 84.185  0 180  GLN AAA CD  1 ? 
ATOM   302  O  OE1 . GLN A 1 36  ? -4.900  -19.366 -0.503  1.000 100.549 0 180  GLN AAA OE1 1 ? 
ATOM   303  N  NE2 . GLN A 1 36  ? -7.049  -18.742 -0.662  1.000 84.495  0 180  GLN AAA NE2 1 ? 
ATOM   304  N  N   . GLY A 1 37  ? -4.348  -13.377 -0.790  1.000 54.568  0 181  GLY AAA N   1 ? 
ATOM   305  C  CA  . GLY A 1 37  ? -4.506  -11.951 -1.012  1.000 45.750  0 181  GLY AAA CA  1 ? 
ATOM   306  C  C   . GLY A 1 37  ? -5.946  -11.479 -0.811  1.000 49.333  0 181  GLY AAA C   1 ? 
ATOM   307  O  O   . GLY A 1 37  ? -6.312  -10.403 -1.289  1.000 44.350  0 181  GLY AAA O   1 ? 
ATOM   308  N  N   . ASN A 1 38  ? -6.744  -12.249 -0.057  1.000 40.140  0 182  ASN AAA N   1 ? 
ATOM   309  C  CA  . ASN A 1 38  ? -8.111  -11.838 0.173   1.000 43.121  0 182  ASN AAA CA  1 ? 
ATOM   310  C  C   . ASN A 1 38  ? -8.209  -10.660 1.134   1.000 45.566  0 182  ASN AAA C   1 ? 
ATOM   311  O  O   . ASN A 1 38  ? -9.161  -9.884  1.040   1.000 42.298  0 182  ASN AAA O   1 ? 
ATOM   312  C  CB  . ASN A 1 38  ? -8.957  -12.990 0.703   1.000 58.799  0 182  ASN AAA CB  1 ? 
ATOM   313  C  CG  . ASN A 1 38  ? -9.222  -13.940 -0.435  1.000 68.269  0 182  ASN AAA CG  1 ? 
ATOM   314  O  OD1 . ASN A 1 38  ? -8.709  -15.055 -0.433  1.000 81.309  0 182  ASN AAA OD1 1 ? 
ATOM   315  N  ND2 . ASN A 1 38  ? -9.933  -13.469 -1.452  1.000 68.726  0 182  ASN AAA ND2 1 ? 
ATOM   316  N  N   . THR A 1 39  ? -7.275  -10.557 2.095   1.000 40.607  0 183  THR AAA N   1 ? 
ATOM   317  C  CA  . THR A 1 39  ? -7.379  -9.448  3.032   1.000 38.634  0 183  THR AAA CA  1 ? 
ATOM   318  C  C   . THR A 1 39  ? -7.174  -8.125  2.295   1.000 33.983  0 183  THR AAA C   1 ? 
ATOM   319  O  O   . THR A 1 39  ? -7.975  -7.191  2.437   1.000 34.187  0 183  THR AAA O   1 ? 
ATOM   320  C  CB  . THR A 1 39  ? -6.375  -9.538  4.181   1.000 42.656  0 183  THR AAA CB  1 ? 
ATOM   321  O  OG1 . THR A 1 39  ? -6.559  -10.816 4.776   1.000 38.274  0 183  THR AAA OG1 1 ? 
ATOM   322  C  CG2 . THR A 1 39  ? -6.539  -8.408  5.180   1.000 36.951  0 183  THR AAA CG2 1 ? 
ATOM   323  N  N   . ILE A 1 40  ? -6.126  -8.065  1.467   1.000 34.109  0 184  ILE AAA N   1 ? 
ATOM   324  C  CA  . ILE A 1 40  ? -5.871  -6.820  0.769   1.000 35.022  0 184  ILE AAA CA  1 ? 
ATOM   325  C  C   . ILE A 1 40  ? -6.962  -6.544  -0.266  1.000 38.872  0 184  ILE AAA C   1 ? 
ATOM   326  O  O   . ILE A 1 40  ? -7.373  -5.386  -0.432  1.000 43.405  0 184  ILE AAA O   1 ? 
ATOM   327  C  CB  . ILE A 1 40  ? -4.449  -6.752  0.196   1.000 37.895  0 184  ILE AAA CB  1 ? 
ATOM   328  C  CG1 . ILE A 1 40  ? -4.159  -5.346  -0.340  1.000 36.379  0 184  ILE AAA CG1 1 ? 
ATOM   329  C  CG2 . ILE A 1 40  ? -4.262  -7.814  -0.867  1.000 39.665  0 184  ILE AAA CG2 1 ? 
ATOM   330  C  CD1 . ILE A 1 40  ? -2.709  -4.949  -0.264  1.000 47.515  0 184  ILE AAA CD1 1 ? 
ATOM   331  N  N   . LYS A 1 41  ? -7.451  -7.603  -0.931  1.000 40.865  0 185  LYS AAA N   1 ? 
ATOM   332  C  CA  . LYS A 1 41  ? -8.611  -7.471  -1.803  1.000 45.062  0 185  LYS AAA CA  1 ? 
ATOM   333  C  C   . LYS A 1 41  ? -9.760  -6.795  -1.043  1.000 43.473  0 185  LYS AAA C   1 ? 
ATOM   334  O  O   . LYS A 1 41  ? -10.296 -5.752  -1.445  1.000 39.506  0 185  LYS AAA O   1 ? 
ATOM   335  C  CB  . LYS A 1 41  ? -8.995  -8.849  -2.346  1.000 55.125  0 185  LYS AAA CB  1 ? 
ATOM   336  C  CG  . LYS A 1 41  ? -10.243 -8.868  -3.218  1.000 67.990  0 185  LYS AAA CG  1 ? 
ATOM   337  C  CD  . LYS A 1 41  ? -10.203 -9.925  -4.302  1.000 77.960  0 185  LYS AAA CD  1 ? 
ATOM   338  C  CE  . LYS A 1 41  ? -11.198 -9.692  -5.425  1.000 88.368  0 185  LYS AAA CE  1 ? 
ATOM   339  N  NZ  . LYS A 1 41  ? -12.458 -10.452 -5.235  1.000 84.754  0 185  LYS AAA NZ  1 ? 
ATOM   340  N  N   . ARG A 1 42  ? -10.116 -7.346  0.114   1.000 40.129  0 186  ARG AAA N   1 ? 
ATOM   341  C  CA  . ARG A 1 42  ? -11.244 -6.777  0.835   1.000 44.851  0 186  ARG AAA CA  1 ? 
ATOM   342  C  C   . ARG A 1 42  ? -10.922 -5.354  1.284   1.000 44.788  0 186  ARG AAA C   1 ? 
ATOM   343  O  O   . ARG A 1 42  ? -11.782 -4.477  1.277   1.000 43.818  0 186  ARG AAA O   1 ? 
ATOM   344  C  CB  . ARG A 1 42  ? -11.553 -7.596  2.083   1.000 46.331  0 186  ARG AAA CB  1 ? 
ATOM   345  C  CG  . ARG A 1 42  ? -12.208 -8.942  1.808   1.000 64.488  0 186  ARG AAA CG  1 ? 
ATOM   346  C  CD  . ARG A 1 42  ? -12.370 -9.772  3.083   1.000 77.414  0 186  ARG AAA CD  1 ? 
ATOM   347  N  NE  . ARG A 1 42  ? -13.760 -10.163 3.298   1.000 98.805  0 186  ARG AAA NE  1 ? 
ATOM   348  C  CZ  . ARG A 1 42  ? -14.625 -9.558  4.118   1.000 102.566 0 186  ARG AAA CZ  1 ? 
ATOM   349  N  NH1 . ARG A 1 42  ? -14.258 -8.513  4.844   1.000 97.441  0 186  ARG AAA NH1 1 ? 
ATOM   350  N  NH2 . ARG A 1 42  ? -15.865 -10.008 4.204   1.000 97.586  0 186  ARG AAA NH2 1 ? 
ATOM   351  N  N   . LEU A 1 43  ? -9.662  -5.128  1.667   1.000 39.327  0 187  LEU AAA N   1 ? 
ATOM   352  C  CA  . LEU A 1 43  ? -9.253  -3.813  2.134   1.000 39.652  0 187  LEU AAA CA  1 ? 
ATOM   353  C  C   . LEU A 1 43  ? -9.530  -2.764  1.056   1.000 36.582  0 187  LEU AAA C   1 ? 
ATOM   354  O  O   . LEU A 1 43  ? -10.065 -1.679  1.358   1.000 35.349  0 187  LEU AAA O   1 ? 
ATOM   355  C  CB  . LEU A 1 43  ? -7.775  -3.895  2.504   1.000 42.131  0 187  LEU AAA CB  1 ? 
ATOM   356  C  CG  . LEU A 1 43  ? -7.208  -2.783  3.373   1.000 47.087  0 187  LEU AAA CG  1 ? 
ATOM   357  C  CD1 . LEU A 1 43  ? -8.138  -2.426  4.533   1.000 50.173  0 187  LEU AAA CD1 1 ? 
ATOM   358  C  CD2 . LEU A 1 43  ? -5.824  -3.197  3.874   1.000 48.003  0 187  LEU AAA CD2 1 ? 
ATOM   359  N  N   . GLN A 1 44  ? -9.194  -3.112  -0.193  1.000 32.824  0 188  GLN AAA N   1 ? 
ATOM   360  C  CA  . GLN A 1 44  ? -9.417  -2.200  -1.304  1.000 39.789  0 188  GLN AAA CA  1 ? 
ATOM   361  C  C   . GLN A 1 44  ? -10.897 -1.980  -1.544  1.000 40.187  0 188  GLN AAA C   1 ? 
ATOM   362  O  O   . GLN A 1 44  ? -11.282 -0.840  -1.801  1.000 48.305  0 188  GLN AAA O   1 ? 
ATOM   363  C  CB  . GLN A 1 44  ? -8.716  -2.602  -2.596  1.000 32.785  0 188  GLN AAA CB  1 ? 
ATOM   364  C  CG  . GLN A 1 44  ? -7.226  -2.453  -2.439  1.000 35.375  0 188  GLN AAA CG  1 ? 
ATOM   365  C  CD  . GLN A 1 44  ? -6.433  -3.114  -3.528  1.000 37.843  0 188  GLN AAA CD  1 ? 
ATOM   366  O  OE1 . GLN A 1 44  ? -5.904  -2.438  -4.392  1.000 43.213  0 188  GLN AAA OE1 1 ? 
ATOM   367  N  NE2 . GLN A 1 44  ? -6.295  -4.431  -3.448  1.000 40.080  0 188  GLN AAA NE2 1 ? 
ATOM   368  N  N   . GLU A 1 45  ? -11.696 -3.053  -1.483  1.000 47.227  0 189  GLU AAA N   1 ? 
ATOM   369  C  CA  . GLU A 1 45  ? -13.121 -2.902  -1.765  1.000 49.969  0 189  GLU AAA CA  1 ? 
ATOM   370  C  C   . GLU A 1 45  ? -13.759 -2.023  -0.694  1.000 51.128  0 189  GLU AAA C   1 ? 
ATOM   371  O  O   . GLU A 1 45  ? -14.461 -1.088  -1.016  1.000 53.374  0 189  GLU AAA O   1 ? 
ATOM   372  C  CB  . GLU A 1 45  ? -13.823 -4.244  -1.896  1.000 50.964  0 189  GLU AAA CB  1 ? 
ATOM   373  C  CG  . GLU A 1 45  ? -13.240 -5.089  -3.007  1.000 63.194  0 189  GLU AAA CG  1 ? 
ATOM   374  C  CD  . GLU A 1 45  ? -13.596 -6.568  -2.908  1.000 72.938  0 189  GLU AAA CD  1 ? 
ATOM   375  O  OE1 . GLU A 1 45  ? -14.165 -6.969  -1.873  1.000 73.896  0 189  GLU AAA OE1 1 ? 
ATOM   376  O  OE2 . GLU A 1 45  ? -13.317 -7.320  -3.868  1.000 79.087  0 189  GLU AAA OE2 1 ? 
ATOM   377  N  N   . GLU A 1 46  ? -13.444 -2.258  0.580   1.000 50.655  0 190  GLU AAA N   1 ? 
ATOM   378  C  CA  . GLU A 1 46  ? -14.052 -1.480  1.643   1.000 49.926  0 190  GLU AAA CA  1 ? 
ATOM   379  C  C   . GLU A 1 46  ? -13.630 -0.008  1.635   1.000 50.648  0 190  GLU AAA C   1 ? 
ATOM   380  O  O   . GLU A 1 46  ? -14.378 0.848   2.124   1.000 52.084  0 190  GLU AAA O   1 ? 
ATOM   381  C  CB  . GLU A 1 46  ? -13.758 -2.115  3.001   1.000 59.187  0 190  GLU AAA CB  1 ? 
ATOM   382  C  CG  . GLU A 1 46  ? -14.402 -3.481  3.139   1.000 89.922  0 190  GLU AAA CG  1 ? 
ATOM   383  C  CD  . GLU A 1 46  ? -14.050 -4.293  4.379   1.000 110.348 0 190  GLU AAA CD  1 ? 
ATOM   384  O  OE1 . GLU A 1 46  ? -12.853 -4.604  4.574   1.000 129.869 0 190  GLU AAA OE1 1 ? 
ATOM   385  O  OE2 . GLU A 1 46  ? -14.981 -4.632  5.139   1.000 126.956 0 190  GLU AAA OE2 1 ? 
ATOM   386  N  N   . THR A 1 47  ? -12.408 0.301   1.182   1.000 39.580  0 191  THR AAA N   1 ? 
ATOM   387  C  CA  . THR A 1 47  ? -11.964 1.675   1.326   1.000 37.275  0 191  THR AAA CA  1 ? 
ATOM   388  C  C   . THR A 1 47  ? -12.143 2.415   0.012   1.000 39.919  0 191  THR AAA C   1 ? 
ATOM   389  O  O   . THR A 1 47  ? -12.108 3.653   0.015   1.000 44.879  0 191  THR AAA O   1 ? 
ATOM   390  C  CB  . THR A 1 47  ? -10.489 1.787   1.742   1.000 36.726  0 191  THR AAA CB  1 ? 
ATOM   391  O  OG1 . THR A 1 47  ? -9.716  1.169   0.697   1.000 34.903  0 191  THR AAA OG1 1 ? 
ATOM   392  C  CG2 . THR A 1 47  ? -10.232 1.145   3.092   1.000 39.817  0 191  THR AAA CG2 1 ? 
ATOM   393  N  N   . GLY A 1 48  ? -12.250 1.665   -1.095  1.000 36.988  0 192  GLY AAA N   1 ? 
ATOM   394  C  CA  . GLY A 1 48  ? -12.262 2.294   -2.415  1.000 40.585  0 192  GLY AAA CA  1 ? 
ATOM   395  C  C   . GLY A 1 48  ? -10.888 2.842   -2.841  1.000 39.954  0 192  GLY AAA C   1 ? 
ATOM   396  O  O   . GLY A 1 48  ? -10.786 3.652   -3.758  1.000 38.012  0 192  GLY AAA O   1 ? 
ATOM   397  N  N   . ALA A 1 49  ? -9.816  2.451   -2.147  1.000 34.257  0 193  ALA AAA N   1 ? 
ATOM   398  C  CA  . ALA A 1 49  ? -8.484  2.887   -2.560  1.000 33.649  0 193  ALA AAA CA  1 ? 
ATOM   399  C  C   . ALA A 1 49  ? -7.791  1.723   -3.246  1.000 33.024  0 193  ALA AAA C   1 ? 
ATOM   400  O  O   . ALA A 1 49  ? -8.095  0.585   -2.913  1.000 33.149  0 193  ALA AAA O   1 ? 
ATOM   401  C  CB  . ALA A 1 49  ? -7.657  3.299   -1.368  1.000 28.145  0 193  ALA AAA CB  1 ? 
ATOM   402  N  N   . LYS A 1 50  ? -6.819  2.041   -4.122  1.000 31.388  0 194  LYS AAA N   1 ? 
ATOM   403  C  CA  . LYS A 1 50  ? -5.848  1.066   -4.571  1.000 33.863  0 194  LYS AAA CA  1 ? 
ATOM   404  C  C   . LYS A 1 50  ? -4.765  0.983   -3.494  1.000 35.312  0 194  LYS AAA C   1 ? 
ATOM   405  O  O   . LYS A 1 50  ? -4.274  2.008   -3.052  1.000 39.590  0 194  LYS AAA O   1 ? 
ATOM   406  C  CB  . LYS A 1 50  ? -5.310  1.583   -5.900  1.000 39.305  0 194  LYS AAA CB  1 ? 
ATOM   407  C  CG  . LYS A 1 50  ? -4.521  0.622   -6.764  1.000 46.309  0 194  LYS AAA CG  1 ? 
ATOM   408  C  CD  . LYS A 1 50  ? -4.097  1.301   -8.073  1.000 62.738  0 194  LYS AAA CD  1 ? 
ATOM   409  C  CE  . LYS A 1 50  ? -3.284  0.420   -9.008  1.000 71.977  0 194  LYS AAA CE  1 ? 
ATOM   410  N  NZ  . LYS A 1 50  ? -2.111  -0.166  -8.315  1.000 76.897  0 194  LYS AAA NZ  1 ? 
ATOM   411  N  N   . ILE A 1 51  ? -4.430  -0.236  -3.040  1.000 35.997  0 195  ILE AAA N   1 ? 
ATOM   412  C  CA  . ILE A 1 51  ? -3.474  -0.420  -1.959  1.000 32.410  0 195  ILE AAA CA  1 ? 
ATOM   413  C  C   . ILE A 1 51  ? -2.587  -1.586  -2.363  1.000 35.720  0 195  ILE AAA C   1 ? 
ATOM   414  O  O   . ILE A 1 51  ? -3.113  -2.664  -2.574  1.000 34.326  0 195  ILE AAA O   1 ? 
ATOM   415  C  CB  . ILE A 1 51  ? -4.202  -0.750  -0.635  1.000 28.559  0 195  ILE AAA CB  1 ? 
ATOM   416  C  CG1 . ILE A 1 51  ? -5.231  0.314   -0.245  1.000 27.311  0 195  ILE AAA CG1 1 ? 
ATOM   417  C  CG2 . ILE A 1 51  ? -3.220  -1.074  0.504   1.000 26.325  0 195  ILE AAA CG2 1 ? 
ATOM   418  C  CD1 . ILE A 1 51  ? -6.176  -0.143  0.888   1.000 31.282  0 195  ILE AAA CD1 1 ? 
ATOM   419  N  N   . SER A 1 52  ? -1.265  -1.369  -2.362  1.000 33.028  0 196  SER AAA N   1 ? 
ATOM   420  C  CA  . SER A 1 52  ? -0.297  -2.405  -2.671  1.000 34.100  0 196  SER AAA CA  1 ? 
ATOM   421  C  C   . SER A 1 52  ? 0.780   -2.426  -1.604  1.000 29.437  0 196  SER AAA C   1 ? 
ATOM   422  O  O   . SER A 1 52  ? 1.174   -1.383  -1.084  1.000 29.274  0 196  SER AAA O   1 ? 
ATOM   423  C  CB  . SER A 1 52  ? 0.391   -2.174  -4.001  1.000 35.341  0 196  SER AAA CB  1 ? 
ATOM   424  O  OG  . SER A 1 52  ? -0.254  -1.165  -4.747  1.000 48.782  0 196  SER AAA OG  1 ? 
ATOM   425  N  N   . VAL A 1 53  ? 1.322   -3.612  -1.370  1.000 27.989  0 197  VAL AAA N   1 ? 
ATOM   426  C  CA  . VAL A 1 53  ? 2.493   -3.728  -0.524  1.000 28.739  0 197  VAL AAA CA  1 ? 
ATOM   427  C  C   . VAL A 1 53  ? 3.687   -3.795  -1.462  1.000 28.378  0 197  VAL AAA C   1 ? 
ATOM   428  O  O   . VAL A 1 53  ? 3.718   -4.642  -2.348  1.000 33.877  0 197  VAL AAA O   1 ? 
ATOM   429  C  CB  . VAL A 1 53  ? 2.381   -5.037  0.264   1.000 28.171  0 197  VAL AAA CB  1 ? 
ATOM   430  C  CG1 . VAL A 1 53  ? 3.599   -5.234  1.124   1.000 23.960  0 197  VAL AAA CG1 1 ? 
ATOM   431  C  CG2 . VAL A 1 53  ? 1.068   -5.060  1.052   1.000 32.257  0 197  VAL AAA CG2 1 ? 
ATOM   432  N  N   . LEU A 1 54  ? 4.667   -2.926  -1.258  1.000 30.660  0 198  LEU AAA N   1 ? 
ATOM   433  C  CA  . LEU A 1 54  ? 5.802   -2.831  -2.174  1.000 29.086  0 198  LEU AAA CA  1 ? 
ATOM   434  C  C   . LEU A 1 54  ? 7.092   -2.832  -1.377  1.000 27.902  0 198  LEU AAA C   1 ? 
ATOM   435  O  O   . LEU A 1 54  ? 7.068   -2.667  -0.166  1.000 30.011  0 198  LEU AAA O   1 ? 
ATOM   436  C  CB  . LEU A 1 54  ? 5.691   -1.535  -2.981  1.000 27.209  0 198  LEU AAA CB  1 ? 
ATOM   437  C  CG  . LEU A 1 54  ? 4.436   -1.408  -3.850  1.000 32.886  0 198  LEU AAA CG  1 ? 
ATOM   438  C  CD1 . LEU A 1 54  ? 4.442   -0.087  -4.615  1.000 25.700  0 198  LEU AAA CD1 1 ? 
ATOM   439  C  CD2 . LEU A 1 54  ? 4.305   -2.587  -4.833  1.000 30.236  0 198  LEU AAA CD2 1 ? 
ATOM   440  N  N   . GLY A 1 55  ? 8.225   -2.992  -2.076  1.000 31.450  0 199  GLY AAA N   1 ? 
ATOM   441  C  CA  . GLY A 1 55  ? 9.519   -2.965  -1.423  1.000 27.077  0 199  GLY AAA CA  1 ? 
ATOM   442  C  C   . GLY A 1 55  ? 10.003  -4.367  -1.075  1.000 30.827  0 199  GLY AAA C   1 ? 
ATOM   443  O  O   . GLY A 1 55  ? 9.311   -5.355  -1.339  1.000 34.410  0 199  GLY AAA O   1 ? 
ATOM   444  N  N   . LYS A 1 56  ? 11.199  -4.432  -0.473  1.000 33.212  0 200  LYS AAA N   1 ? 
ATOM   445  C  CA  . LYS A 1 56  ? 11.857  -5.702  -0.254  1.000 39.553  0 200  LYS AAA CA  1 ? 
ATOM   446  C  C   . LYS A 1 56  ? 11.077  -6.469  0.806   1.000 42.865  0 200  LYS AAA C   1 ? 
ATOM   447  O  O   . LYS A 1 56  ? 10.748  -5.929  1.867   1.000 43.595  0 200  LYS AAA O   1 ? 
ATOM   448  C  CB  . LYS A 1 56  ? 13.324  -5.517  0.138   1.000 39.944  0 200  LYS AAA CB  1 ? 
ATOM   449  C  CG  . LYS A 1 56  ? 13.525  -4.614  1.338   1.000 56.864  0 200  LYS AAA CG  1 ? 
ATOM   450  C  CD  . LYS A 1 56  ? 14.991  -4.306  1.700   1.000 66.200  0 200  LYS AAA CD  1 ? 
ATOM   451  C  CE  . LYS A 1 56  ? 15.124  -2.942  2.369   1.000 56.793  0 200  LYS AAA CE  1 ? 
ATOM   452  N  NZ  . LYS A 1 56  ? 16.533  -2.540  2.575   1.000 71.266  0 200  LYS AAA NZ  1 ? 
ATOM   453  N  N   . GLY A 1 57  ? 10.789  -7.727  0.481   1.000 37.205  0 201  GLY AAA N   1 ? 
ATOM   454  C  CA  . GLY A 1 57  ? 10.050  -8.601  1.364   1.000 35.659  0 201  GLY AAA CA  1 ? 
ATOM   455  C  C   . GLY A 1 57  ? 8.571   -8.588  1.017   1.000 35.812  0 201  GLY AAA C   1 ? 
ATOM   456  O  O   . GLY A 1 57  ? 7.813   -9.333  1.624   1.000 43.198  0 201  GLY AAA O   1 ? 
ATOM   457  N  N   . SER A 1 58  ? 8.173   -7.780  0.019   1.000 33.522  0 202  SER AAA N   1 ? 
ATOM   458  C  CA  . SER A 1 58  ? 6.752   -7.637  -0.273  1.000 34.951  0 202  SER AAA CA  1 ? 
ATOM   459  C  C   . SER A 1 58  ? 6.183   -8.895  -0.919  1.000 37.087  0 202  SER AAA C   1 ? 
ATOM   460  O  O   . SER A 1 58  ? 4.978   -8.999  -1.116  1.000 41.824  0 202  SER AAA O   1 ? 
ATOM   461  C  CB  . SER A 1 58  ? 6.440   -6.441  -1.130  1.000 33.713  0 202  SER AAA CB  1 ? 
ATOM   462  O  OG  . SER A 1 58  ? 7.225   -6.461  -2.304  1.000 30.139  0 202  SER AAA OG  1 ? 
ATOM   463  N  N   . MET A 1 59  ? 7.055   -9.827  -1.284  1.000 39.516  0 203  MET AAA N   1 ? 
ATOM   464  C  CA  . MET A 1 59  ? 6.618   -10.979 -2.040  1.000 50.106  0 203  MET AAA CA  1 ? 
ATOM   465  C  C   . MET A 1 59  ? 6.800   -12.245 -1.216  1.000 48.512  0 203  MET AAA C   1 ? 
ATOM   466  O  O   . MET A 1 59  ? 6.404   -13.316 -1.669  1.000 48.422  0 203  MET AAA O   1 ? 
ATOM   467  C  CB  . MET A 1 59  ? 7.459   -11.107 -3.306  1.000 51.574  0 203  MET AAA CB  1 ? 
ATOM   468  C  CG  . MET A 1 59  ? 6.917   -10.260 -4.401  1.000 56.866  0 203  MET AAA CG  1 ? 
ATOM   469  S  SD  . MET A 1 59  ? 7.967   -10.456 -5.853  1.000 61.908  0 203  MET AAA SD  1 ? 
ATOM   470  C  CE  . MET A 1 59  ? 7.087   -9.324  -6.935  1.000 61.403  0 203  MET AAA CE  1 ? 
ATOM   471  N  N   . ARG A 1 60  ? 7.416   -12.111 -0.036  1.000 46.067  0 204  ARG AAA N   1 ? 
ATOM   472  C  CA  . ARG A 1 60  ? 7.591   -13.257 0.854   1.000 68.121  0 204  ARG AAA CA  1 ? 
ATOM   473  C  C   . ARG A 1 60  ? 8.118   -14.436 0.027   1.000 73.156  0 204  ARG AAA C   1 ? 
ATOM   474  O  O   . ARG A 1 60  ? 7.379   -15.362 -0.335  1.000 67.044  0 204  ARG AAA O   1 ? 
ATOM   475  C  CB  . ARG A 1 60  ? 6.320   -13.549 1.672   1.000 65.515  0 204  ARG AAA CB  1 ? 
ATOM   476  C  CG  . ARG A 1 60  ? 4.999   -13.403 0.913   1.000 65.741  0 204  ARG AAA CG  1 ? 
ATOM   477  C  CD  . ARG A 1 60  ? 3.748   -13.689 1.733   1.000 69.960  0 204  ARG AAA CD  1 ? 
ATOM   478  N  NE  . ARG A 1 60  ? 2.485   -13.677 0.985   1.000 70.467  0 204  ARG AAA NE  1 ? 
ATOM   479  C  CZ  . ARG A 1 60  ? 1.308   -14.044 1.495   1.000 68.092  0 204  ARG AAA CZ  1 ? 
ATOM   480  N  NH1 . ARG A 1 60  ? 1.249   -14.457 2.753   1.000 66.187  0 204  ARG AAA NH1 1 ? 
ATOM   481  N  NH2 . ARG A 1 60  ? 0.203   -13.992 0.763   1.000 55.328  0 204  ARG AAA NH2 1 ? 
ATOM   482  N  N   . ASP A 1 61  ? 9.406   -14.330 -0.331  1.000 70.169  0 205  ASP AAA N   1 ? 
ATOM   483  C  CA  . ASP A 1 61  ? 10.066  -15.222 -1.272  1.000 63.453  0 205  ASP AAA CA  1 ? 
ATOM   484  C  C   . ASP A 1 61  ? 11.385  -14.590 -1.701  1.000 57.040  0 205  ASP AAA C   1 ? 
ATOM   485  O  O   . ASP A 1 61  ? 11.506  -14.127 -2.831  1.000 65.141  0 205  ASP AAA O   1 ? 
ATOM   486  C  CB  . ASP A 1 61  ? 9.210   -15.496 -2.513  1.000 59.886  0 205  ASP AAA CB  1 ? 
ATOM   487  C  CG  . ASP A 1 61  ? 9.696   -16.718 -3.276  1.000 73.875  0 205  ASP AAA CG  1 ? 
ATOM   488  O  OD1 . ASP A 1 61  ? 10.888  -17.094 -3.083  1.000 73.734  0 205  ASP AAA OD1 1 ? 
ATOM   489  O  OD2 . ASP A 1 61  ? 8.880   -17.301 -4.047  1.000 70.994  0 205  ASP AAA OD2 1 ? 
ATOM   490  N  N   . LYS A 1 62  ? 12.355  -14.574 -0.787  1.000 52.867  0 206  LYS AAA N   1 ? 
ATOM   491  C  CA  . LYS A 1 62  ? 13.661  -13.993 -1.041  1.000 65.631  0 206  LYS AAA CA  1 ? 
ATOM   492  C  C   . LYS A 1 62  ? 14.148  -14.286 -2.465  1.000 69.590  0 206  LYS AAA C   1 ? 
ATOM   493  O  O   . LYS A 1 62  ? 14.637  -13.373 -3.132  1.000 64.735  0 206  LYS AAA O   1 ? 
ATOM   494  C  CB  . LYS A 1 62  ? 14.651  -14.403 0.048   1.000 69.257  0 206  LYS AAA CB  1 ? 
ATOM   495  C  CG  . LYS A 1 62  ? 14.612  -13.510 1.282   1.000 87.087  0 206  LYS AAA CG  1 ? 
ATOM   496  C  CD  . LYS A 1 62  ? 14.876  -14.223 2.599   1.000 89.477  0 206  LYS AAA CD  1 ? 
ATOM   497  C  CE  . LYS A 1 62  ? 14.966  -13.269 3.773   1.000 85.175  0 206  LYS AAA CE  1 ? 
ATOM   498  N  NZ  . LYS A 1 62  ? 15.804  -13.829 4.859   1.000 84.157  0 206  LYS AAA NZ  1 ? 
ATOM   499  N  N   . ALA A 1 63  ? 13.972  -15.534 -2.934  1.000 61.486  0 207  ALA AAA N   1 ? 
ATOM   500  C  CA  . ALA A 1 63  ? 14.640  -16.012 -4.138  1.000 62.018  0 207  ALA AAA CA  1 ? 
ATOM   501  C  C   . ALA A 1 63  ? 13.917  -15.508 -5.381  1.000 57.050  0 207  ALA AAA C   1 ? 
ATOM   502  O  O   . ALA A 1 63  ? 14.560  -15.110 -6.353  1.000 54.846  0 207  ALA AAA O   1 ? 
ATOM   503  C  CB  . ALA A 1 63  ? 14.766  -17.520 -4.158  1.000 54.250  0 207  ALA AAA CB  1 ? 
ATOM   504  N  N   . LYS A 1 64  ? 12.587  -15.517 -5.331  1.000 48.047  0 208  LYS AAA N   1 ? 
ATOM   505  C  CA  . LYS A 1 64  ? 11.806  -14.980 -6.423  1.000 54.849  0 208  LYS AAA CA  1 ? 
ATOM   506  C  C   . LYS A 1 64  ? 12.078  -13.475 -6.570  1.000 56.425  0 208  LYS AAA C   1 ? 
ATOM   507  O  O   . LYS A 1 64  ? 12.123  -12.948 -7.682  1.000 54.646  0 208  LYS AAA O   1 ? 
ATOM   508  C  CB  . LYS A 1 64  ? 10.326  -15.232 -6.165  1.000 53.830  0 208  LYS AAA CB  1 ? 
ATOM   509  C  CG  . LYS A 1 64  ? 9.472   -15.156 -7.416  1.000 70.735  0 208  LYS AAA CG  1 ? 
ATOM   510  C  CD  . LYS A 1 64  ? 9.809   -16.318 -8.332  1.000 84.956  0 208  LYS AAA CD  1 ? 
ATOM   511  C  CE  . LYS A 1 64  ? 10.004  -15.934 -9.781  1.000 91.292  0 208  LYS AAA CE  1 ? 
ATOM   512  N  NZ  . LYS A 1 64  ? 10.840  -16.956 -10.447 1.000 91.582  0 208  LYS AAA NZ  1 ? 
ATOM   513  N  N   . GLU A 1 65  ? 12.251  -12.790 -5.436  1.000 48.367  0 209  GLU AAA N   1 ? 
ATOM   514  C  CA  . GLU A 1 65  ? 12.375  -11.347 -5.451  1.000 47.986  0 209  GLU AAA CA  1 ? 
ATOM   515  C  C   . GLU A 1 65  ? 13.703  -10.999 -6.089  1.000 44.538  0 209  GLU AAA C   1 ? 
ATOM   516  O  O   . GLU A 1 65  ? 13.750  -10.123 -6.953  1.000 40.079  0 209  GLU AAA O   1 ? 
ATOM   517  C  CB  . GLU A 1 65  ? 12.393  -10.782 -4.041  1.000 45.056  0 209  GLU AAA CB  1 ? 
ATOM   518  C  CG  . GLU A 1 65  ? 11.006  -10.515 -3.541  1.000 51.364  0 209  GLU AAA CG  1 ? 
ATOM   519  C  CD  . GLU A 1 65  ? 10.896  -9.725  -2.249  1.000 57.959  0 209  GLU AAA CD  1 ? 
ATOM   520  O  OE1 . GLU A 1 65  ? 11.856  -8.952  -1.888  1.000 52.009  0 209  GLU AAA OE1 1 ? 
ATOM   521  O  OE2 . GLU A 1 65  ? 9.834   -9.871  -1.621  1.000 59.450  0 209  GLU AAA OE2 1 ? 
ATOM   522  N  N   . GLU A 1 66  ? 14.740  -11.715 -5.635  1.000 44.681  0 210  GLU AAA N   1 ? 
ATOM   523  C  CA  . GLU A 1 66  ? 16.104  -11.557 -6.120  1.000 51.006  0 210  GLU AAA CA  1 ? 
ATOM   524  C  C   . GLU A 1 66  ? 16.147  -11.779 -7.630  1.000 47.738  0 210  GLU AAA C   1 ? 
ATOM   525  O  O   . GLU A 1 66  ? 16.777  -11.021 -8.349  1.000 48.088  0 210  GLU AAA O   1 ? 
ATOM   526  C  CB  . GLU A 1 66  ? 17.056  -12.484 -5.373  1.000 56.105  0 210  GLU AAA CB  1 ? 
ATOM   527  C  CG  . GLU A 1 66  ? 18.512  -12.245 -5.710  1.000 70.104  0 210  GLU AAA CG  1 ? 
ATOM   528  C  CD  . GLU A 1 66  ? 19.428  -13.350 -5.196  1.000 94.953  0 210  GLU AAA CD  1 ? 
ATOM   529  O  OE1 . GLU A 1 66  ? 20.478  -13.025 -4.599  1.000 107.959 0 210  GLU AAA OE1 1 ? 
ATOM   530  O  OE2 . GLU A 1 66  ? 19.087  -14.542 -5.375  1.000 97.358  0 210  GLU AAA OE2 1 ? 
ATOM   531  N  N   . GLU A 1 67  ? 15.385  -12.755 -8.115  1.000 48.620  0 211  GLU AAA N   1 ? 
ATOM   532  C  CA  . GLU A 1 67  ? 15.377  -13.071 -9.525  1.000 49.609  0 211  GLU AAA CA  1 ? 
ATOM   533  C  C   . GLU A 1 67  ? 14.607  -12.010 -10.305 1.000 42.315  0 211  GLU AAA C   1 ? 
ATOM   534  O  O   . GLU A 1 67  ? 15.006  -11.607 -11.389 1.000 48.739  0 211  GLU AAA O   1 ? 
ATOM   535  C  CB  . GLU A 1 67  ? 14.811  -14.463 -9.721  1.000 54.052  0 211  GLU AAA CB  1 ? 
ATOM   536  C  CG  . GLU A 1 67  ? 15.297  -15.111 -10.988 1.000 75.869  0 211  GLU AAA CG  1 ? 
ATOM   537  C  CD  . GLU A 1 67  ? 14.325  -16.194 -11.428 1.000 98.104  0 211  GLU AAA CD  1 ? 
ATOM   538  O  OE1 . GLU A 1 67  ? 14.703  -17.386 -11.377 1.000 105.550 0 211  GLU AAA OE1 1 ? 
ATOM   539  O  OE2 . GLU A 1 67  ? 13.179  -15.843 -11.794 1.000 98.983  0 211  GLU AAA OE2 1 ? 
ATOM   540  N  N   . LEU A 1 68  ? 13.529  -11.495 -9.761  1.000 40.372  0 212  LEU AAA N   1 ? 
ATOM   541  C  CA  . LEU A 1 68  ? 12.897  -10.424 -10.510 1.000 41.801  0 212  LEU AAA CA  1 ? 
ATOM   542  C  C   . LEU A 1 68  ? 13.678  -9.102  -10.408 1.000 41.280  0 212  LEU AAA C   1 ? 
ATOM   543  O  O   . LEU A 1 68  ? 13.618  -8.300  -11.328 1.000 38.183  0 212  LEU AAA O   1 ? 
ATOM   544  C  CB  . LEU A 1 68  ? 11.473  -10.249 -9.994  1.000 46.679  0 212  LEU AAA CB  1 ? 
ATOM   545  C  CG  . LEU A 1 68  ? 10.527  -11.423 -10.218 1.000 58.695  0 212  LEU AAA CG  1 ? 
ATOM   546  C  CD1 . LEU A 1 68  ? 9.271   -11.225 -9.371  1.000 56.856  0 212  LEU AAA CD1 1 ? 
ATOM   547  C  CD2 . LEU A 1 68  ? 10.162  -11.541 -11.694 1.000 48.123  0 212  LEU AAA CD2 1 ? 
ATOM   548  N  N   . ARG A 1 69  ? 14.370  -8.814  -9.292  1.000 37.342  0 213  ARG AAA N   1 ? 
ATOM   549  C  CA  . ARG A 1 69  ? 15.242  -7.650  -9.268  1.000 43.292  0 213  ARG AAA CA  1 ? 
ATOM   550  C  C   . ARG A 1 69  ? 16.288  -7.772  -10.385 1.000 40.201  0 213  ARG AAA C   1 ? 
ATOM   551  O  O   . ARG A 1 69  ? 16.381  -6.909  -11.247 1.000 40.795  0 213  ARG AAA O   1 ? 
ATOM   552  C  CB  . ARG A 1 69  ? 15.939  -7.492  -7.918  1.000 44.007  0 213  ARG AAA CB  1 ? 
ATOM   553  C  CG  . ARG A 1 69  ? 15.164  -6.636  -6.932  1.000 49.621  0 213  ARG AAA CG  1 ? 
ATOM   554  C  CD  . ARG A 1 69  ? 15.943  -6.387  -5.644  1.000 46.944  0 213  ARG AAA CD  1 ? 
ATOM   555  N  NE  . ARG A 1 69  ? 16.167  -7.621  -4.905  1.000 65.303  0 213  ARG AAA NE  1 ? 
ATOM   556  C  CZ  . ARG A 1 69  ? 15.415  -8.149  -3.910  1.000 71.581  0 213  ARG AAA CZ  1 ? 
ATOM   557  N  NH1 . ARG A 1 69  ? 15.829  -9.299  -3.399  1.000 65.127  0 213  ARG AAA NH1 1 ? 
ATOM   558  N  NH2 . ARG A 1 69  ? 14.312  -7.556  -3.411  1.000 47.080  0 213  ARG AAA NH2 1 ? 
ATOM   559  N  N   . LYS A 1 70  ? 16.980  -8.909  -10.439 1.000 40.693  0 214  LYS AAA N   1 ? 
ATOM   560  C  CA  . LYS A 1 70  ? 18.138  -9.087  -11.301 1.000 44.541  0 214  LYS AAA CA  1 ? 
ATOM   561  C  C   . LYS A 1 70  ? 17.759  -9.060  -12.774 1.000 40.191  0 214  LYS AAA C   1 ? 
ATOM   562  O  O   . LYS A 1 70  ? 18.616  -8.785  -13.601 1.000 40.921  0 214  LYS AAA O   1 ? 
ATOM   563  C  CB  . LYS A 1 70  ? 18.900  -10.366 -10.976 1.000 39.229  0 214  LYS AAA CB  1 ? 
ATOM   564  C  CG  . LYS A 1 70  ? 19.536  -10.363 -9.599  1.000 52.775  0 214  LYS AAA CG  1 ? 
ATOM   565  C  CD  . LYS A 1 70  ? 20.381  -11.594 -9.353  1.000 61.152  0 214  LYS AAA CD  1 ? 
ATOM   566  C  CE  . LYS A 1 70  ? 21.318  -11.377 -8.188  1.000 66.837  0 214  LYS AAA CE  1 ? 
ATOM   567  N  NZ  . LYS A 1 70  ? 22.680  -11.859 -8.510  1.000 83.762  0 214  LYS AAA NZ  1 ? 
ATOM   568  N  N   . GLY A 1 71  ? 16.479  -9.260  -13.105 1.000 34.095  0 215  GLY AAA N   1 ? 
ATOM   569  C  CA  . GLY A 1 71  ? 16.119  -9.164  -14.520 1.000 28.584  0 215  GLY AAA CA  1 ? 
ATOM   570  C  C   . GLY A 1 71  ? 16.168  -7.728  -15.042 1.000 33.822  0 215  GLY AAA C   1 ? 
ATOM   571  O  O   . GLY A 1 71  ? 16.336  -7.488  -16.243 1.000 42.469  0 215  GLY AAA O   1 ? 
ATOM   572  N  N   . GLY A 1 72  ? 16.001  -6.750  -14.135 1.000 34.471  0 216  GLY AAA N   1 ? 
ATOM   573  C  CA  . GLY A 1 72  ? 16.219  -5.346  -14.470 1.000 31.691  0 216  GLY AAA CA  1 ? 
ATOM   574  C  C   . GLY A 1 72  ? 14.926  -4.714  -14.978 1.000 32.573  0 216  GLY AAA C   1 ? 
ATOM   575  O  O   . GLY A 1 72  ? 14.902  -3.546  -15.339 1.000 36.831  0 216  GLY AAA O   1 ? 
ATOM   576  N  N   . ASP A 1 73  ? 13.856  -5.502  -15.018 1.000 34.434  0 217  ASP AAA N   1 ? 
ATOM   577  C  CA  . ASP A 1 73  ? 12.566  -5.029  -15.493 1.000 34.311  0 217  ASP AAA CA  1 ? 
ATOM   578  C  C   . ASP A 1 73  ? 12.054  -3.892  -14.599 1.000 36.709  0 217  ASP AAA C   1 ? 
ATOM   579  O  O   . ASP A 1 73  ? 11.955  -4.057  -13.387 1.000 35.438  0 217  ASP AAA O   1 ? 
ATOM   580  C  CB  . ASP A 1 73  ? 11.599  -6.201  -15.425 1.000 39.053  0 217  ASP AAA CB  1 ? 
ATOM   581  C  CG  . ASP A 1 73  ? 10.325  -5.941  -16.213 1.000 56.267  0 217  ASP AAA CG  1 ? 
ATOM   582  O  OD1 . ASP A 1 73  ? 9.833   -4.751  -16.225 1.000 52.150  0 217  ASP AAA OD1 1 ? 
ATOM   583  O  OD2 . ASP A 1 73  ? 9.838   -6.921  -16.817 1.000 69.647  0 217  ASP AAA OD2 1 ? 
ATOM   584  N  N   . PRO A 1 74  ? 11.738  -2.689  -15.133 1.000 41.459  0 218  PRO AAA N   1 ? 
ATOM   585  C  CA  . PRO A 1 74  ? 11.345  -1.554  -14.292 1.000 40.798  0 218  PRO AAA CA  1 ? 
ATOM   586  C  C   . PRO A 1 74  ? 10.068  -1.747  -13.470 1.000 43.960  0 218  PRO AAA C   1 ? 
ATOM   587  O  O   . PRO A 1 74  ? 9.926   -1.158  -12.400 1.000 47.552  0 218  PRO AAA O   1 ? 
ATOM   588  C  CB  . PRO A 1 74  ? 11.251  -0.351  -15.247 1.000 47.465  0 218  PRO AAA CB  1 ? 
ATOM   589  C  CG  . PRO A 1 74  ? 11.202  -0.955  -16.647 1.000 45.402  0 218  PRO AAA CG  1 ? 
ATOM   590  C  CD  . PRO A 1 74  ? 11.805  -2.340  -16.563 1.000 43.149  0 218  PRO AAA CD  1 ? 
ATOM   591  N  N   . LYS A 1 75  ? 9.199   -2.669  -13.869 1.000 43.764  0 219  LYS AAA N   1 ? 
ATOM   592  C  CA  . LYS A 1 75  ? 8.046   -2.928  -13.025 1.000 45.479  0 219  LYS AAA CA  1 ? 
ATOM   593  C  C   . LYS A 1 75  ? 8.448   -3.546  -11.690 1.000 46.781  0 219  LYS AAA C   1 ? 
ATOM   594  O  O   . LYS A 1 75  ? 7.619   -3.636  -10.802 1.000 48.517  0 219  LYS AAA O   1 ? 
ATOM   595  C  CB  . LYS A 1 75  ? 7.026   -3.840  -13.703 1.000 53.877  0 219  LYS AAA CB  1 ? 
ATOM   596  C  CG  . LYS A 1 75  ? 7.560   -5.199  -14.125 1.000 73.897  0 219  LYS AAA CG  1 ? 
ATOM   597  C  CD  . LYS A 1 75  ? 6.533   -6.054  -14.838 1.000 84.950  0 219  LYS AAA CD  1 ? 
ATOM   598  C  CE  . LYS A 1 75  ? 5.512   -6.625  -13.879 1.000 87.625  0 219  LYS AAA CE  1 ? 
ATOM   599  N  NZ  . LYS A 1 75  ? 4.410   -7.287  -14.611 1.000 95.350  0 219  LYS AAA NZ  1 ? 
ATOM   600  N  N   . TYR A 1 76  ? 9.695   -3.983  -11.506 1.000 39.593  0 220  TYR AAA N   1 ? 
ATOM   601  C  CA  . TYR A 1 76  ? 10.048  -4.555  -10.206 1.000 37.740  0 220  TYR AAA CA  1 ? 
ATOM   602  C  C   . TYR A 1 76  ? 11.070  -3.688  -9.485  1.000 36.002  0 220  TYR AAA C   1 ? 
ATOM   603  O  O   . TYR A 1 76  ? 11.731  -4.137  -8.557  1.000 37.321  0 220  TYR AAA O   1 ? 
ATOM   604  C  CB  . TYR A 1 76  ? 10.650  -5.947  -10.345 1.000 40.446  0 220  TYR AAA CB  1 ? 
ATOM   605  C  CG  . TYR A 1 76  ? 9.664   -6.899  -10.947 1.000 51.370  0 220  TYR AAA CG  1 ? 
ATOM   606  C  CD1 . TYR A 1 76  ? 8.463   -7.147  -10.291 1.000 53.444  0 220  TYR AAA CD1 1 ? 
ATOM   607  C  CD2 . TYR A 1 76  ? 9.909   -7.500  -12.177 1.000 57.545  0 220  TYR AAA CD2 1 ? 
ATOM   608  C  CE1 . TYR A 1 76  ? 7.518   -7.995  -10.839 1.000 57.149  0 220  TYR AAA CE1 1 ? 
ATOM   609  C  CE2 . TYR A 1 76  ? 8.973   -8.356  -12.735 1.000 72.201  0 220  TYR AAA CE2 1 ? 
ATOM   610  C  CZ  . TYR A 1 76  ? 7.780   -8.597  -12.059 1.000 73.002  0 220  TYR AAA CZ  1 ? 
ATOM   611  O  OH  . TYR A 1 76  ? 6.837   -9.422  -12.590 1.000 84.695  0 220  TYR AAA OH  1 ? 
ATOM   612  N  N   . ALA A 1 77  ? 11.219  -2.457  -9.964  1.000 37.538  0 221  ALA AAA N   1 ? 
ATOM   613  C  CA  . ALA A 1 77  ? 12.173  -1.538  -9.389  1.000 39.728  0 221  ALA AAA CA  1 ? 
ATOM   614  C  C   . ALA A 1 77  ? 11.819  -1.364  -7.912  1.000 37.157  0 221  ALA AAA C   1 ? 
ATOM   615  O  O   . ALA A 1 77  ? 12.664  -1.066  -7.093  1.000 36.561  0 221  ALA AAA O   1 ? 
ATOM   616  C  CB  . ALA A 1 77  ? 12.052  -0.216  -10.126 1.000 33.373  0 221  ALA AAA CB  1 ? 
ATOM   617  N  N   . HIS A 1 78  ? 10.537  -1.485  -7.578  1.000 35.586  0 222  HIS AAA N   1 ? 
ATOM   618  C  CA  . HIS A 1 78  ? 10.098  -1.194  -6.221  1.000 38.929  0 222  HIS AAA CA  1 ? 
ATOM   619  C  C   . HIS A 1 78  ? 10.665  -2.190  -5.209  1.000 37.580  0 222  HIS AAA C   1 ? 
ATOM   620  O  O   . HIS A 1 78  ? 10.715  -1.891  -4.021  1.000 36.481  0 222  HIS AAA O   1 ? 
ATOM   621  C  CB  . HIS A 1 78  ? 8.575   -1.169  -6.206  1.000 39.762  0 222  HIS AAA CB  1 ? 
ATOM   622  C  CG  . HIS A 1 78  ? 7.999   -2.539  -6.270  1.000 39.271  0 222  HIS AAA CG  1 ? 
ATOM   623  N  ND1 . HIS A 1 78  ? 8.041   -3.409  -5.175  1.000 36.128  0 222  HIS AAA ND1 1 ? 
ATOM   624  C  CD2 . HIS A 1 78  ? 7.349   -3.190  -7.260  1.000 34.769  0 222  HIS AAA CD2 1 ? 
ATOM   625  C  CE1 . HIS A 1 78  ? 7.431   -4.545  -5.496  1.000 37.263  0 222  HIS AAA CE1 1 ? 
ATOM   626  N  NE2 . HIS A 1 78  ? 7.025   -4.449  -6.781  1.000 36.161  0 222  HIS AAA NE2 1 ? 
ATOM   627  N  N   . LEU A 1 79  ? 11.160  -3.343  -5.683  1.000 37.126  0 223  LEU AAA N   1 ? 
ATOM   628  C  CA  . LEU A 1 79  ? 11.670  -4.368  -4.789  1.000 36.657  0 223  LEU AAA CA  1 ? 
ATOM   629  C  C   . LEU A 1 79  ? 12.958  -3.968  -4.092  1.000 37.856  0 223  LEU AAA C   1 ? 
ATOM   630  O  O   . LEU A 1 79  ? 13.373  -4.698  -3.192  1.000 38.479  0 223  LEU AAA O   1 ? 
ATOM   631  C  CB  . LEU A 1 79  ? 11.884  -5.678  -5.544  1.000 39.829  0 223  LEU AAA CB  1 ? 
ATOM   632  C  CG  . LEU A 1 79  ? 10.614  -6.343  -6.072  1.000 41.835  0 223  LEU AAA CG  1 ? 
ATOM   633  C  CD1 . LEU A 1 79  ? 11.040  -7.531  -6.915  1.000 43.252  0 223  LEU AAA CD1 1 ? 
ATOM   634  C  CD2 . LEU A 1 79  ? 9.719   -6.812  -4.917  1.000 36.261  0 223  LEU AAA CD2 1 ? 
ATOM   635  N  N   . ASN A 1 80  ? 13.565  -2.831  -4.483  1.000 39.541  0 224  ASN AAA N   1 ? 
ATOM   636  C  CA  . ASN A 1 80  ? 14.696  -2.325  -3.716  1.000 38.846  0 224  ASN AAA CA  1 ? 
ATOM   637  C  C   . ASN A 1 80  ? 14.289  -1.316  -2.659  1.000 36.168  0 224  ASN AAA C   1 ? 
ATOM   638  O  O   . ASN A 1 80  ? 15.077  -1.055  -1.781  1.000 36.456  0 224  ASN AAA O   1 ? 
ATOM   639  C  CB  . ASN A 1 80  ? 15.727  -1.604  -4.570  1.000 53.549  0 224  ASN AAA CB  1 ? 
ATOM   640  C  CG  . ASN A 1 80  ? 16.519  -2.623  -5.359  1.000 50.594  0 224  ASN AAA CG  1 ? 
ATOM   641  O  OD1 . ASN A 1 80  ? 17.315  -3.387  -4.797  1.000 48.254  0 224  ASN AAA OD1 1 ? 
ATOM   642  N  ND2 . ASN A 1 80  ? 16.181  -2.713  -6.623  1.000 33.476  0 224  ASN AAA ND2 1 ? 
ATOM   643  N  N   . MET A 1 81  ? 13.050  -0.807  -2.699  1.000 37.676  0 225  MET AAA N   1 ? 
ATOM   644  C  CA  . MET A 1 81  ? 12.602  0.148   -1.696  1.000 32.555  0 225  MET AAA CA  1 ? 
ATOM   645  C  C   . MET A 1 81  ? 12.428  -0.507  -0.331  1.000 35.108  0 225  MET AAA C   1 ? 
ATOM   646  O  O   . MET A 1 81  ? 12.346  -1.725  -0.204  1.000 33.133  0 225  MET AAA O   1 ? 
ATOM   647  C  CB  . MET A 1 81  ? 11.267  0.718   -2.155  1.000 33.394  0 225  MET AAA CB  1 ? 
ATOM   648  C  CG  . MET A 1 81  ? 11.464  1.420   -3.442  1.000 30.341  0 225  MET AAA CG  1 ? 
ATOM   649  S  SD  . MET A 1 81  ? 9.908   1.975   -4.163  1.000 37.678  0 225  MET AAA SD  1 ? 
ATOM   650  C  CE  . MET A 1 81  ? 9.806   3.573   -3.338  1.000 30.019  0 225  MET AAA CE  1 ? 
ATOM   651  N  N   . ASP A 1 82  ? 12.341  0.340   0.699   1.000 38.271  0 226  ASP AAA N   1 ? 
ATOM   652  C  CA  . ASP A 1 82  ? 11.861  -0.061  2.011   1.000 36.193  0 226  ASP AAA CA  1 ? 
ATOM   653  C  C   . ASP A 1 82  ? 10.440  -0.617  1.901   1.000 31.135  0 226  ASP AAA C   1 ? 
ATOM   654  O  O   . ASP A 1 82  ? 9.598   -0.172  1.109   1.000 27.469  0 226  ASP AAA O   1 ? 
ATOM   655  C  CB  . ASP A 1 82  ? 11.863  1.135   2.961   1.000 46.870  0 226  ASP AAA CB  1 ? 
ATOM   656  C  CG  . ASP A 1 82  ? 13.234  1.574   3.447   1.000 49.204  0 226  ASP AAA CG  1 ? 
ATOM   657  O  OD1 . ASP A 1 82  ? 14.148  0.735   3.467   1.000 56.274  0 226  ASP AAA OD1 1 ? 
ATOM   658  O  OD2 . ASP A 1 82  ? 13.364  2.749   3.844   1.000 61.040  0 226  ASP AAA OD2 1 ? 
ATOM   659  N  N   . LEU A 1 83  ? 10.181  -1.652  2.681   1.000 31.185  0 227  LEU AAA N   1 ? 
ATOM   660  C  CA  . LEU A 1 83  ? 8.861   -2.259  2.642   1.000 29.869  0 227  LEU AAA CA  1 ? 
ATOM   661  C  C   . LEU A 1 83  ? 7.817   -1.211  3.044   1.000 27.348  0 227  LEU AAA C   1 ? 
ATOM   662  O  O   . LEU A 1 83  ? 7.937   -0.537  4.065   1.000 29.999  0 227  LEU AAA O   1 ? 
ATOM   663  C  CB  . LEU A 1 83  ? 8.876   -3.472  3.573   1.000 28.101  0 227  LEU AAA CB  1 ? 
ATOM   664  C  CG  . LEU A 1 83  ? 7.545   -4.225  3.623   1.000 28.367  0 227  LEU AAA CG  1 ? 
ATOM   665  C  CD1 . LEU A 1 83  ? 7.292   -4.922  2.280   1.000 26.905  0 227  LEU AAA CD1 1 ? 
ATOM   666  C  CD2 . LEU A 1 83  ? 7.606   -5.236  4.752   1.000 29.107  0 227  LEU AAA CD2 1 ? 
ATOM   667  N  N   . HIS A 1 84  ? 6.773   -1.067  2.238   1.000 28.111  0 228  HIS AAA N   1 ? 
ATOM   668  C  CA  . HIS A 1 84  ? 5.789   -0.063  2.562   1.000 27.466  0 228  HIS AAA CA  1 ? 
ATOM   669  C  C   . HIS A 1 84  ? 4.448   -0.408  1.927   1.000 25.863  0 228  HIS AAA C   1 ? 
ATOM   670  O  O   . HIS A 1 84  ? 4.312   -1.296  1.097   1.000 27.434  0 228  HIS AAA O   1 ? 
ATOM   671  C  CB  . HIS A 1 84  ? 6.252   1.340   2.129   1.000 26.400  0 228  HIS AAA CB  1 ? 
ATOM   672  C  CG  . HIS A 1 84  ? 6.356   1.467   0.649   1.000 29.444  0 228  HIS AAA CG  1 ? 
ATOM   673  N  ND1 . HIS A 1 84  ? 7.496   1.062   -0.041  1.000 27.159  0 228  HIS AAA ND1 1 ? 
ATOM   674  C  CD2 . HIS A 1 84  ? 5.529   2.018   -0.272  1.000 31.206  0 228  HIS AAA CD2 1 ? 
ATOM   675  C  CE1 . HIS A 1 84  ? 7.350   1.358   -1.327  1.000 29.330  0 228  HIS AAA CE1 1 ? 
ATOM   676  N  NE2 . HIS A 1 84  ? 6.150   1.930   -1.502  1.000 29.633  0 228  HIS AAA NE2 1 ? 
ATOM   677  N  N   . VAL A 1 85  ? 3.440   0.340   2.341   1.000 23.094  0 229  VAL AAA N   1 ? 
ATOM   678  C  CA  . VAL A 1 85  ? 2.124   0.186   1.759   1.000 23.363  0 229  VAL AAA CA  1 ? 
ATOM   679  C  C   . VAL A 1 85  ? 1.894   1.442   0.916   1.000 27.659  0 229  VAL AAA C   1 ? 
ATOM   680  O  O   . VAL A 1 85  ? 2.154   2.570   1.359   1.000 26.242  0 229  VAL AAA O   1 ? 
ATOM   681  C  CB  . VAL A 1 85  ? 1.042   0.071   2.855   1.000 25.707  0 229  VAL AAA CB  1 ? 
ATOM   682  C  CG1 . VAL A 1 85  ? -0.379  0.065   2.280   1.000 23.673  0 229  VAL AAA CG1 1 ? 
ATOM   683  C  CG2 . VAL A 1 85  ? 1.247   -1.165  3.725   1.000 25.811  0 229  VAL AAA CG2 1 ? 
ATOM   684  N  N   . PHE A 1 86  ? 1.394   1.226   -0.296  1.000 25.510  0 230  PHE AAA N   1 ? 
ATOM   685  C  CA  . PHE A 1 86  ? 1.270   2.328   -1.223  1.000 27.339  0 230  PHE AAA CA  1 ? 
ATOM   686  C  C   . PHE A 1 86  ? -0.209  2.523   -1.462  1.000 26.606  0 230  PHE AAA C   1 ? 
ATOM   687  O  O   . PHE A 1 86  ? -0.869  1.602   -1.926  1.000 30.164  0 230  PHE AAA O   1 ? 
ATOM   688  C  CB  . PHE A 1 86  ? 2.007   2.007   -2.520  1.000 29.599  0 230  PHE AAA CB  1 ? 
ATOM   689  C  CG  . PHE A 1 86  ? 1.994   3.098   -3.562  1.000 35.158  0 230  PHE AAA CG  1 ? 
ATOM   690  C  CD1 . PHE A 1 86  ? 2.084   4.438   -3.203  1.000 33.045  0 230  PHE AAA CD1 1 ? 
ATOM   691  C  CD2 . PHE A 1 86  ? 1.912   2.783   -4.911  1.000 38.759  0 230  PHE AAA CD2 1 ? 
ATOM   692  C  CE1 . PHE A 1 86  ? 2.134   5.448   -4.154  1.000 35.437  0 230  PHE AAA CE1 1 ? 
ATOM   693  C  CE2 . PHE A 1 86  ? 1.971   3.794   -5.868  1.000 39.024  0 230  PHE AAA CE2 1 ? 
ATOM   694  C  CZ  . PHE A 1 86  ? 2.070   5.119   -5.495  1.000 33.128  0 230  PHE AAA CZ  1 ? 
ATOM   695  N  N   . ILE A 1 87  ? -0.711  3.702   -1.089  1.000 28.009  0 231  ILE AAA N   1 ? 
ATOM   696  C  CA  . ILE A 1 87  ? -2.139  3.964   -1.186  1.000 27.319  0 231  ILE AAA CA  1 ? 
ATOM   697  C  C   . ILE A 1 87  ? -2.347  5.038   -2.241  1.000 27.294  0 231  ILE AAA C   1 ? 
ATOM   698  O  O   . ILE A 1 87  ? -1.689  6.068   -2.155  1.000 27.997  0 231  ILE AAA O   1 ? 
ATOM   699  C  CB  . ILE A 1 87  ? -2.673  4.467   0.169   1.000 27.835  0 231  ILE AAA CB  1 ? 
ATOM   700  C  CG1 . ILE A 1 87  ? -2.285  3.535   1.328   1.000 32.476  0 231  ILE AAA CG1 1 ? 
ATOM   701  C  CG2 . ILE A 1 87  ? -4.192  4.656   0.118   1.000 25.852  0 231  ILE AAA CG2 1 ? 
ATOM   702  C  CD1 . ILE A 1 87  ? -2.679  4.068   2.711   1.000 34.192  0 231  ILE AAA CD1 1 ? 
ATOM   703  N  N   . GLU A 1 88  ? -3.301  4.810   -3.165  1.000 28.980  0 232  GLU AAA N   1 ? 
ATOM   704  C  CA  . GLU A 1 88  ? -3.624  5.760   -4.222  1.000 32.386  0 232  GLU AAA CA  1 ? 
ATOM   705  C  C   . GLU A 1 88  ? -5.134  5.879   -4.363  1.000 34.249  0 232  GLU AAA C   1 ? 
ATOM   706  O  O   . GLU A 1 88  ? -5.818  4.864   -4.375  1.000 30.563  0 232  GLU AAA O   1 ? 
ATOM   707  C  CB  . GLU A 1 88  ? -3.104  5.253   -5.557  1.000 33.874  0 232  GLU AAA CB  1 ? 
ATOM   708  C  CG  . GLU A 1 88  ? -1.610  5.026   -5.492  1.000 41.598  0 232  GLU AAA CG  1 ? 
ATOM   709  C  CD  . GLU A 1 88  ? -1.195  4.236   -6.697  1.000 48.729  0 232  GLU AAA CD  1 ? 
ATOM   710  O  OE1 . GLU A 1 88  ? -1.159  3.001   -6.581  1.000 50.064  0 232  GLU AAA OE1 1 ? 
ATOM   711  O  OE2 . GLU A 1 88  ? -0.967  4.872   -7.762  1.000 59.566  0 232  GLU AAA OE2 1 ? 
ATOM   712  N  N   . VAL A 1 89  ? -5.615  7.131   -4.383  1.000 31.092  0 233  VAL AAA N   1 ? 
ATOM   713  C  CA  . VAL A 1 89  ? -7.019  7.447   -4.552  1.000 28.469  0 233  VAL AAA CA  1 ? 
ATOM   714  C  C   . VAL A 1 89  ? -7.081  8.568   -5.562  1.000 28.057  0 233  VAL AAA C   1 ? 
ATOM   715  O  O   . VAL A 1 89  ? -6.089  9.256   -5.804  1.000 27.039  0 233  VAL AAA O   1 ? 
ATOM   716  C  CB  . VAL A 1 89  ? -7.758  7.795   -3.241  1.000 31.434  0 233  VAL AAA CB  1 ? 
ATOM   717  C  CG1 . VAL A 1 89  ? -7.568  6.710   -2.180  1.000 26.730  0 233  VAL AAA CG1 1 ? 
ATOM   718  C  CG2 . VAL A 1 89  ? -7.327  9.156   -2.710  1.000 26.788  0 233  VAL AAA CG2 1 ? 
ATOM   719  N  N   . PHE A 1 90  ? -8.255  8.686   -6.187  1.000 30.335  0 234  PHE AAA N   1 ? 
ATOM   720  C  CA  . PHE A 1 90  ? -8.507  9.767   -7.115  1.000 32.221  0 234  PHE AAA CA  1 ? 
ATOM   721  C  C   . PHE A 1 90  ? -9.985  10.092  -6.975  1.000 33.710  0 234  PHE AAA C   1 ? 
ATOM   722  O  O   . PHE A 1 90  ? -10.777 9.270   -6.553  1.000 32.208  0 234  PHE AAA O   1 ? 
ATOM   723  C  CB  . PHE A 1 90  ? -8.079  9.392   -8.546  1.000 30.646  0 234  PHE AAA CB  1 ? 
ATOM   724  C  CG  . PHE A 1 90  ? -9.065  8.463   -9.203  1.000 37.247  0 234  PHE AAA CG  1 ? 
ATOM   725  C  CD1 . PHE A 1 90  ? -8.934  7.092   -9.092  1.000 40.301  0 234  PHE AAA CD1 1 ? 
ATOM   726  C  CD2 . PHE A 1 90  ? -10.165 8.963   -9.894  1.000 41.370  0 234  PHE AAA CD2 1 ? 
ATOM   727  C  CE1 . PHE A 1 90  ? -9.870  6.236   -9.671  1.000 45.949  0 234  PHE AAA CE1 1 ? 
ATOM   728  C  CE2 . PHE A 1 90  ? -11.088 8.111   -10.491 1.000 42.319  0 234  PHE AAA CE2 1 ? 
ATOM   729  C  CZ  . PHE A 1 90  ? -10.950 6.742   -10.367 1.000 40.468  0 234  PHE AAA CZ  1 ? 
ATOM   730  N  N   . GLY A 1 91  ? -10.335 11.332  -7.295  1.000 36.622  0 235  GLY AAA N   1 ? 
ATOM   731  C  CA  . GLY A 1 91  ? -11.715 11.738  -7.326  1.000 32.860  0 235  GLY AAA CA  1 ? 
ATOM   732  C  C   . GLY A 1 91  ? -11.722 13.252  -7.237  1.000 34.580  0 235  GLY AAA C   1 ? 
ATOM   733  O  O   . GLY A 1 91  ? -10.672 13.894  -7.139  1.000 35.457  0 235  GLY AAA O   1 ? 
ATOM   734  N  N   . PRO A 1 92  ? -12.916 13.855  -7.218  1.000 33.568  0 236  PRO AAA N   1 ? 
ATOM   735  C  CA  . PRO A 1 92  ? -13.026 15.267  -6.824  1.000 36.734  0 236  PRO AAA CA  1 ? 
ATOM   736  C  C   . PRO A 1 92  ? -12.589 15.408  -5.352  1.000 35.956  0 236  PRO AAA C   1 ? 
ATOM   737  O  O   . PRO A 1 92  ? -12.615 14.462  -4.565  1.000 39.137  0 236  PRO AAA O   1 ? 
ATOM   738  C  CB  . PRO A 1 92  ? -14.535 15.513  -7.030  1.000 30.305  0 236  PRO AAA CB  1 ? 
ATOM   739  C  CG  . PRO A 1 92  ? -15.155 14.138  -6.715  1.000 35.209  0 236  PRO AAA CG  1 ? 
ATOM   740  C  CD  . PRO A 1 92  ? -14.210 13.167  -7.411  1.000 33.870  0 236  PRO AAA CD  1 ? 
ATOM   741  N  N   . PRO A 1 93  ? -12.203 16.598  -4.884  1.000 39.592  0 237  PRO AAA N   1 ? 
ATOM   742  C  CA  . PRO A 1 93  ? -11.491 16.705  -3.594  1.000 41.394  0 237  PRO AAA CA  1 ? 
ATOM   743  C  C   . PRO A 1 93  ? -12.149 16.074  -2.363  1.000 37.318  0 237  PRO AAA C   1 ? 
ATOM   744  O  O   . PRO A 1 93  ? -11.492 15.384  -1.572  1.000 34.498  0 237  PRO AAA O   1 ? 
ATOM   745  C  CB  . PRO A 1 93  ? -11.253 18.224  -3.409  1.000 39.036  0 237  PRO AAA CB  1 ? 
ATOM   746  C  CG  . PRO A 1 93  ? -11.369 18.749  -4.846  1.000 39.641  0 237  PRO AAA CG  1 ? 
ATOM   747  C  CD  . PRO A 1 93  ? -12.453 17.907  -5.526  1.000 36.482  0 237  PRO AAA CD  1 ? 
ATOM   748  N  N   . CYS A 1 94  ? -13.454 16.291  -2.196  1.000 37.872  0 238  CYS AAA N   1 ? 
ATOM   749  C  CA  . CYS A 1 94  ? -14.131 15.808  -1.000  1.000 36.740  0 238  CYS AAA CA  1 ? 
ATOM   750  C  C   . CYS A 1 94  ? -14.005 14.280  -0.981  1.000 43.160  0 238  CYS AAA C   1 ? 
ATOM   751  O  O   . CYS A 1 94  ? -13.626 13.690  0.033   1.000 44.983  0 238  CYS AAA O   1 ? 
ATOM   752  C  CB  . CYS A 1 94  ? -15.557 16.346  -0.886  1.000 38.023  0 238  CYS AAA CB  1 ? 
ATOM   753  S  SG  . CYS A 1 94  ? -16.643 15.343  0.174   1.000 43.807  0 238  CYS AAA SG  1 ? 
ATOM   754  N  N   . GLU A 1 95  ? -14.243 13.649  -2.137  1.000 39.811  0 239  GLU AAA N   1 ? 
ATOM   755  C  CA  . GLU A 1 95  ? -14.226 12.206  -2.222  1.000 36.997  0 239  GLU AAA CA  1 ? 
ATOM   756  C  C   . GLU A 1 95  ? -12.799 11.680  -2.077  1.000 30.947  0 239  GLU AAA C   1 ? 
ATOM   757  O  O   . GLU A 1 95  ? -12.561 10.731  -1.337  1.000 33.482  0 239  GLU AAA O   1 ? 
ATOM   758  C  CB  . GLU A 1 95  ? -14.909 11.744  -3.500  1.000 44.101  0 239  GLU AAA CB  1 ? 
ATOM   759  C  CG  . GLU A 1 95  ? -14.897 10.233  -3.717  1.000 54.035  0 239  GLU AAA CG  1 ? 
ATOM   760  C  CD  . GLU A 1 95  ? -15.207 9.791   -5.151  1.000 66.927  0 239  GLU AAA CD  1 ? 
ATOM   761  O  OE1 . GLU A 1 95  ? -14.914 8.619   -5.507  1.000 66.380  0 239  GLU AAA OE1 1 ? 
ATOM   762  O  OE2 . GLU A 1 95  ? -15.747 10.623  -5.922  1.000 75.296  0 239  GLU AAA OE2 1 ? 
ATOM   763  N  N   . ALA A 1 96  ? -11.847 12.301  -2.768  1.000 29.174  0 240  ALA AAA N   1 ? 
ATOM   764  C  CA  . ALA A 1 96  ? -10.477 11.833  -2.639  1.000 30.336  0 240  ALA AAA CA  1 ? 
ATOM   765  C  C   . ALA A 1 96  ? -10.000 11.864  -1.182  1.000 28.404  0 240  ALA AAA C   1 ? 
ATOM   766  O  O   . ALA A 1 96  ? -9.488  10.870  -0.692  1.000 29.378  0 240  ALA AAA O   1 ? 
ATOM   767  C  CB  . ALA A 1 96  ? -9.563  12.640  -3.526  1.000 28.801  0 240  ALA AAA CB  1 ? 
ATOM   768  N  N   . TYR A 1 97  ? -10.106 13.021  -0.517  1.000 25.899  0 241  TYR AAA N   1 ? 
ATOM   769  C  CA  . TYR A 1 97  ? -9.689  13.093  0.868   1.000 28.516  0 241  TYR AAA CA  1 ? 
ATOM   770  C  C   . TYR A 1 97  ? -10.401 12.041  1.705   1.000 27.621  0 241  TYR AAA C   1 ? 
ATOM   771  O  O   . TYR A 1 97  ? -9.758  11.385  2.531   1.000 27.796  0 241  TYR AAA O   1 ? 
ATOM   772  C  CB  . TYR A 1 97  ? -9.885  14.493  1.456   1.000 26.135  0 241  TYR AAA CB  1 ? 
ATOM   773  C  CG  . TYR A 1 97  ? -8.659  15.306  1.185   1.000 32.575  0 241  TYR AAA CG  1 ? 
ATOM   774  C  CD1 . TYR A 1 97  ? -7.482  15.041  1.865   1.000 31.660  0 241  TYR AAA CD1 1 ? 
ATOM   775  C  CD2 . TYR A 1 97  ? -8.629  16.236  0.173   1.000 29.250  0 241  TYR AAA CD2 1 ? 
ATOM   776  C  CE1 . TYR A 1 97  ? -6.323  15.761  1.601   1.000 35.384  0 241  TYR AAA CE1 1 ? 
ATOM   777  C  CE2 . TYR A 1 97  ? -7.473  16.947  -0.123  1.000 33.819  0 241  TYR AAA CE2 1 ? 
ATOM   778  C  CZ  . TYR A 1 97  ? -6.318  16.714  0.603   1.000 35.748  0 241  TYR AAA CZ  1 ? 
ATOM   779  O  OH  . TYR A 1 97  ? -5.191  17.446  0.354   1.000 37.851  0 241  TYR AAA OH  1 ? 
ATOM   780  N  N   . ALA A 1 98  ? -11.705 11.886  1.480   1.000 25.585  0 242  ALA AAA N   1 ? 
ATOM   781  C  CA  . ALA A 1 98  ? -12.445 10.956  2.324   1.000 28.785  0 242  ALA AAA CA  1 ? 
ATOM   782  C  C   . ALA A 1 98  ? -11.967 9.540   2.072   1.000 31.511  0 242  ALA AAA C   1 ? 
ATOM   783  O  O   . ALA A 1 98  ? -11.840 8.778   3.025   1.000 31.510  0 242  ALA AAA O   1 ? 
ATOM   784  C  CB  . ALA A 1 98  ? -13.928 11.083  2.128   1.000 27.364  0 242  ALA AAA CB  1 ? 
ATOM   785  N  N   . LEU A 1 99  ? -11.639 9.211   0.804   1.000 33.673  0 243  LEU AAA N   1 ? 
ATOM   786  C  CA  . LEU A 1 99  ? -11.210 7.848   0.528   1.000 30.520  0 243  LEU AAA CA  1 ? 
ATOM   787  C  C   . LEU A 1 99  ? -9.828  7.624   1.146   1.000 31.241  0 243  LEU AAA C   1 ? 
ATOM   788  O  O   . LEU A 1 99  ? -9.520  6.533   1.671   1.000 30.899  0 243  LEU AAA O   1 ? 
ATOM   789  C  CB  . LEU A 1 99  ? -11.120 7.599   -0.984  1.000 34.307  0 243  LEU AAA CB  1 ? 
ATOM   790  C  CG  . LEU A 1 99  ? -12.427 7.633   -1.783  1.000 43.443  0 243  LEU AAA CG  1 ? 
ATOM   791  C  CD1 . LEU A 1 99  ? -12.130 7.588   -3.275  1.000 36.378  0 243  LEU AAA CD1 1 ? 
ATOM   792  C  CD2 . LEU A 1 99  ? -13.356 6.498   -1.379  1.000 36.159  0 243  LEU AAA CD2 1 ? 
ATOM   793  N  N   . MET A 1 100 ? -8.976  8.648   1.035   1.000 26.816  0 244  MET AAA N   1 ? 
ATOM   794  C  CA  . MET A 1 100 ? -7.628  8.502   1.573   1.000 28.263  0 244  MET AAA CA  1 ? 
ATOM   795  C  C   . MET A 1 100 ? -7.663  8.385   3.108   1.000 27.330  0 244  MET AAA C   1 ? 
ATOM   796  O  O   . MET A 1 100 ? -6.860  7.651   3.669   1.000 24.697  0 244  MET AAA O   1 ? 
ATOM   797  C  CB  . MET A 1 100 ? -6.745  9.683   1.165   1.000 24.504  0 244  MET AAA CB  1 ? 
ATOM   798  C  CG  . MET A 1 100 ? -5.322  9.590   1.743   1.000 30.071  0 244  MET AAA CG  1 ? 
ATOM   799  S  SD  . MET A 1 100 ? -4.371  8.087   1.260   1.000 37.230  0 244  MET AAA SD  1 ? 
ATOM   800  C  CE  . MET A 1 100 ? -3.915  8.506   -0.427  1.000 33.956  0 244  MET AAA CE  1 ? 
ATOM   801  N  N   . ALA A 1 101 ? -8.550  9.160   3.764   1.000 28.117  0 245  ALA AAA N   1 ? 
ATOM   802  C  CA  . ALA A 1 101 ? -8.713  9.172   5.212   1.000 30.876  0 245  ALA AAA CA  1 ? 
ATOM   803  C  C   . ALA A 1 101 ? -9.087  7.757   5.631   1.000 30.602  0 245  ALA AAA C   1 ? 
ATOM   804  O  O   . ALA A 1 101 ? -8.445  7.170   6.496   1.000 28.839  0 245  ALA AAA O   1 ? 
ATOM   805  C  CB  . ALA A 1 101 ? -9.745  10.182  5.654   1.000 26.823  0 245  ALA AAA CB  1 ? 
ATOM   806  N  N   . HIS A 1 102 ? -10.037 7.165   4.907   1.000 33.517  0 246  HIS AAA N   1 ? 
ATOM   807  C  CA  . HIS A 1 102 ? -10.516 5.826   5.243   1.000 32.127  0 246  HIS AAA CA  1 ? 
ATOM   808  C  C   . HIS A 1 102 ? -9.383  4.824   5.053   1.000 31.575  0 246  HIS AAA C   1 ? 
ATOM   809  O  O   . HIS A 1 102 ? -9.049  4.058   5.948   1.000 29.632  0 246  HIS AAA O   1 ? 
ATOM   810  C  CB  . HIS A 1 102 ? -11.783 5.455   4.422   1.000 35.729  0 246  HIS AAA CB  1 ? 
ATOM   811  C  CG  . HIS A 1 102 ? -12.475 4.224   4.924   1.000 47.062  0 246  HIS AAA CG  1 ? 
ATOM   812  N  ND1 . HIS A 1 102 ? -13.314 3.453   4.128   1.000 49.676  0 246  HIS AAA ND1 1 ? 
ATOM   813  C  CD2 . HIS A 1 102 ? -12.463 3.626   6.137   1.000 48.785  0 246  HIS AAA CD2 1 ? 
ATOM   814  C  CE1 . HIS A 1 102 ? -13.770 2.420   4.828   1.000 51.181  0 246  HIS AAA CE1 1 ? 
ATOM   815  N  NE2 . HIS A 1 102 ? -13.251 2.501   6.071   1.000 49.991  0 246  HIS AAA NE2 1 ? 
ATOM   816  N  N   . ALA A 1 103 ? -8.757  4.856   3.875   1.000 32.060  0 247  ALA AAA N   1 ? 
ATOM   817  C  CA  . ALA A 1 103 ? -7.683  3.910   3.603   1.000 31.899  0 247  ALA AAA CA  1 ? 
ATOM   818  C  C   . ALA A 1 103 ? -6.562  4.036   4.637   1.000 30.381  0 247  ALA AAA C   1 ? 
ATOM   819  O  O   . ALA A 1 103 ? -6.100  3.036   5.146   1.000 28.884  0 247  ALA AAA O   1 ? 
ATOM   820  C  CB  . ALA A 1 103 ? -7.149  4.125   2.209   1.000 31.262  0 247  ALA AAA CB  1 ? 
ATOM   821  N  N   . MET A 1 104 ? -6.119  5.272   4.900   1.000 30.901  0 248  MET AAA N   1 ? 
ATOM   822  C  CA  . MET A 1 104 ? -5.015  5.564   5.793   1.000 30.438  0 248  MET AAA CA  1 ? 
ATOM   823  C  C   . MET A 1 104 ? -5.378  5.063   7.192   1.000 34.498  0 248  MET AAA C   1 ? 
ATOM   824  O  O   . MET A 1 104 ? -4.557  4.404   7.823   1.000 33.176  0 248  MET AAA O   1 ? 
ATOM   825  C  CB  . MET A 1 104 ? -4.722  7.069   5.822   1.000 31.265  0 248  MET AAA CB  1 ? 
ATOM   826  C  CG  . MET A 1 104 ? -3.585  7.473   6.746   1.000 35.299  0 248  MET AAA CG  1 ? 
ATOM   827  S  SD  . MET A 1 104 ? -2.009  6.825   6.035   1.000 44.408  0 248  MET AAA SD  1 ? 
ATOM   828  C  CE  . MET A 1 104 ? -1.967  7.839   4.554   1.000 38.751  0 248  MET AAA CE  1 ? 
ATOM   829  N  N   . CYS A 1 105 ? -6.635  5.264   7.620   1.000 29.476  0 249  CYS AAA N   1 ? 
ATOM   830  C  CA  . CYS A 1 105 ? -7.023  4.797   8.943   1.000 33.359  0 249  CYS AAA CA  1 ? 
ATOM   831  C  C   . CYS A 1 105 ? -7.056  3.271   9.069   1.000 33.628  0 249  CYS AAA C   1 ? 
ATOM   832  O  O   . CYS A 1 105 ? -6.503  2.716   10.022  1.000 37.274  0 249  CYS AAA O   1 ? 
ATOM   833  C  CB  . CYS A 1 105 ? -8.242  5.565   9.434   1.000 33.097  0 249  CYS AAA CB  1 ? 
ATOM   834  S  SG  . CYS A 1 105 ? -7.867  7.352   9.581   1.000 44.624  0 249  CYS AAA SG  1 ? 
ATOM   835  N  N   . GLU A 1 106 ? -7.564  2.573   8.053   1.000 34.764  0 250  GLU AAA N   1 ? 
ATOM   836  C  CA  . GLU A 1 106 ? -7.564  1.112   8.049   1.000 37.134  0 250  GLU AAA CA  1 ? 
ATOM   837  C  C   . GLU A 1 106 ? -6.145  0.572   7.971   1.000 36.539  0 250  GLU AAA C   1 ? 
ATOM   838  O  O   . GLU A 1 106 ? -5.782  -0.392  8.654   1.000 35.379  0 250  GLU AAA O   1 ? 
ATOM   839  C  CB  . GLU A 1 106 ? -8.368  0.554   6.874   1.000 37.640  0 250  GLU AAA CB  1 ? 
ATOM   840  C  CG  . GLU A 1 106 ? -9.825  0.936   6.953   1.000 47.078  0 250  GLU AAA CG  1 ? 
ATOM   841  C  CD  . GLU A 1 106 ? -10.429 0.609   8.315   1.000 63.669  0 250  GLU AAA CD  1 ? 
ATOM   842  O  OE1 . GLU A 1 106 ? -10.403 -0.569  8.674   1.000 61.241  0 250  GLU AAA OE1 1 ? 
ATOM   843  O  OE2 . GLU A 1 106 ? -10.874 1.547   9.047   1.000 87.654  0 250  GLU AAA OE2 1 ? 
ATOM   844  N  N   . VAL A 1 107 ? -5.328  1.205   7.126   1.000 34.518  0 251  VAL AAA N   1 ? 
ATOM   845  C  CA  . VAL A 1 107 ? -3.981  0.696   7.000   1.000 29.731  0 251  VAL AAA CA  1 ? 
ATOM   846  C  C   . VAL A 1 107 ? -3.224  0.861   8.321   1.000 32.142  0 251  VAL AAA C   1 ? 
ATOM   847  O  O   . VAL A 1 107 ? -2.399  0.015   8.679   1.000 34.062  0 251  VAL AAA O   1 ? 
ATOM   848  C  CB  . VAL A 1 107 ? -3.230  1.324   5.817   1.000 31.677  0 251  VAL AAA CB  1 ? 
ATOM   849  C  CG1 . VAL A 1 107 ? -1.708  1.139   5.978   1.000 28.838  0 251  VAL AAA CG1 1 ? 
ATOM   850  C  CG2 . VAL A 1 107 ? -3.756  0.716   4.519   1.000 32.242  0 251  VAL AAA CG2 1 ? 
ATOM   851  N  N   . LYS A 1 108 ? -3.495  1.947   9.044   1.000 31.443  0 252  LYS AAA N   1 ? 
ATOM   852  C  CA  . LYS A 1 108 ? -2.799  2.217   10.286  1.000 33.175  0 252  LYS AAA CA  1 ? 
ATOM   853  C  C   . LYS A 1 108 ? -3.084  1.132   11.328  1.000 35.638  0 252  LYS AAA C   1 ? 
ATOM   854  O  O   . LYS A 1 108 ? -2.205  0.739   12.071  1.000 32.322  0 252  LYS AAA O   1 ? 
ATOM   855  C  CB  . LYS A 1 108 ? -3.171  3.615   10.747  1.000 35.850  0 252  LYS AAA CB  1 ? 
ATOM   856  C  CG  . LYS A 1 108 ? -2.420  4.059   11.978  1.000 42.655  0 252  LYS AAA CG  1 ? 
ATOM   857  C  CD  . LYS A 1 108 ? -3.334  4.488   13.057  1.000 43.880  0 252  LYS AAA CD  1 ? 
ATOM   858  C  CE  . LYS A 1 108 ? -2.540  4.914   14.274  1.000 58.163  0 252  LYS AAA CE  1 ? 
ATOM   859  N  NZ  . LYS A 1 108 ? -3.317  4.698   15.520  1.000 70.595  0 252  LYS AAA NZ  1 ? 
ATOM   860  N  N   . LYS A 1 109 ? -4.290  0.562   11.296  1.000 38.445  0 253  LYS AAA N   1 ? 
ATOM   861  C  CA  . LYS A 1 109 ? -4.627  -0.540  12.179  1.000 37.390  0 253  LYS AAA CA  1 ? 
ATOM   862  C  C   . LYS A 1 109 ? -3.737  -1.748  11.924  1.000 40.073  0 253  LYS AAA C   1 ? 
ATOM   863  O  O   . LYS A 1 109 ? -3.359  -2.475  12.858  1.000 34.619  0 253  LYS AAA O   1 ? 
ATOM   864  C  CB  . LYS A 1 109 ? -6.085  -0.956  11.995  1.000 37.515  0 253  LYS AAA CB  1 ? 
ATOM   865  C  CG  . LYS A 1 109 ? -7.068  0.096   12.466  1.000 38.431  0 253  LYS AAA CG  1 ? 
ATOM   866  C  CD  . LYS A 1 109 ? -8.492  -0.407  12.287  1.000 47.701  0 253  LYS AAA CD  1 ? 
ATOM   867  C  CE  . LYS A 1 109 ? -9.501  0.627   12.739  1.000 54.494  0 253  LYS AAA CE  1 ? 
ATOM   868  N  NZ  . LYS A 1 109 ? -10.736 0.547   11.926  1.000 70.861  0 253  LYS AAA NZ  1 ? 
ATOM   869  N  N   . PHE A 1 110 ? -3.422  -1.983  10.653  1.000 34.470  0 254  PHE AAA N   1 ? 
ATOM   870  C  CA  . PHE A 1 110 ? -2.597  -3.133  10.361  1.000 31.622  0 254  PHE AAA CA  1 ? 
ATOM   871  C  C   . PHE A 1 110 ? -1.156  -2.833  10.727  1.000 33.317  0 254  PHE AAA C   1 ? 
ATOM   872  O  O   . PHE A 1 110 ? -0.417  -3.737  11.068  1.000 34.900  0 254  PHE AAA O   1 ? 
ATOM   873  C  CB  . PHE A 1 110 ? -2.540  -3.409  8.870   1.000 34.187  0 254  PHE AAA CB  1 ? 
ATOM   874  C  CG  . PHE A 1 110 ? -3.682  -4.253  8.423   1.000 32.925  0 254  PHE AAA CG  1 ? 
ATOM   875  C  CD1 . PHE A 1 110 ? -3.553  -5.635  8.392   1.000 35.344  0 254  PHE AAA CD1 1 ? 
ATOM   876  C  CD2 . PHE A 1 110 ? -4.883  -3.659  8.059   1.000 35.854  0 254  PHE AAA CD2 1 ? 
ATOM   877  C  CE1 . PHE A 1 110 ? -4.617  -6.419  7.956   1.000 41.622  0 254  PHE AAA CE1 1 ? 
ATOM   878  C  CE2 . PHE A 1 110 ? -5.944  -4.453  7.639   1.000 38.558  0 254  PHE AAA CE2 1 ? 
ATOM   879  C  CZ  . PHE A 1 110 ? -5.806  -5.831  7.578   1.000 36.518  0 254  PHE AAA CZ  1 ? 
ATOM   880  N  N   . LEU A 1 111 ? -0.756  -1.570  10.689  1.000 30.147  0 255  LEU AAA N   1 ? 
ATOM   881  C  CA  . LEU A 1 111 ? 0.669   -1.312  10.809  1.000 31.270  0 255  LEU AAA CA  1 ? 
ATOM   882  C  C   . LEU A 1 111 ? 1.039   -0.980  12.251  1.000 33.526  0 255  LEU AAA C   1 ? 
ATOM   883  O  O   . LEU A 1 111 ? 2.214   -0.882  12.584  1.000 30.474  0 255  LEU AAA O   1 ? 
ATOM   884  C  CB  . LEU A 1 111 ? 1.058   -0.173  9.856   1.000 29.254  0 255  LEU AAA CB  1 ? 
ATOM   885  C  CG  . LEU A 1 111 ? 0.976   -0.512  8.374   1.000 33.545  0 255  LEU AAA CG  1 ? 
ATOM   886  C  CD1 . LEU A 1 111 ? 1.575   0.638   7.563   1.000 31.505  0 255  LEU AAA CD1 1 ? 
ATOM   887  C  CD2 . LEU A 1 111 ? 1.758   -1.788  8.106   1.000 34.432  0 255  LEU AAA CD2 1 ? 
ATOM   888  N  N   . VAL A 1 112 ? 0.036   -0.771  13.099  1.000 32.816  0 256  VAL AAA N   1 ? 
ATOM   889  C  CA  . VAL A 1 112 ? 0.326   -0.572  14.511  1.000 36.553  0 256  VAL AAA CA  1 ? 
ATOM   890  C  C   . VAL A 1 112 ? -0.480  -1.640  15.245  1.000 34.742  0 256  VAL AAA C   1 ? 
ATOM   891  O  O   . VAL A 1 112 ? -1.536  -1.392  15.810  1.000 31.347  0 256  VAL AAA O   1 ? 
ATOM   892  C  CB  . VAL A 1 112 ? -0.012  0.852   15.016  1.000 36.393  0 256  VAL AAA CB  1 ? 
ATOM   893  C  CG1 . VAL A 1 112 ? 0.449   1.036   16.447  1.000 36.121  0 256  VAL AAA CG1 1 ? 
ATOM   894  C  CG2 . VAL A 1 112 ? 0.664   1.893   14.166  1.000 30.544  0 256  VAL AAA CG2 1 ? 
ATOM   895  N  N   . PRO A 1 113 ? -0.053  -2.909  15.164  1.000 36.368  0 257  PRO AAA N   1 ? 
ATOM   896  C  CA  . PRO A 1 113 ? -0.976  -3.991  15.476  1.000 34.101  0 257  PRO AAA CA  1 ? 
ATOM   897  C  C   . PRO A 1 113 ? -1.152  -4.124  16.995  1.000 36.526  0 257  PRO AAA C   1 ? 
ATOM   898  O  O   . PRO A 1 113 ? -2.100  -4.739  17.421  1.000 38.862  0 257  PRO AAA O   1 ? 
ATOM   899  C  CB  . PRO A 1 113 ? -0.307  -5.185  14.777  1.000 30.488  0 257  PRO AAA CB  1 ? 
ATOM   900  C  CG  . PRO A 1 113 ? 1.197   -4.863  14.833  1.000 32.714  0 257  PRO AAA CG  1 ? 
ATOM   901  C  CD  . PRO A 1 113 ? 1.285   -3.352  14.719  1.000 32.812  0 257  PRO AAA CD  1 ? 
ATOM   902  N  N   . ASP A 1 114 ? -0.281  -3.537  17.830  1.000 35.759  0 258  ASP AAA N   1 ? 
ATOM   903  C  CA  . ASP A 1 114 ? -0.521  -3.704  19.258  1.000 36.876  0 258  ASP AAA CA  1 ? 
ATOM   904  C  C   . ASP A 1 114 ? -1.277  -2.507  19.814  1.000 41.633  0 258  ASP AAA C   1 ? 
ATOM   905  O  O   . ASP A 1 114 ? -1.301  -2.321  21.019  1.000 45.872  0 258  ASP AAA O   1 ? 
ATOM   906  C  CB  . ASP A 1 114 ? 0.755   -3.965  20.064  1.000 35.701  0 258  ASP AAA CB  1 ? 
ATOM   907  C  CG  . ASP A 1 114 ? 1.803   -2.892  19.840  1.000 39.540  0 258  ASP AAA CG  1 ? 
ATOM   908  O  OD1 . ASP A 1 114 ? 1.489   -1.915  19.105  1.000 40.260  0 258  ASP AAA OD1 1 ? 
ATOM   909  O  OD2 . ASP A 1 114 ? 2.931   -3.057  20.346  1.000 35.359  0 258  ASP AAA OD2 1 ? 
ATOM   910  N  N   . MET A 1 115 ? -1.822  -1.668  18.934  1.000 49.128  0 259  MET AAA N   1 ? 
ATOM   911  C  CA  . MET A 1 115 ? -2.739  -0.613  19.333  1.000 56.142  0 259  MET AAA CA  1 ? 
ATOM   912  C  C   . MET A 1 115 ? -4.169  -1.139  19.182  1.000 61.965  0 259  MET AAA C   1 ? 
ATOM   913  O  O   . MET A 1 115 ? -4.447  -2.178  18.541  1.000 59.055  0 259  MET AAA O   1 ? 
ATOM   914  C  CB  . MET A 1 115 ? -2.591  0.632   18.453  1.000 65.180  0 259  MET AAA CB  1 ? 
ATOM   915  C  CG  . MET A 1 115 ? -1.862  1.772   19.117  1.000 79.437  0 259  MET AAA CG  1 ? 
ATOM   916  S  SD  . MET A 1 115 ? -2.970  2.748   20.162  1.000 119.197 0 259  MET AAA SD  1 ? 
ATOM   917  C  CE  . MET A 1 115 ? -2.218  2.549   21.781  1.000 93.355  0 259  MET AAA CE  1 ? 
ATOM   918  O  OXT . MET A 1 115 ? -5.077  -0.508  19.709  1.000 71.240  0 259  MET AAA OXT 1 ? 
HETATM 919  N  N   . NO3 B 2 .   ? 7.725   -8.421  16.665  0.500 49.731  0 1001 NO3 AAA N   1 ? 
HETATM 920  O  O1  . NO3 B 2 .   ? 6.950   -8.865  15.832  0.500 51.641  0 1001 NO3 AAA O1  1 ? 
HETATM 921  O  O2  . NO3 B 2 .   ? 8.921   -8.706  16.605  0.500 46.902  0 1001 NO3 AAA O2  1 ? 
HETATM 922  O  O3  . NO3 B 2 .   ? 7.302   -7.693  17.558  0.500 49.299  0 1001 NO3 AAA O3  1 ? 
HETATM 923  N  N   . NO3 C 2 .   ? 10.685  0.599   10.623  1.000 81.258  0 1002 NO3 AAA N   1 ? 
HETATM 924  O  O1  . NO3 C 2 .   ? 11.309  -0.118  9.838   1.000 76.251  0 1002 NO3 AAA O1  1 ? 
HETATM 925  O  O2  . NO3 C 2 .   ? 10.307  1.710   10.274  1.000 78.419  0 1002 NO3 AAA O2  1 ? 
HETATM 926  O  O3  . NO3 C 2 .   ? 10.433  0.203   11.758  1.000 88.472  0 1002 NO3 AAA O3  1 ? 
HETATM 927  N  N   . NO3 D 2 .   ? 6.203   2.037   -7.216  1.000 71.937  0 1003 NO3 AAA N   1 ? 
HETATM 928  O  O1  . NO3 D 2 .   ? 6.625   1.075   -7.863  1.000 86.895  0 1003 NO3 AAA O1  1 ? 
HETATM 929  O  O2  . NO3 D 2 .   ? 6.948   2.619   -6.434  1.000 74.088  0 1003 NO3 AAA O2  1 ? 
HETATM 930  O  O3  . NO3 D 2 .   ? 5.038   2.408   -7.353  1.000 72.283  0 1003 NO3 AAA O3  1 ? 
HETATM 931  N  N   . NO3 E 2 .   ? -0.851  -14.620 7.676   1.000 102.215 0 1004 NO3 AAA N   1 ? 
HETATM 932  O  O1  . NO3 E 2 .   ? -0.936  -15.595 6.930   1.000 109.049 0 1004 NO3 AAA O1  1 ? 
HETATM 933  O  O2  . NO3 E 2 .   ? -1.853  -14.181 8.216   1.000 110.078 0 1004 NO3 AAA O2  1 ? 
HETATM 934  O  O3  . NO3 E 2 .   ? 0.236   -14.086 7.888   1.000 107.095 0 1004 NO3 AAA O3  1 ? 
HETATM 935  N  N   . NO3 F 2 .   ? 8.747   -11.902 9.652   1.000 98.326  0 1005 NO3 AAA N   1 ? 
HETATM 936  O  O1  . NO3 F 2 .   ? 8.427   -12.969 10.182  1.000 113.853 0 1005 NO3 AAA O1  1 ? 
HETATM 937  O  O2  . NO3 F 2 .   ? 8.550   -11.731 8.451   1.000 85.977  0 1005 NO3 AAA O2  1 ? 
HETATM 938  O  O3  . NO3 F 2 .   ? 9.266   -11.013 10.323  1.000 89.424  0 1005 NO3 AAA O3  1 ? 
HETATM 939  N  N   . NO3 G 2 .   ? -19.433 20.137  -8.671  1.000 87.604  0 1006 NO3 AAA N   1 ? 
HETATM 940  O  O1  . NO3 G 2 .   ? -19.605 19.476  -9.696  1.000 93.288  0 1006 NO3 AAA O1  1 ? 
HETATM 941  O  O2  . NO3 G 2 .   ? -19.221 21.343  -8.757  1.000 82.998  0 1006 NO3 AAA O2  1 ? 
HETATM 942  O  O3  . NO3 G 2 .   ? -19.472 19.592  -7.563  1.000 78.746  0 1006 NO3 AAA O3  1 ? 
HETATM 943  N  N   . NO3 H 2 .   ? 12.109  -2.985  4.730   1.000 99.072  0 1007 NO3 AAA N   1 ? 
HETATM 944  O  O1  . NO3 H 2 .   ? 12.019  -3.240  3.526   1.000 87.666  0 1007 NO3 AAA O1  1 ? 
HETATM 945  O  O2  . NO3 H 2 .   ? 12.503  -1.884  5.110   1.000 93.228  0 1007 NO3 AAA O2  1 ? 
HETATM 946  O  O3  . NO3 H 2 .   ? 11.801  -3.835  5.557   1.000 113.187 0 1007 NO3 AAA O3  1 ? 
HETATM 947  N  N   . NO3 I 2 .   ? -16.014 16.910  -4.261  1.000 82.884  0 1008 NO3 AAA N   1 ? 
HETATM 948  O  O1  . NO3 I 2 .   ? -16.118 15.787  -3.745  1.000 73.469  0 1008 NO3 AAA O1  1 ? 
HETATM 949  O  O2  . NO3 I 2 .   ? -16.596 17.159  -5.314  1.000 103.142 0 1008 NO3 AAA O2  1 ? 
HETATM 950  O  O3  . NO3 I 2 .   ? -15.339 17.789  -3.726  1.000 78.042  0 1008 NO3 AAA O3  1 ? 
HETATM 951  LI LI  . LI  J 3 .   ? 4.841   -1.890  20.600  1.000 16.812  0 1009 LI  AAA LI  1 ? 
HETATM 952  C  C1  . EDO K 4 .   ? -10.516 22.671  -15.712 1.000 78.871  0 1010 EDO AAA C1  1 ? 
HETATM 953  O  O1  . EDO K 4 .   ? -9.522  21.666  -15.692 1.000 79.372  0 1010 EDO AAA O1  1 ? 
HETATM 954  C  C2  . EDO K 4 .   ? -11.492 22.470  -16.803 1.000 76.114  0 1010 EDO AAA C2  1 ? 
HETATM 955  O  O2  . EDO K 4 .   ? -12.219 21.263  -16.642 1.000 80.367  0 1010 EDO AAA O2  1 ? 
HETATM 956  C  C1  . EDO L 4 .   ? -5.967  5.193   -8.403  1.000 59.708  0 1011 EDO AAA C1  1 ? 
HETATM 957  O  O1  . EDO L 4 .   ? -5.225  6.400   -8.505  1.000 61.821  0 1011 EDO AAA O1  1 ? 
HETATM 958  C  C2  . EDO L 4 .   ? -7.028  5.357   -7.375  1.000 68.537  0 1011 EDO AAA C2  1 ? 
HETATM 959  O  O2  . EDO L 4 .   ? -7.658  4.196   -6.855  1.000 58.368  0 1011 EDO AAA O2  1 ? 
HETATM 960  C  C1  . EDO M 4 .   ? 7.439   -9.364  6.441   1.000 47.332  0 1012 EDO AAA C1  1 ? 
HETATM 961  O  O1  . EDO M 4 .   ? 6.061   -9.151  6.400   1.000 45.233  0 1012 EDO AAA O1  1 ? 
HETATM 962  C  C2  . EDO M 4 .   ? 8.117   -8.252  7.086   1.000 42.735  0 1012 EDO AAA C2  1 ? 
HETATM 963  O  O2  . EDO M 4 .   ? 7.082   -7.618  7.780   1.000 55.842  0 1012 EDO AAA O2  1 ? 
HETATM 964  C  C1  . EDO N 4 .   ? 15.335  -3.902  -10.123 1.000 65.121  0 1013 EDO AAA C1  1 ? 
HETATM 965  O  O1  . EDO N 4 .   ? 16.671  -3.323  -10.141 1.000 57.691  0 1013 EDO AAA O1  1 ? 
HETATM 966  C  C2  . EDO N 4 .   ? 14.652  -4.016  -11.451 1.000 63.773  0 1013 EDO AAA C2  1 ? 
HETATM 967  O  O2  . EDO N 4 .   ? 13.901  -5.181  -11.774 1.000 56.018  0 1013 EDO AAA O2  1 ? 
HETATM 968  C  C1  . EDO O 4 .   ? -14.113 5.184   -5.040  1.000 70.356  0 1014 EDO AAA C1  1 ? 
HETATM 969  O  O1  . EDO O 4 .   ? -13.025 4.325   -5.242  1.000 68.837  0 1014 EDO AAA O1  1 ? 
HETATM 970  C  C2  . EDO O 4 .   ? -15.223 4.542   -4.310  1.000 72.120  0 1014 EDO AAA C2  1 ? 
HETATM 971  O  O2  . EDO O 4 .   ? -16.197 5.530   -4.054  1.000 92.969  0 1014 EDO AAA O2  1 ? 
HETATM 972  C  C1  . PGO P 5 .   ? -6.988  -4.637  12.013  1.000 71.572  0 1015 PGO AAA C1  1 ? 
HETATM 973  C  C2  . PGO P 5 .   ? -6.255  -5.904  11.638  1.000 72.706  0 1015 PGO AAA C2  1 ? 
HETATM 974  C  C3  . PGO P 5 .   ? -7.197  -7.086  11.494  1.000 58.851  0 1015 PGO AAA C3  1 ? 
HETATM 975  O  O1  . PGO P 5 .   ? -8.169  -4.481  11.226  1.000 77.660  0 1015 PGO AAA O1  1 ? 
HETATM 976  O  O2  . PGO P 5 .   ? -5.229  -6.128  12.608  1.000 80.825  0 1015 PGO AAA O2  1 ? 
HETATM 977  C  C1  . PGO Q 5 .   ? -8.634  19.069  -9.821  1.000 64.847  0 1016 PGO AAA C1  1 ? 
HETATM 978  C  C2  . PGO Q 5 .   ? -9.083  20.061  -8.773  1.000 58.363  0 1016 PGO AAA C2  1 ? 
HETATM 979  C  C3  . PGO Q 5 .   ? -10.522 19.811  -8.397  1.000 56.377  0 1016 PGO AAA C3  1 ? 
HETATM 980  O  O1  . PGO Q 5 .   ? -7.392  18.483  -9.454  1.000 60.835  0 1016 PGO AAA O1  1 ? 
HETATM 981  O  O2  . PGO Q 5 .   ? -8.784  21.416  -9.192  1.000 49.487  0 1016 PGO AAA O2  1 ? 
HETATM 982  C  C1  . PGO R 5 .   ? 10.670  7.184   -6.551  1.000 84.232  0 1017 PGO AAA C1  1 ? 
HETATM 983  C  C2  . PGO R 5 .   ? 9.265   6.805   -6.133  1.000 75.753  0 1017 PGO AAA C2  1 ? 
HETATM 984  C  C3  . PGO R 5 .   ? 8.933   7.326   -4.751  1.000 61.727  0 1017 PGO AAA C3  1 ? 
HETATM 985  O  O1  . PGO R 5 .   ? 10.770  7.310   -7.968  1.000 90.665  0 1017 PGO AAA O1  1 ? 
HETATM 986  O  O2  . PGO R 5 .   ? 9.132   5.378   -6.253  1.000 70.552  0 1017 PGO AAA O2  1 ? 
HETATM 987  O  O   . HOH S 6 .   ? -4.468  34.172  -6.784  1.000 49.181  0 1101 HOH AAA O   1 ? 
HETATM 988  O  O   . HOH S 6 .   ? -4.064  -13.525 7.619   1.000 59.995  0 1102 HOH AAA O   1 ? 
HETATM 989  O  O   . HOH S 6 .   ? -1.137  1.146   -4.725  1.000 35.521  0 1103 HOH AAA O   1 ? 
HETATM 990  O  O   . HOH S 6 .   ? 13.461  -10.168 -0.254  1.000 55.329  0 1104 HOH AAA O   1 ? 
HETATM 991  O  O   . HOH S 6 .   ? -2.699  4.373   -9.633  1.000 62.670  0 1105 HOH AAA O   1 ? 
HETATM 992  O  O   . HOH S 6 .   ? -4.995  -11.207 6.954   1.000 37.369  0 1106 HOH AAA O   1 ? 
HETATM 993  O  O   . HOH S 6 .   ? 4.085   9.122   1.002   1.000 47.268  0 1107 HOH AAA O   1 ? 
HETATM 994  O  O   . HOH S 6 .   ? -3.730  8.140   -7.196  1.000 55.519  0 1108 HOH AAA O   1 ? 
HETATM 995  O  O   . HOH S 6 .   ? 7.314   -1.690  19.047  1.000 58.738  0 1109 HOH AAA O   1 ? 
HETATM 996  O  O   . HOH S 6 .   ? 9.697   -0.784  6.008   1.000 28.578  0 1110 HOH AAA O   1 ? 
HETATM 997  O  O   . HOH S 6 .   ? 8.426   -7.396  10.532  1.000 38.616  0 1111 HOH AAA O   1 ? 
HETATM 998  O  O   . HOH S 6 .   ? 16.442  -1.924  -16.745 1.000 41.957  0 1112 HOH AAA O   1 ? 
HETATM 999  O  O   . HOH S 6 .   ? 8.721   -0.793  -9.380  1.000 42.859  0 1113 HOH AAA O   1 ? 
HETATM 1000 O  O   . HOH S 6 .   ? -13.999 4.703   1.870   1.000 52.013  0 1114 HOH AAA O   1 ? 
HETATM 1001 O  O   . HOH S 6 .   ? 5.566   3.593   9.609   1.000 35.065  0 1115 HOH AAA O   1 ? 
HETATM 1002 O  O   . HOH S 6 .   ? -8.483  11.119  -13.501 1.000 46.434  0 1116 HOH AAA O   1 ? 
HETATM 1003 O  O   . HOH S 6 .   ? 13.090  -7.953  -13.962 1.000 38.503  0 1117 HOH AAA O   1 ? 
HETATM 1004 O  O   . HOH S 6 .   ? -1.534  -14.658 4.439   1.000 58.096  0 1118 HOH AAA O   1 ? 
HETATM 1005 O  O   . HOH S 6 .   ? 18.602  -7.925  -6.115  1.000 69.277  0 1119 HOH AAA O   1 ? 
HETATM 1006 O  O   . HOH S 6 .   ? 8.395   -9.809  4.268   1.000 58.214  0 1120 HOH AAA O   1 ? 
HETATM 1007 O  O   . HOH S 6 .   ? -4.207  -2.042  15.585  1.000 42.426  0 1121 HOH AAA O   1 ? 
HETATM 1008 O  O   . HOH S 6 .   ? 14.453  -3.443  15.709  1.000 59.195  0 1122 HOH AAA O   1 ? 
HETATM 1009 O  O   . HOH S 6 .   ? -13.454 8.634   5.277   1.000 56.416  0 1123 HOH AAA O   1 ? 
HETATM 1010 O  O   . HOH S 6 .   ? 10.751  -11.661 0.310   1.000 54.388  0 1124 HOH AAA O   1 ? 
HETATM 1011 O  O   . HOH S 6 .   ? -8.107  -2.087  9.281   1.000 67.778  0 1125 HOH AAA O   1 ? 
HETATM 1012 O  O   . HOH S 6 .   ? 7.812   2.977   10.646  1.000 45.333  0 1126 HOH AAA O   1 ? 
HETATM 1013 O  O   . HOH S 6 .   ? 17.065  -16.143 -7.204  1.000 61.536  0 1127 HOH AAA O   1 ? 
HETATM 1014 O  O   . HOH S 6 .   ? -12.245 6.846   -6.893  1.000 54.299  0 1128 HOH AAA O   1 ? 
HETATM 1015 O  O   . HOH S 6 .   ? 2.863   -7.994  -2.754  1.000 62.221  0 1129 HOH AAA O   1 ? 
HETATM 1016 O  O   . HOH S 6 .   ? 3.303   -15.306 4.591   1.000 57.359  0 1130 HOH AAA O   1 ? 
HETATM 1017 O  O   . HOH S 6 .   ? -2.379  -5.162  -3.849  1.000 53.803  0 1131 HOH AAA O   1 ? 
HETATM 1018 O  O   . HOH S 6 .   ? -9.844  5.727   -5.560  1.000 40.117  0 1132 HOH AAA O   1 ? 
HETATM 1019 O  O   . HOH S 6 .   ? -4.062  15.789  -7.798  1.000 51.851  0 1133 HOH AAA O   1 ? 
HETATM 1020 O  O   . HOH S 6 .   ? -4.999  -6.757  -4.669  1.000 60.407  0 1134 HOH AAA O   1 ? 
HETATM 1021 O  O   . HOH S 6 .   ? 5.184   -0.053  19.239  1.000 66.940  0 1135 HOH AAA O   1 ? 
HETATM 1022 O  O   . HOH S 6 .   ? -0.794  13.019  -2.591  1.000 43.577  0 1136 HOH AAA O   1 ? 
HETATM 1023 O  O   . HOH S 6 .   ? 13.245  5.307   5.514   1.000 59.778  0 1137 HOH AAA O   1 ? 
HETATM 1024 O  O   . HOH S 6 .   ? 0.035   -5.928  -2.943  1.000 36.473  0 1138 HOH AAA O   1 ? 
HETATM 1025 O  O   . HOH S 6 .   ? 5.117   -6.961  -4.493  1.000 65.691  0 1139 HOH AAA O   1 ? 
HETATM 1026 O  O   . HOH S 6 .   ? -1.510  -17.192 0.168   1.000 63.295  0 1140 HOH AAA O   1 ? 
HETATM 1027 O  O   . HOH S 6 .   ? -4.151  1.625   15.442  1.000 58.910  0 1141 HOH AAA O   1 ? 
HETATM 1028 O  O   . HOH S 6 .   ? -10.537 -0.064  -5.046  1.000 55.333  0 1142 HOH AAA O   1 ? 
HETATM 1029 O  O   . HOH S 6 .   ? 4.289   8.152   -6.027  1.000 65.495  0 1143 HOH AAA O   1 ? 
HETATM 1030 O  O   . HOH S 6 .   ? 1.392   0.036   -7.563  1.000 61.819  0 1144 HOH AAA O   1 ? 
HETATM 1031 O  O   . HOH S 6 .   ? -12.277 7.896   8.230   1.000 58.114  0 1145 HOH AAA O   1 ? 
HETATM 1032 O  O   . HOH S 6 .   ? 3.230   -10.784 -16.474 1.000 65.699  0 1146 HOH AAA O   1 ? 
HETATM 1033 O  O   . HOH S 6 .   ? 2.983   7.175   -8.844  1.000 62.065  0 1147 HOH AAA O   1 ? 
HETATM 1034 O  O   . HOH S 6 .   ? 14.358  7.070   3.612   1.000 64.039  0 1148 HOH AAA O   1 ? 
# 
